data_7JKY
# 
_entry.id   7JKY 
# 
_audit_conform.dict_name       mmcif_pdbx.dic 
_audit_conform.dict_version    5.380 
_audit_conform.dict_location   http://mmcif.pdb.org/dictionaries/ascii/mmcif_pdbx.dic 
# 
loop_
_database_2.database_id 
_database_2.database_code 
_database_2.pdbx_database_accession 
_database_2.pdbx_DOI 
PDB   7JKY         pdb_00007jky 10.2210/pdb7jky/pdb 
WWPDB D_1000250982 ?            ?                   
# 
_pdbx_database_status.status_code                     REL 
_pdbx_database_status.status_code_sf                  REL 
_pdbx_database_status.status_code_mr                  ? 
_pdbx_database_status.entry_id                        7JKY 
_pdbx_database_status.recvd_initial_deposition_date   2020-07-29 
_pdbx_database_status.SG_entry                        N 
_pdbx_database_status.deposit_site                    RCSB 
_pdbx_database_status.process_site                    RCSB 
_pdbx_database_status.status_code_cs                  ? 
_pdbx_database_status.status_code_nmr_data            ? 
_pdbx_database_status.methods_development_category    ? 
_pdbx_database_status.pdb_format_compatible           Y 
# 
loop_
_audit_author.name 
_audit_author.pdbx_ordinal 
_audit_author.identifier_ORCID 
'Ratia, K.M.'      1 0000-0002-4834-9207 
'Xiong, R.'        2 0000-0002-6350-9037 
'Li, Y.'           3 0000-0002-4780-6154 
'Shen, Z.'         4 ?                   
'Zhao, J.'         5 ?                   
'Huang, F.'        6 ?                   
'Dubrovyskyii, O.' 7 ?                   
'Thatcher, G.R.'   8 0000-0002-7757-1739 
# 
_citation.abstract                  ? 
_citation.abstract_id_CAS           ? 
_citation.book_id_ISBN              ? 
_citation.book_publisher            ? 
_citation.book_publisher_city       ? 
_citation.book_title                ? 
_citation.coordinate_linkage        ? 
_citation.country                   US 
_citation.database_id_Medline       ? 
_citation.details                   ? 
_citation.id                        primary 
_citation.journal_abbrev            J.Med.Chem. 
_citation.journal_id_ASTM           JMCMAR 
_citation.journal_id_CSD            0151 
_citation.journal_id_ISSN           0022-2623 
_citation.journal_full              ? 
_citation.journal_issue             ? 
_citation.journal_volume            63 
_citation.language                  ? 
_citation.page_first                7186 
_citation.page_last                 7210 
_citation.title                     
;Novel Pyrrolopyridone Bromodomain and Extra-Terminal Motif (BET) Inhibitors Effective in Endocrine-Resistant ER+ Breast Cancer with Acquired Resistance to Fulvestrant and Palbociclib.
;
_citation.year                      2020 
_citation.database_id_CSD           ? 
_citation.pdbx_database_id_DOI      10.1021/acs.jmedchem.0c00456 
_citation.pdbx_database_id_PubMed   32453591 
_citation.unpublished_flag          ? 
# 
loop_
_citation_author.citation_id 
_citation_author.name 
_citation_author.ordinal 
_citation_author.identifier_ORCID 
primary 'Li, Y.'           1  ?                   
primary 'Zhao, J.'         2  ?                   
primary 'Gutgesell, L.M.'  3  0000-0002-7645-9227 
primary 'Shen, Z.'         4  ?                   
primary 'Ratia, K.'        5  ?                   
primary 'Dye, K.'          6  ?                   
primary 'Dubrovskyi, O.'   7  ?                   
primary 'Zhao, H.'         8  ?                   
primary 'Huang, F.'        9  ?                   
primary 'Tonetti, D.A.'    10 ?                   
primary 'Thatcher, G.R.J.' 11 0000-0002-7757-1739 
primary 'Xiong, R.'        12 0000-0002-6350-9037 
# 
_cell.angle_alpha                  90.000 
_cell.angle_alpha_esd              ? 
_cell.angle_beta                   90.000 
_cell.angle_beta_esd               ? 
_cell.angle_gamma                  90.000 
_cell.angle_gamma_esd              ? 
_cell.entry_id                     7JKY 
_cell.details                      ? 
_cell.formula_units_Z              ? 
_cell.length_a                     38.196 
_cell.length_a_esd                 ? 
_cell.length_b                     42.303 
_cell.length_b_esd                 ? 
_cell.length_c                     91.235 
_cell.length_c_esd                 ? 
_cell.volume                       ? 
_cell.volume_esd                   ? 
_cell.Z_PDB                        4 
_cell.reciprocal_angle_alpha       ? 
_cell.reciprocal_angle_beta        ? 
_cell.reciprocal_angle_gamma       ? 
_cell.reciprocal_angle_alpha_esd   ? 
_cell.reciprocal_angle_beta_esd    ? 
_cell.reciprocal_angle_gamma_esd   ? 
_cell.reciprocal_length_a          ? 
_cell.reciprocal_length_b          ? 
_cell.reciprocal_length_c          ? 
_cell.reciprocal_length_a_esd      ? 
_cell.reciprocal_length_b_esd      ? 
_cell.reciprocal_length_c_esd      ? 
_cell.pdbx_unique_axis             ? 
# 
_symmetry.entry_id                         7JKY 
_symmetry.cell_setting                     ? 
_symmetry.Int_Tables_number                19 
_symmetry.space_group_name_Hall            ? 
_symmetry.space_group_name_H-M             'P 21 21 21' 
_symmetry.pdbx_full_space_group_name_H-M   ? 
# 
loop_
_entity.id 
_entity.type 
_entity.src_method 
_entity.pdbx_description 
_entity.formula_weight 
_entity.pdbx_number_of_molecules 
_entity.pdbx_ec 
_entity.pdbx_mutation 
_entity.pdbx_fragment 
_entity.details 
1 polymer     man 'Bromodomain-containing protein 4' 15123.376 1   ? ? ? ? 
2 non-polymer syn 
;N-(1-[1,1-di(pyridin-2-yl)ethyl]-6-{1-methyl-6-oxo-5-[(piperidin-4-yl)amino]-1,6-dihydropyridin-3-yl}-1H-indol-4-yl)ethanesulfonamide
;
611.757   1   ? ? ? ? 
3 non-polymer syn 'SODIUM ION' 22.990    1   ? ? ? ? 
4 water       nat water 18.015    170 ? ? ? ? 
# 
_entity_name_com.entity_id   1 
_entity_name_com.name        'Protein HUNK1' 
# 
_entity_poly.entity_id                      1 
_entity_poly.type                           'polypeptide(L)' 
_entity_poly.nstd_linkage                   no 
_entity_poly.nstd_monomer                   no 
_entity_poly.pdbx_seq_one_letter_code       
;LENPPPPETSNPNKPKRQTNQLQYLLRVVLKTLWKHQFAWPFQQPVDAVKLNLPDYYKIIKTPMDMGTIKKRLENNYYWN
AQECIQDFNTMFTNCYIYNKPGDDIVLMAEALEKLFLQKINELPTEE
;
_entity_poly.pdbx_seq_one_letter_code_can   
;LENPPPPETSNPNKPKRQTNQLQYLLRVVLKTLWKHQFAWPFQQPVDAVKLNLPDYYKIIKTPMDMGTIKKRLENNYYWN
AQECIQDFNTMFTNCYIYNKPGDDIVLMAEALEKLFLQKINELPTEE
;
_entity_poly.pdbx_strand_id                 A 
_entity_poly.pdbx_target_identifier         ? 
# 
loop_
_entity_poly_seq.entity_id 
_entity_poly_seq.num 
_entity_poly_seq.mon_id 
_entity_poly_seq.hetero 
1 1   LEU n 
1 2   GLU n 
1 3   ASN n 
1 4   PRO n 
1 5   PRO n 
1 6   PRO n 
1 7   PRO n 
1 8   GLU n 
1 9   THR n 
1 10  SER n 
1 11  ASN n 
1 12  PRO n 
1 13  ASN n 
1 14  LYS n 
1 15  PRO n 
1 16  LYS n 
1 17  ARG n 
1 18  GLN n 
1 19  THR n 
1 20  ASN n 
1 21  GLN n 
1 22  LEU n 
1 23  GLN n 
1 24  TYR n 
1 25  LEU n 
1 26  LEU n 
1 27  ARG n 
1 28  VAL n 
1 29  VAL n 
1 30  LEU n 
1 31  LYS n 
1 32  THR n 
1 33  LEU n 
1 34  TRP n 
1 35  LYS n 
1 36  HIS n 
1 37  GLN n 
1 38  PHE n 
1 39  ALA n 
1 40  TRP n 
1 41  PRO n 
1 42  PHE n 
1 43  GLN n 
1 44  GLN n 
1 45  PRO n 
1 46  VAL n 
1 47  ASP n 
1 48  ALA n 
1 49  VAL n 
1 50  LYS n 
1 51  LEU n 
1 52  ASN n 
1 53  LEU n 
1 54  PRO n 
1 55  ASP n 
1 56  TYR n 
1 57  TYR n 
1 58  LYS n 
1 59  ILE n 
1 60  ILE n 
1 61  LYS n 
1 62  THR n 
1 63  PRO n 
1 64  MET n 
1 65  ASP n 
1 66  MET n 
1 67  GLY n 
1 68  THR n 
1 69  ILE n 
1 70  LYS n 
1 71  LYS n 
1 72  ARG n 
1 73  LEU n 
1 74  GLU n 
1 75  ASN n 
1 76  ASN n 
1 77  TYR n 
1 78  TYR n 
1 79  TRP n 
1 80  ASN n 
1 81  ALA n 
1 82  GLN n 
1 83  GLU n 
1 84  CYS n 
1 85  ILE n 
1 86  GLN n 
1 87  ASP n 
1 88  PHE n 
1 89  ASN n 
1 90  THR n 
1 91  MET n 
1 92  PHE n 
1 93  THR n 
1 94  ASN n 
1 95  CYS n 
1 96  TYR n 
1 97  ILE n 
1 98  TYR n 
1 99  ASN n 
1 100 LYS n 
1 101 PRO n 
1 102 GLY n 
1 103 ASP n 
1 104 ASP n 
1 105 ILE n 
1 106 VAL n 
1 107 LEU n 
1 108 MET n 
1 109 ALA n 
1 110 GLU n 
1 111 ALA n 
1 112 LEU n 
1 113 GLU n 
1 114 LYS n 
1 115 LEU n 
1 116 PHE n 
1 117 LEU n 
1 118 GLN n 
1 119 LYS n 
1 120 ILE n 
1 121 ASN n 
1 122 GLU n 
1 123 LEU n 
1 124 PRO n 
1 125 THR n 
1 126 GLU n 
1 127 GLU n 
# 
_entity_src_gen.entity_id                          1 
_entity_src_gen.pdbx_src_id                        1 
_entity_src_gen.pdbx_alt_source_flag               sample 
_entity_src_gen.pdbx_seq_type                      'Biological sequence' 
_entity_src_gen.pdbx_beg_seq_num                   1 
_entity_src_gen.pdbx_end_seq_num                   127 
_entity_src_gen.gene_src_common_name               Human 
_entity_src_gen.gene_src_genus                     ? 
_entity_src_gen.pdbx_gene_src_gene                 'BRD4, HUNK1' 
_entity_src_gen.gene_src_species                   ? 
_entity_src_gen.gene_src_strain                    ? 
_entity_src_gen.gene_src_tissue                    ? 
_entity_src_gen.gene_src_tissue_fraction           ? 
_entity_src_gen.gene_src_details                   ? 
_entity_src_gen.pdbx_gene_src_fragment             ? 
_entity_src_gen.pdbx_gene_src_scientific_name      'Homo sapiens' 
_entity_src_gen.pdbx_gene_src_ncbi_taxonomy_id     9606 
_entity_src_gen.pdbx_gene_src_variant              ? 
_entity_src_gen.pdbx_gene_src_cell_line            ? 
_entity_src_gen.pdbx_gene_src_atcc                 ? 
_entity_src_gen.pdbx_gene_src_organ                ? 
_entity_src_gen.pdbx_gene_src_organelle            ? 
_entity_src_gen.pdbx_gene_src_cell                 ? 
_entity_src_gen.pdbx_gene_src_cellular_location    ? 
_entity_src_gen.host_org_common_name               ? 
_entity_src_gen.pdbx_host_org_scientific_name      'Escherichia coli BL21(DE3)' 
_entity_src_gen.pdbx_host_org_ncbi_taxonomy_id     469008 
_entity_src_gen.host_org_genus                     ? 
_entity_src_gen.pdbx_host_org_gene                 ? 
_entity_src_gen.pdbx_host_org_organ                ? 
_entity_src_gen.host_org_species                   ? 
_entity_src_gen.pdbx_host_org_tissue               ? 
_entity_src_gen.pdbx_host_org_tissue_fraction      ? 
_entity_src_gen.pdbx_host_org_strain               ? 
_entity_src_gen.pdbx_host_org_variant              ? 
_entity_src_gen.pdbx_host_org_cell_line            ? 
_entity_src_gen.pdbx_host_org_atcc                 ? 
_entity_src_gen.pdbx_host_org_culture_collection   ? 
_entity_src_gen.pdbx_host_org_cell                 ? 
_entity_src_gen.pdbx_host_org_organelle            ? 
_entity_src_gen.pdbx_host_org_cellular_location    ? 
_entity_src_gen.pdbx_host_org_vector_type          ? 
_entity_src_gen.pdbx_host_org_vector               ? 
_entity_src_gen.host_org_details                   ? 
_entity_src_gen.expression_system_id               ? 
_entity_src_gen.plasmid_name                       ? 
_entity_src_gen.plasmid_details                    ? 
_entity_src_gen.pdbx_description                   ? 
# 
_struct_ref.id                         1 
_struct_ref.db_name                    UNP 
_struct_ref.db_code                    BRD4_HUMAN 
_struct_ref.pdbx_db_accession          O60885 
_struct_ref.pdbx_db_isoform            ? 
_struct_ref.entity_id                  1 
_struct_ref.pdbx_seq_one_letter_code   
;NPPPPETSNPNKPKRQTNQLQYLLRVVLKTLWKHQFAWPFQQPVDAVKLNLPDYYKIIKTPMDMGTIKKRLENNYYWNAQ
ECIQDFNTMFTNCYIYNKPGDDIVLMAEALEKLFLQKINELPTEE
;
_struct_ref.pdbx_align_begin           44 
# 
_struct_ref_seq.align_id                      1 
_struct_ref_seq.ref_id                        1 
_struct_ref_seq.pdbx_PDB_id_code              7JKY 
_struct_ref_seq.pdbx_strand_id                A 
_struct_ref_seq.seq_align_beg                 3 
_struct_ref_seq.pdbx_seq_align_beg_ins_code   ? 
_struct_ref_seq.seq_align_end                 127 
_struct_ref_seq.pdbx_seq_align_end_ins_code   ? 
_struct_ref_seq.pdbx_db_accession             O60885 
_struct_ref_seq.db_align_beg                  44 
_struct_ref_seq.pdbx_db_align_beg_ins_code    ? 
_struct_ref_seq.db_align_end                  168 
_struct_ref_seq.pdbx_db_align_end_ins_code    ? 
_struct_ref_seq.pdbx_auth_seq_align_beg       44 
_struct_ref_seq.pdbx_auth_seq_align_end       168 
# 
loop_
_struct_ref_seq_dif.align_id 
_struct_ref_seq_dif.pdbx_pdb_id_code 
_struct_ref_seq_dif.mon_id 
_struct_ref_seq_dif.pdbx_pdb_strand_id 
_struct_ref_seq_dif.seq_num 
_struct_ref_seq_dif.pdbx_pdb_ins_code 
_struct_ref_seq_dif.pdbx_seq_db_name 
_struct_ref_seq_dif.pdbx_seq_db_accession_code 
_struct_ref_seq_dif.db_mon_id 
_struct_ref_seq_dif.pdbx_seq_db_seq_num 
_struct_ref_seq_dif.details 
_struct_ref_seq_dif.pdbx_auth_seq_num 
_struct_ref_seq_dif.pdbx_ordinal 
1 7JKY LEU A 1 ? UNP O60885 ? ? 'expression tag' 42 1 
1 7JKY GLU A 2 ? UNP O60885 ? ? 'expression tag' 43 2 
# 
loop_
_chem_comp.id 
_chem_comp.type 
_chem_comp.mon_nstd_flag 
_chem_comp.name 
_chem_comp.pdbx_synonyms 
_chem_comp.formula 
_chem_comp.formula_weight 
ALA 'L-peptide linking' y ALANINE ? 'C3 H7 N O2'      89.093  
ARG 'L-peptide linking' y ARGININE ? 'C6 H15 N4 O2 1'  175.209 
ASN 'L-peptide linking' y ASPARAGINE ? 'C4 H8 N2 O3'     132.118 
ASP 'L-peptide linking' y 'ASPARTIC ACID' ? 'C4 H7 N O4'      133.103 
CYS 'L-peptide linking' y CYSTEINE ? 'C3 H7 N O2 S'    121.158 
GLN 'L-peptide linking' y GLUTAMINE ? 'C5 H10 N2 O3'    146.144 
GLU 'L-peptide linking' y 'GLUTAMIC ACID' ? 'C5 H9 N O4'      147.129 
GLY 'peptide linking'   y GLYCINE ? 'C2 H5 N O2'      75.067  
HIS 'L-peptide linking' y HISTIDINE ? 'C6 H10 N3 O2 1'  156.162 
HOH non-polymer         . WATER ? 'H2 O'            18.015  
ILE 'L-peptide linking' y ISOLEUCINE ? 'C6 H13 N O2'     131.173 
LEU 'L-peptide linking' y LEUCINE ? 'C6 H13 N O2'     131.173 
LYS 'L-peptide linking' y LYSINE ? 'C6 H15 N2 O2 1'  147.195 
MET 'L-peptide linking' y METHIONINE ? 'C5 H11 N O2 S'   149.211 
NA  non-polymer         . 'SODIUM ION' ? 'Na 1'            22.990  
PHE 'L-peptide linking' y PHENYLALANINE ? 'C9 H11 N O2'     165.189 
PRO 'L-peptide linking' y PROLINE ? 'C5 H9 N O2'      115.130 
SER 'L-peptide linking' y SERINE ? 'C3 H7 N O3'      105.093 
THR 'L-peptide linking' y THREONINE ? 'C4 H9 N O3'      119.119 
TRP 'L-peptide linking' y TRYPTOPHAN ? 'C11 H12 N2 O2'   204.225 
TYR 'L-peptide linking' y TYROSINE ? 'C9 H11 N O3'     181.189 
VAL 'L-peptide linking' y VALINE ? 'C5 H11 N O2'     117.146 
YF6 non-polymer         . 
;N-(1-[1,1-di(pyridin-2-yl)ethyl]-6-{1-methyl-6-oxo-5-[(piperidin-4-yl)amino]-1,6-dihydropyridin-3-yl}-1H-indol-4-yl)ethanesulfonamide
;
? 'C33 H37 N7 O3 S' 611.757 
# 
_exptl.absorpt_coefficient_mu     ? 
_exptl.absorpt_correction_T_max   ? 
_exptl.absorpt_correction_T_min   ? 
_exptl.absorpt_correction_type    ? 
_exptl.absorpt_process_details    ? 
_exptl.entry_id                   7JKY 
_exptl.crystals_number            1 
_exptl.details                    ? 
_exptl.method                     'X-RAY DIFFRACTION' 
_exptl.method_details             ? 
# 
_exptl_crystal.colour                      ? 
_exptl_crystal.density_diffrn              ? 
_exptl_crystal.density_Matthews            2.44 
_exptl_crystal.density_method              ? 
_exptl_crystal.density_percent_sol         49.53 
_exptl_crystal.description                 ? 
_exptl_crystal.F_000                       ? 
_exptl_crystal.id                          1 
_exptl_crystal.preparation                 ? 
_exptl_crystal.size_max                    ? 
_exptl_crystal.size_mid                    ? 
_exptl_crystal.size_min                    ? 
_exptl_crystal.size_rad                    ? 
_exptl_crystal.colour_lustre               ? 
_exptl_crystal.colour_modifier             ? 
_exptl_crystal.colour_primary              ? 
_exptl_crystal.density_meas                ? 
_exptl_crystal.density_meas_esd            ? 
_exptl_crystal.density_meas_gt             ? 
_exptl_crystal.density_meas_lt             ? 
_exptl_crystal.density_meas_temp           ? 
_exptl_crystal.density_meas_temp_esd       ? 
_exptl_crystal.density_meas_temp_gt        ? 
_exptl_crystal.density_meas_temp_lt        ? 
_exptl_crystal.pdbx_crystal_image_url      ? 
_exptl_crystal.pdbx_crystal_image_format   ? 
_exptl_crystal.pdbx_mosaicity              ? 
_exptl_crystal.pdbx_mosaicity_esd          ? 
# 
_exptl_crystal_grow.apparatus       ? 
_exptl_crystal_grow.atmosphere      ? 
_exptl_crystal_grow.crystal_id      1 
_exptl_crystal_grow.details         ? 
_exptl_crystal_grow.method          'VAPOR DIFFUSION, HANGING DROP' 
_exptl_crystal_grow.method_ref      ? 
_exptl_crystal_grow.pH              8.5 
_exptl_crystal_grow.pressure        ? 
_exptl_crystal_grow.pressure_esd    ? 
_exptl_crystal_grow.seeding         ? 
_exptl_crystal_grow.seeding_ref     ? 
_exptl_crystal_grow.temp            277 
_exptl_crystal_grow.temp_details    ? 
_exptl_crystal_grow.temp_esd        ? 
_exptl_crystal_grow.time            ? 
_exptl_crystal_grow.pdbx_details    '0.2M LiSO4, 0.1M Tris-HCl pH 8.5, 16-20% PEG 4000' 
_exptl_crystal_grow.pdbx_pH_range   ? 
# 
_diffrn.ambient_environment              ? 
_diffrn.ambient_temp                     100 
_diffrn.ambient_temp_details             ? 
_diffrn.ambient_temp_esd                 ? 
_diffrn.crystal_id                       1 
_diffrn.crystal_support                  ? 
_diffrn.crystal_treatment                ? 
_diffrn.details                          ? 
_diffrn.id                               1 
_diffrn.ambient_pressure                 ? 
_diffrn.ambient_pressure_esd             ? 
_diffrn.ambient_pressure_gt              ? 
_diffrn.ambient_pressure_lt              ? 
_diffrn.ambient_temp_gt                  ? 
_diffrn.ambient_temp_lt                  ? 
_diffrn.pdbx_serial_crystal_experiment   N 
# 
_diffrn_detector.details                      ? 
_diffrn_detector.detector                     CCD 
_diffrn_detector.diffrn_id                    1 
_diffrn_detector.type                         'RAYONIX MX-300' 
_diffrn_detector.area_resol_mean              ? 
_diffrn_detector.dtime                        ? 
_diffrn_detector.pdbx_frames_total            ? 
_diffrn_detector.pdbx_collection_time_total   ? 
_diffrn_detector.pdbx_collection_date         2019-10-19 
_diffrn_detector.pdbx_frequency               ? 
# 
_diffrn_radiation.collimation                      ? 
_diffrn_radiation.diffrn_id                        1 
_diffrn_radiation.filter_edge                      ? 
_diffrn_radiation.inhomogeneity                    ? 
_diffrn_radiation.monochromator                    ? 
_diffrn_radiation.polarisn_norm                    ? 
_diffrn_radiation.polarisn_ratio                   ? 
_diffrn_radiation.probe                            ? 
_diffrn_radiation.type                             ? 
_diffrn_radiation.xray_symbol                      ? 
_diffrn_radiation.wavelength_id                    1 
_diffrn_radiation.pdbx_monochromatic_or_laue_m_l   M 
_diffrn_radiation.pdbx_wavelength_list             ? 
_diffrn_radiation.pdbx_wavelength                  ? 
_diffrn_radiation.pdbx_diffrn_protocol             'SINGLE WAVELENGTH' 
_diffrn_radiation.pdbx_analyzer                    ? 
_diffrn_radiation.pdbx_scattering_type             x-ray 
# 
_diffrn_radiation_wavelength.id           1 
_diffrn_radiation_wavelength.wavelength   0.97872 
_diffrn_radiation_wavelength.wt           1.0 
# 
_diffrn_source.current                     ? 
_diffrn_source.details                     ? 
_diffrn_source.diffrn_id                   1 
_diffrn_source.power                       ? 
_diffrn_source.size                        ? 
_diffrn_source.source                      SYNCHROTRON 
_diffrn_source.target                      ? 
_diffrn_source.type                        'APS BEAMLINE 21-ID-F' 
_diffrn_source.voltage                     ? 
_diffrn_source.take-off_angle              ? 
_diffrn_source.pdbx_wavelength_list        0.97872 
_diffrn_source.pdbx_wavelength             ? 
_diffrn_source.pdbx_synchrotron_beamline   21-ID-F 
_diffrn_source.pdbx_synchrotron_site       APS 
# 
_reflns.B_iso_Wilson_estimate            ? 
_reflns.entry_id                         7JKY 
_reflns.data_reduction_details           ? 
_reflns.data_reduction_method            ? 
_reflns.d_resolution_high                1.160 
_reflns.d_resolution_low                 20.740 
_reflns.details                          ? 
_reflns.limit_h_max                      ? 
_reflns.limit_h_min                      ? 
_reflns.limit_k_max                      ? 
_reflns.limit_k_min                      ? 
_reflns.limit_l_max                      ? 
_reflns.limit_l_min                      ? 
_reflns.number_all                       ? 
_reflns.number_obs                       52027 
_reflns.observed_criterion               ? 
_reflns.observed_criterion_F_max         ? 
_reflns.observed_criterion_F_min         ? 
_reflns.observed_criterion_I_max         ? 
_reflns.observed_criterion_I_min         ? 
_reflns.observed_criterion_sigma_F       ? 
_reflns.observed_criterion_sigma_I       ? 
_reflns.percent_possible_obs             99.800 
_reflns.R_free_details                   ? 
_reflns.Rmerge_F_all                     ? 
_reflns.Rmerge_F_obs                     ? 
_reflns.Friedel_coverage                 ? 
_reflns.number_gt                        ? 
_reflns.threshold_expression             ? 
_reflns.pdbx_redundancy                  6.9 
_reflns.pdbx_Rmerge_I_obs                0.045 
_reflns.pdbx_Rmerge_I_all                ? 
_reflns.pdbx_Rsym_value                  ? 
_reflns.pdbx_netI_over_av_sigmaI         18.4 
_reflns.pdbx_netI_over_sigmaI            18.400 
_reflns.pdbx_res_netI_over_av_sigmaI_2   ? 
_reflns.pdbx_res_netI_over_sigmaI_2      ? 
_reflns.pdbx_chi_squared                 1.43 
_reflns.pdbx_scaling_rejects             ? 
_reflns.pdbx_d_res_high_opt              ? 
_reflns.pdbx_d_res_low_opt               ? 
_reflns.pdbx_d_res_opt_method            ? 
_reflns.phase_calculation_details        ? 
_reflns.pdbx_Rrim_I_all                  0.049 
_reflns.pdbx_Rpim_I_all                  ? 
_reflns.pdbx_d_opt                       ? 
_reflns.pdbx_number_measured_all         ? 
_reflns.pdbx_diffrn_id                   1 
_reflns.pdbx_ordinal                     1 
_reflns.pdbx_CC_half                     ? 
_reflns.pdbx_CC_star                     ? 
_reflns.pdbx_R_split                     ? 
# 
_reflns_shell.d_res_high                  1.160 
_reflns_shell.d_res_low                   1.180 
_reflns_shell.meanI_over_sigI_all         ? 
_reflns_shell.meanI_over_sigI_obs         4.2 
_reflns_shell.number_measured_all         ? 
_reflns_shell.number_measured_obs         ? 
_reflns_shell.number_possible             ? 
_reflns_shell.number_unique_all           ? 
_reflns_shell.number_unique_obs           2436 
_reflns_shell.percent_possible_all        96.100 
_reflns_shell.percent_possible_obs        ? 
_reflns_shell.Rmerge_F_all                ? 
_reflns_shell.Rmerge_F_obs                ? 
_reflns_shell.Rmerge_I_all                ? 
_reflns_shell.Rmerge_I_obs                0.323 
_reflns_shell.meanI_over_sigI_gt          ? 
_reflns_shell.meanI_over_uI_all           ? 
_reflns_shell.meanI_over_uI_gt            ? 
_reflns_shell.number_measured_gt          ? 
_reflns_shell.number_unique_gt            ? 
_reflns_shell.percent_possible_gt         ? 
_reflns_shell.Rmerge_F_gt                 ? 
_reflns_shell.Rmerge_I_gt                 ? 
_reflns_shell.pdbx_redundancy             5.4 
_reflns_shell.pdbx_Rsym_value             ? 
_reflns_shell.pdbx_chi_squared            0.80 
_reflns_shell.pdbx_netI_over_sigmaI_all   ? 
_reflns_shell.pdbx_netI_over_sigmaI_obs   ? 
_reflns_shell.pdbx_Rrim_I_all             0.357 
_reflns_shell.pdbx_Rpim_I_all             ? 
_reflns_shell.pdbx_rejects                ? 
_reflns_shell.pdbx_ordinal                1 
_reflns_shell.pdbx_diffrn_id              1 
_reflns_shell.pdbx_CC_half                ? 
_reflns_shell.pdbx_CC_star                ? 
_reflns_shell.pdbx_R_split                ? 
# 
_refine.aniso_B[1][1]                            0.6600 
_refine.aniso_B[1][2]                            0.0000 
_refine.aniso_B[1][3]                            0.0000 
_refine.aniso_B[2][2]                            -0.1600 
_refine.aniso_B[2][3]                            0.0000 
_refine.aniso_B[3][3]                            -0.5100 
_refine.B_iso_max                                45.280 
_refine.B_iso_mean                               10.9110 
_refine.B_iso_min                                5.850 
_refine.correlation_coeff_Fo_to_Fc               0.9690 
_refine.correlation_coeff_Fo_to_Fc_free          0.9640 
_refine.details                                  
'HYDROGENS HAVE BEEN ADDED IN THE RIDING POSITIONS U VALUES      : REFINED INDIVIDUALLY' 
_refine.diff_density_max                         ? 
_refine.diff_density_max_esd                     ? 
_refine.diff_density_min                         ? 
_refine.diff_density_min_esd                     ? 
_refine.diff_density_rms                         ? 
_refine.diff_density_rms_esd                     ? 
_refine.entry_id                                 7JKY 
_refine.pdbx_refine_id                           'X-RAY DIFFRACTION' 
_refine.ls_abs_structure_details                 ? 
_refine.ls_abs_structure_Flack                   ? 
_refine.ls_abs_structure_Flack_esd               ? 
_refine.ls_abs_structure_Rogers                  ? 
_refine.ls_abs_structure_Rogers_esd              ? 
_refine.ls_d_res_high                            1.1600 
_refine.ls_d_res_low                             20.7400 
_refine.ls_extinction_coef                       ? 
_refine.ls_extinction_coef_esd                   ? 
_refine.ls_extinction_expression                 ? 
_refine.ls_extinction_method                     ? 
_refine.ls_goodness_of_fit_all                   ? 
_refine.ls_goodness_of_fit_all_esd               ? 
_refine.ls_goodness_of_fit_obs                   ? 
_refine.ls_goodness_of_fit_obs_esd               ? 
_refine.ls_hydrogen_treatment                    ? 
_refine.ls_matrix_type                           ? 
_refine.ls_number_constraints                    ? 
_refine.ls_number_parameters                     ? 
_refine.ls_number_reflns_all                     ? 
_refine.ls_number_reflns_obs                     49418 
_refine.ls_number_reflns_R_free                  2541 
_refine.ls_number_reflns_R_work                  ? 
_refine.ls_number_restraints                     ? 
_refine.ls_percent_reflns_obs                    99.7600 
_refine.ls_percent_reflns_R_free                 4.9000 
_refine.ls_R_factor_all                          ? 
_refine.ls_R_factor_obs                          0.1622 
_refine.ls_R_factor_R_free                       0.1758 
_refine.ls_R_factor_R_free_error                 ? 
_refine.ls_R_factor_R_free_error_details         ? 
_refine.ls_R_factor_R_work                       0.1615 
_refine.ls_R_Fsqd_factor_obs                     ? 
_refine.ls_R_I_factor_obs                        ? 
_refine.ls_redundancy_reflns_all                 ? 
_refine.ls_redundancy_reflns_obs                 ? 
_refine.ls_restrained_S_all                      ? 
_refine.ls_restrained_S_obs                      ? 
_refine.ls_shift_over_esd_max                    ? 
_refine.ls_shift_over_esd_mean                   ? 
_refine.ls_structure_factor_coef                 ? 
_refine.ls_weighting_details                     ? 
_refine.ls_weighting_scheme                      ? 
_refine.ls_wR_factor_all                         ? 
_refine.ls_wR_factor_obs                         ? 
_refine.ls_wR_factor_R_free                      ? 
_refine.ls_wR_factor_R_work                      ? 
_refine.occupancy_max                            ? 
_refine.occupancy_min                            ? 
_refine.solvent_model_details                    MASK 
_refine.solvent_model_param_bsol                 ? 
_refine.solvent_model_param_ksol                 ? 
_refine.pdbx_R_complete                          ? 
_refine.ls_R_factor_gt                           ? 
_refine.ls_goodness_of_fit_gt                    ? 
_refine.ls_goodness_of_fit_ref                   ? 
_refine.ls_shift_over_su_max                     ? 
_refine.ls_shift_over_su_max_lt                  ? 
_refine.ls_shift_over_su_mean                    ? 
_refine.ls_shift_over_su_mean_lt                 ? 
_refine.pdbx_ls_sigma_I                          ? 
_refine.pdbx_ls_sigma_F                          ? 
_refine.pdbx_ls_sigma_Fsqd                       ? 
_refine.pdbx_data_cutoff_high_absF               ? 
_refine.pdbx_data_cutoff_high_rms_absF           ? 
_refine.pdbx_data_cutoff_low_absF                ? 
_refine.pdbx_isotropic_thermal_model             ? 
_refine.pdbx_ls_cross_valid_method               THROUGHOUT 
_refine.pdbx_method_to_determine_struct          'MOLECULAR REPLACEMENT' 
_refine.pdbx_starting_model                      3MXF 
_refine.pdbx_stereochemistry_target_values       'MAXIMUM LIKELIHOOD' 
_refine.pdbx_R_Free_selection_details            RANDOM 
_refine.pdbx_stereochem_target_val_spec_case     ? 
_refine.pdbx_overall_ESU_R                       0.0340 
_refine.pdbx_overall_ESU_R_Free                  0.0350 
_refine.pdbx_solvent_vdw_probe_radii             1.2000 
_refine.pdbx_solvent_ion_probe_radii             0.8000 
_refine.pdbx_solvent_shrinkage_radii             0.8000 
_refine.pdbx_real_space_R                        ? 
_refine.pdbx_density_correlation                 ? 
_refine.pdbx_pd_number_of_powder_patterns        ? 
_refine.pdbx_pd_number_of_points                 ? 
_refine.pdbx_pd_meas_number_of_points            ? 
_refine.pdbx_pd_proc_ls_prof_R_factor            ? 
_refine.pdbx_pd_proc_ls_prof_wR_factor           ? 
_refine.pdbx_pd_Marquardt_correlation_coeff      ? 
_refine.pdbx_pd_Fsqrd_R_factor                   ? 
_refine.pdbx_pd_ls_matrix_band_width             ? 
_refine.pdbx_overall_phase_error                 ? 
_refine.pdbx_overall_SU_R_free_Cruickshank_DPI   ? 
_refine.pdbx_overall_SU_R_free_Blow_DPI          ? 
_refine.pdbx_overall_SU_R_Blow_DPI               ? 
_refine.pdbx_TLS_residual_ADP_flag               ? 
_refine.pdbx_diffrn_id                           1 
_refine.overall_SU_B                             0.4460 
_refine.overall_SU_ML                            0.0210 
_refine.overall_SU_R_Cruickshank_DPI             ? 
_refine.overall_SU_R_free                        ? 
_refine.overall_FOM_free_R_set                   ? 
_refine.overall_FOM_work_R_set                   ? 
_refine.pdbx_average_fsc_overall                 ? 
_refine.pdbx_average_fsc_work                    ? 
_refine.pdbx_average_fsc_free                    ? 
# 
_refine_hist.pdbx_refine_id                   'X-RAY DIFFRACTION' 
_refine_hist.cycle_id                         final 
_refine_hist.details                          ? 
_refine_hist.d_res_high                       1.1600 
_refine_hist.d_res_low                        20.7400 
_refine_hist.number_atoms_solvent             170 
_refine_hist.number_atoms_total               1324 
_refine_hist.number_reflns_all                ? 
_refine_hist.number_reflns_obs                ? 
_refine_hist.number_reflns_R_free             ? 
_refine_hist.number_reflns_R_work             ? 
_refine_hist.R_factor_all                     ? 
_refine_hist.R_factor_obs                     ? 
_refine_hist.R_factor_R_free                  ? 
_refine_hist.R_factor_R_work                  ? 
_refine_hist.pdbx_number_residues_total       127 
_refine_hist.pdbx_B_iso_mean_ligand           8.76 
_refine_hist.pdbx_B_iso_mean_solvent          19.69 
_refine_hist.pdbx_number_atoms_protein        1065 
_refine_hist.pdbx_number_atoms_nucleic_acid   0 
_refine_hist.pdbx_number_atoms_ligand         89 
_refine_hist.pdbx_number_atoms_lipid          ? 
_refine_hist.pdbx_number_atoms_carb           ? 
_refine_hist.pdbx_pseudo_atom_details         ? 
# 
loop_
_refine_ls_restr.pdbx_refine_id 
_refine_ls_restr.criterion 
_refine_ls_restr.dev_ideal 
_refine_ls_restr.dev_ideal_target 
_refine_ls_restr.number 
_refine_ls_restr.rejects 
_refine_ls_restr.type 
_refine_ls_restr.weight 
_refine_ls_restr.pdbx_restraint_function 
'X-RAY DIFFRACTION' ? 0.017  0.013  1242 ? r_bond_refined_d       ? ? 
'X-RAY DIFFRACTION' ? 0.001  0.017  1126 ? r_bond_other_d         ? ? 
'X-RAY DIFFRACTION' ? 1.959  1.670  1710 ? r_angle_refined_deg    ? ? 
'X-RAY DIFFRACTION' ? 1.471  1.575  2639 ? r_angle_other_deg      ? ? 
'X-RAY DIFFRACTION' ? 5.958  5.000  137  ? r_dihedral_angle_1_deg ? ? 
'X-RAY DIFFRACTION' ? 33.359 25.254 59   ? r_dihedral_angle_2_deg ? ? 
'X-RAY DIFFRACTION' ? 10.946 15.000 207  ? r_dihedral_angle_3_deg ? ? 
'X-RAY DIFFRACTION' ? 22.549 15.000 3    ? r_dihedral_angle_4_deg ? ? 
'X-RAY DIFFRACTION' ? 0.111  0.200  152  ? r_chiral_restr         ? ? 
'X-RAY DIFFRACTION' ? 0.014  0.020  1350 ? r_gen_planes_refined   ? ? 
'X-RAY DIFFRACTION' ? 0.003  0.020  243  ? r_gen_planes_other     ? ? 
# 
_refine_ls_shell.pdbx_refine_id                   'X-RAY DIFFRACTION' 
_refine_ls_shell.d_res_high                       1.1600 
_refine_ls_shell.d_res_low                        1.1900 
_refine_ls_shell.number_reflns_all                3676 
_refine_ls_shell.number_reflns_obs                ? 
_refine_ls_shell.number_reflns_R_free             165 
_refine_ls_shell.number_reflns_R_work             3511 
_refine_ls_shell.percent_reflns_obs               97.0900 
_refine_ls_shell.percent_reflns_R_free            ? 
_refine_ls_shell.R_factor_all                     ? 
_refine_ls_shell.R_factor_obs                     ? 
_refine_ls_shell.R_factor_R_free                  0.2150 
_refine_ls_shell.R_factor_R_free_error            0.0000 
_refine_ls_shell.R_factor_R_work                  0.2260 
_refine_ls_shell.redundancy_reflns_all            ? 
_refine_ls_shell.redundancy_reflns_obs            ? 
_refine_ls_shell.wR_factor_all                    ? 
_refine_ls_shell.wR_factor_obs                    ? 
_refine_ls_shell.wR_factor_R_free                 ? 
_refine_ls_shell.wR_factor_R_work                 ? 
_refine_ls_shell.pdbx_R_complete                  ? 
_refine_ls_shell.pdbx_total_number_of_bins_used   20 
_refine_ls_shell.pdbx_phase_error                 ? 
_refine_ls_shell.pdbx_fsc_work                    ? 
_refine_ls_shell.pdbx_fsc_free                    ? 
# 
_struct.entry_id                     7JKY 
_struct.title                        'Bromodomain-containing protein 4 (BRD4) bromodomain 1 (BD1) complexed with YF3-126' 
_struct.pdbx_model_details           ? 
_struct.pdbx_formula_weight          ? 
_struct.pdbx_formula_weight_method   ? 
_struct.pdbx_model_type_details      ? 
_struct.pdbx_CASP_flag               N 
# 
_struct_keywords.entry_id        7JKY 
_struct_keywords.text            'Selective BRD4-BD1 inhibitor, TRANSCRIPTION' 
_struct_keywords.pdbx_keywords   TRANSCRIPTION 
# 
loop_
_struct_asym.id 
_struct_asym.pdbx_blank_PDB_chainid_flag 
_struct_asym.pdbx_modified 
_struct_asym.entity_id 
_struct_asym.details 
A N N 1 ? 
B N N 2 ? 
C N N 3 ? 
D N N 4 ? 
# 
loop_
_struct_conf.conf_type_id 
_struct_conf.id 
_struct_conf.pdbx_PDB_helix_id 
_struct_conf.beg_label_comp_id 
_struct_conf.beg_label_asym_id 
_struct_conf.beg_label_seq_id 
_struct_conf.pdbx_beg_PDB_ins_code 
_struct_conf.end_label_comp_id 
_struct_conf.end_label_asym_id 
_struct_conf.end_label_seq_id 
_struct_conf.pdbx_end_PDB_ins_code 
_struct_conf.beg_auth_comp_id 
_struct_conf.beg_auth_asym_id 
_struct_conf.beg_auth_seq_id 
_struct_conf.end_auth_comp_id 
_struct_conf.end_auth_asym_id 
_struct_conf.end_auth_seq_id 
_struct_conf.pdbx_PDB_helix_class 
_struct_conf.details 
_struct_conf.pdbx_PDB_helix_length 
HELX_P HELX_P1 AA1 THR A 19  ? VAL A 28  ? THR A 60  VAL A 69  1 ? 10 
HELX_P HELX_P2 AA2 VAL A 28  ? LYS A 35  ? VAL A 69  LYS A 76  1 ? 8  
HELX_P HELX_P3 AA3 ALA A 39  ? GLN A 43  ? ALA A 80  GLN A 84  5 ? 5  
HELX_P HELX_P4 AA4 ASP A 47  ? ASN A 52  ? ASP A 88  ASN A 93  1 ? 6  
HELX_P HELX_P5 AA5 ASP A 55  ? ILE A 60  ? ASP A 96  ILE A 101 1 ? 6  
HELX_P HELX_P6 AA6 ASP A 65  ? ASN A 75  ? ASP A 106 ASN A 116 1 ? 11 
HELX_P HELX_P7 AA7 ASN A 80  ? ASN A 99  ? ASN A 121 ASN A 140 1 ? 20 
HELX_P HELX_P8 AA8 ASP A 103 ? ASN A 121 ? ASP A 144 ASN A 162 1 ? 19 
# 
_struct_conf_type.id          HELX_P 
_struct_conf_type.criteria    ? 
_struct_conf_type.reference   ? 
# 
loop_
_struct_conn.id 
_struct_conn.conn_type_id 
_struct_conn.pdbx_leaving_atom_flag 
_struct_conn.pdbx_PDB_id 
_struct_conn.ptnr1_label_asym_id 
_struct_conn.ptnr1_label_comp_id 
_struct_conn.ptnr1_label_seq_id 
_struct_conn.ptnr1_label_atom_id 
_struct_conn.pdbx_ptnr1_label_alt_id 
_struct_conn.pdbx_ptnr1_PDB_ins_code 
_struct_conn.pdbx_ptnr1_standard_comp_id 
_struct_conn.ptnr1_symmetry 
_struct_conn.ptnr2_label_asym_id 
_struct_conn.ptnr2_label_comp_id 
_struct_conn.ptnr2_label_seq_id 
_struct_conn.ptnr2_label_atom_id 
_struct_conn.pdbx_ptnr2_label_alt_id 
_struct_conn.pdbx_ptnr2_PDB_ins_code 
_struct_conn.ptnr1_auth_asym_id 
_struct_conn.ptnr1_auth_comp_id 
_struct_conn.ptnr1_auth_seq_id 
_struct_conn.ptnr2_auth_asym_id 
_struct_conn.ptnr2_auth_comp_id 
_struct_conn.ptnr2_auth_seq_id 
_struct_conn.ptnr2_symmetry 
_struct_conn.pdbx_ptnr3_label_atom_id 
_struct_conn.pdbx_ptnr3_label_seq_id 
_struct_conn.pdbx_ptnr3_label_comp_id 
_struct_conn.pdbx_ptnr3_label_asym_id 
_struct_conn.pdbx_ptnr3_label_alt_id 
_struct_conn.pdbx_ptnr3_PDB_ins_code 
_struct_conn.details 
_struct_conn.pdbx_dist_value 
_struct_conn.pdbx_value_order 
_struct_conn.pdbx_role 
metalc1 metalc ? ? A GLU 2 OE1 ? ? ? 1_555 C NA  . NA ? ? A GLU 43  A NA  202 3_555 ? ? ? ? ? ? ? 2.718 ? ? 
metalc2 metalc ? ? A ASN 3 O   ? ? ? 1_555 C NA  . NA ? ? A ASN 44  A NA  202 3_555 ? ? ? ? ? ? ? 2.819 ? ? 
metalc3 metalc ? ? C NA  . NA  ? ? ? 1_555 D HOH . O  ? ? A NA  202 A HOH 455 3_545 ? ? ? ? ? ? ? 2.536 ? ? 
# 
_struct_conn_type.id          metalc 
_struct_conn_type.criteria    ? 
_struct_conn_type.reference   ? 
# 
_atom_sites.entry_id                    7JKY 
_atom_sites.Cartn_transf_matrix[1][1]   ? 
_atom_sites.Cartn_transf_matrix[1][2]   ? 
_atom_sites.Cartn_transf_matrix[1][3]   ? 
_atom_sites.Cartn_transf_matrix[2][1]   ? 
_atom_sites.Cartn_transf_matrix[2][2]   ? 
_atom_sites.Cartn_transf_matrix[2][3]   ? 
_atom_sites.Cartn_transf_matrix[3][1]   ? 
_atom_sites.Cartn_transf_matrix[3][2]   ? 
_atom_sites.Cartn_transf_matrix[3][3]   ? 
_atom_sites.Cartn_transf_vector[1]      ? 
_atom_sites.Cartn_transf_vector[2]      ? 
_atom_sites.Cartn_transf_vector[3]      ? 
_atom_sites.fract_transf_matrix[1][1]   -0.02542577 
_atom_sites.fract_transf_matrix[1][2]   0.00389377 
_atom_sites.fract_transf_matrix[1][3]   -0.00487989 
_atom_sites.fract_transf_matrix[2][1]   0.00557821 
_atom_sites.fract_transf_matrix[2][2]   0.01682735 
_atom_sites.fract_transf_matrix[2][3]   -0.01563733 
_atom_sites.fract_transf_matrix[3][1]   0.00037595 
_atom_sites.fract_transf_matrix[3][2]   -0.00752371 
_atom_sites.fract_transf_matrix[3][3]   -0.00796216 
_atom_sites.fract_transf_vector[1]      0.210297 
_atom_sites.fract_transf_vector[2]      0.132517 
_atom_sites.fract_transf_vector[3]      0.148923 
_atom_sites.solution_primary            ? 
_atom_sites.solution_secondary          ? 
_atom_sites.solution_hydrogens          ? 
_atom_sites.special_details             ? 
# 
loop_
_atom_type.symbol 
C  
N  
NA 
O  
S  
# 
loop_
_atom_site.group_PDB 
_atom_site.id 
_atom_site.type_symbol 
_atom_site.label_atom_id 
_atom_site.label_alt_id 
_atom_site.label_comp_id 
_atom_site.label_asym_id 
_atom_site.label_entity_id 
_atom_site.label_seq_id 
_atom_site.pdbx_PDB_ins_code 
_atom_site.Cartn_x 
_atom_site.Cartn_y 
_atom_site.Cartn_z 
_atom_site.occupancy 
_atom_site.B_iso_or_equiv 
_atom_site.pdbx_formal_charge 
_atom_site.auth_seq_id 
_atom_site.auth_comp_id 
_atom_site.auth_asym_id 
_atom_site.auth_atom_id 
_atom_site.pdbx_PDB_model_num 
ATOM   1    N  N   A LEU A 1 1   ? 9.790   19.625  -10.616 0.50 13.80 ? 42  LEU A N   1 
ATOM   2    N  N   B LEU A 1 1   ? 9.485   19.921  -10.986 0.50 12.09 ? 42  LEU A N   1 
ATOM   3    C  CA  A LEU A 1 1   ? 10.044  18.179  -10.601 0.50 13.27 ? 42  LEU A CA  1 
ATOM   4    C  CA  B LEU A 1 1   ? 9.822   18.475  -10.854 0.50 11.92 ? 42  LEU A CA  1 
ATOM   5    C  C   A LEU A 1 1   ? 8.794   17.438  -11.109 0.50 12.57 ? 42  LEU A C   1 
ATOM   6    C  C   B LEU A 1 1   ? 8.660   17.592  -11.312 0.50 11.64 ? 42  LEU A C   1 
ATOM   7    O  O   A LEU A 1 1   ? 7.684   17.713  -10.653 0.50 13.50 ? 42  LEU A O   1 
ATOM   8    O  O   B LEU A 1 1   ? 7.482   17.910  -10.960 0.50 12.15 ? 42  LEU A O   1 
ATOM   9    C  CB  A LEU A 1 1   ? 10.410  17.741  -9.175  0.50 13.60 ? 42  LEU A CB  1 
ATOM   10   C  CB  B LEU A 1 1   ? 10.141  18.132  -9.406  0.50 12.80 ? 42  LEU A CB  1 
ATOM   11   C  CG  A LEU A 1 1   ? 11.234  16.466  -9.014  0.50 14.46 ? 42  LEU A CG  1 
ATOM   12   C  CG  B LEU A 1 1   ? 11.422  18.735  -8.851  0.50 13.58 ? 42  LEU A CG  1 
ATOM   13   C  CD1 A LEU A 1 1   ? 12.646  16.662  -9.537  0.50 14.61 ? 42  LEU A CD1 1 
ATOM   14   C  CD1 B LEU A 1 1   ? 11.613  18.262  -7.415  0.50 13.73 ? 42  LEU A CD1 1 
ATOM   15   C  CD2 A LEU A 1 1   ? 11.312  16.037  -7.555  0.50 14.51 ? 42  LEU A CD2 1 
ATOM   16   C  CD2 B LEU A 1 1   ? 12.618  18.355  -9.700  0.50 15.91 ? 42  LEU A CD2 1 
ATOM   17   N  N   . GLU A 1 2   ? 8.996   16.528  -12.033 1.00 11.55 ? 43  GLU A N   1 
ATOM   18   C  CA  . GLU A 1 2   ? 8.036   15.489  -12.433 1.00 10.88 ? 43  GLU A CA  1 
ATOM   19   C  C   . GLU A 1 2   ? 7.677   14.590  -11.265 1.00 9.96  ? 43  GLU A C   1 
ATOM   20   O  O   . GLU A 1 2   ? 8.497   14.403  -10.369 1.00 11.18 ? 43  GLU A O   1 
ATOM   21   C  CB  . GLU A 1 2   ? 8.675   14.575  -13.506 1.00 12.87 ? 43  GLU A CB  1 
ATOM   22   C  CG  . GLU A 1 2   ? 8.986   15.231  -14.825 1.00 14.10 ? 43  GLU A CG  1 
ATOM   23   C  CD  . GLU A 1 2   ? 9.547   14.245  -15.845 1.00 14.76 ? 43  GLU A CD  1 
ATOM   24   O  OE1 . GLU A 1 2   ? 9.687   12.967  -15.612 1.00 16.42 ? 43  GLU A OE1 1 
ATOM   25   O  OE2 . GLU A 1 2   ? 9.992   14.719  -16.865 1.00 17.65 ? 43  GLU A OE2 1 
ATOM   26   N  N   . ASN A 1 3   ? 6.519   13.944  -11.341 1.00 8.65  ? 44  ASN A N   1 
ATOM   27   C  CA  . ASN A 1 3   ? 6.286   12.762  -10.492 1.00 8.31  ? 44  ASN A CA  1 
ATOM   28   C  C   . ASN A 1 3   ? 7.160   11.637  -11.006 1.00 8.21  ? 44  ASN A C   1 
ATOM   29   O  O   . ASN A 1 3   ? 7.407   11.521  -12.214 1.00 8.82  ? 44  ASN A O   1 
ATOM   30   C  CB  . ASN A 1 3   ? 4.852   12.276  -10.557 1.00 8.46  ? 44  ASN A CB  1 
ATOM   31   C  CG  . ASN A 1 3   ? 3.861   13.212  -9.893  1.00 9.07  ? 44  ASN A CG  1 
ATOM   32   O  OD1 . ASN A 1 3   ? 4.167   13.796  -8.864  1.00 9.76  ? 44  ASN A OD1 1 
ATOM   33   N  ND2 . ASN A 1 3   ? 2.677   13.311  -10.469 1.00 10.29 ? 44  ASN A ND2 1 
ATOM   34   N  N   . PRO A 1 4   ? 7.586   10.716  -10.136 1.00 8.30  ? 45  PRO A N   1 
ATOM   35   C  CA  . PRO A 1 4   ? 8.160   9.468   -10.613 1.00 8.28  ? 45  PRO A CA  1 
ATOM   36   C  C   . PRO A 1 4   ? 7.083   8.629   -11.240 1.00 8.69  ? 45  PRO A C   1 
ATOM   37   O  O   . PRO A 1 4   ? 5.895   8.749   -10.908 1.00 8.58  ? 45  PRO A O   1 
ATOM   38   C  CB  . PRO A 1 4   ? 8.693   8.782   -9.331  1.00 9.06  ? 45  PRO A CB  1 
ATOM   39   C  CG  . PRO A 1 4   ? 7.745   9.281   -8.255  1.00 9.15  ? 45  PRO A CG  1 
ATOM   40   C  CD  . PRO A 1 4   ? 7.382   10.694  -8.664  1.00 8.55  ? 45  PRO A CD  1 
ATOM   41   N  N   . PRO A 1 5   ? 7.462   7.656   -12.089 1.00 9.27  ? 46  PRO A N   1 
ATOM   42   C  CA  . PRO A 1 5   ? 6.496   6.659   -12.526 1.00 9.61  ? 46  PRO A CA  1 
ATOM   43   C  C   . PRO A 1 5   ? 6.019   5.891   -11.297 1.00 9.30  ? 46  PRO A C   1 
ATOM   44   O  O   . PRO A 1 5   ? 6.757   5.791   -10.308 1.00 9.34  ? 46  PRO A O   1 
ATOM   45   C  CB  . PRO A 1 5   ? 7.298   5.729   -13.455 1.00 11.54 ? 46  PRO A CB  1 
ATOM   46   C  CG  . PRO A 1 5   ? 8.677   5.877   -12.937 1.00 12.23 ? 46  PRO A CG  1 
ATOM   47   C  CD  . PRO A 1 5   ? 8.830   7.317   -12.530 1.00 10.18 ? 46  PRO A CD  1 
ATOM   48   N  N   . PRO A 1 6   ? 4.836   5.312   -11.353 1.00 9.59  ? 47  PRO A N   1 
ATOM   49   C  CA  . PRO A 1 6   ? 4.341   4.530   -10.219 1.00 9.86  ? 47  PRO A CA  1 
ATOM   50   C  C   . PRO A 1 6   ? 5.123   3.243   -10.074 1.00 8.63  ? 47  PRO A C   1 
ATOM   51   O  O   . PRO A 1 6   ? 5.835   2.786   -10.987 1.00 8.69  ? 47  PRO A O   1 
ATOM   52   C  CB  . PRO A 1 6   ? 2.887   4.216   -10.601 1.00 12.22 ? 47  PRO A CB  1 
ATOM   53   C  CG  . PRO A 1 6   ? 2.891   4.245   -12.125 1.00 12.79 ? 47  PRO A CG  1 
ATOM   54   C  CD  . PRO A 1 6   ? 3.922   5.287   -12.512 1.00 11.76 ? 47  PRO A CD  1 
ATOM   55   N  N   . PRO A 1 7   ? 5.044   2.582   -8.924  1.00 8.55  ? 48  PRO A N   1 
ATOM   56   C  CA  . PRO A 1 7   ? 5.762   1.326   -8.766  1.00 8.64  ? 48  PRO A CA  1 
ATOM   57   C  C   . PRO A 1 7   ? 5.288   0.298   -9.780  1.00 8.61  ? 48  PRO A C   1 
ATOM   58   O  O   . PRO A 1 7   ? 4.129   0.288   -10.206 1.00 9.44  ? 48  PRO A O   1 
ATOM   59   C  CB  . PRO A 1 7   ? 5.429   0.880   -7.320  1.00 9.24  ? 48  PRO A CB  1 
ATOM   60   C  CG  . PRO A 1 7   ? 4.930   2.156   -6.629  1.00 9.64  ? 48  PRO A CG  1 
ATOM   61   C  CD  . PRO A 1 7   ? 4.249   2.935   -7.722  1.00 9.71  ? 48  PRO A CD  1 
ATOM   62   N  N   . GLU A 1 8   ? 6.185   -0.601  -10.132 1.00 8.53  ? 49  GLU A N   1 
ATOM   63   C  CA  . GLU A 1 8   ? 5.813   -1.688  -11.049 1.00 8.99  ? 49  GLU A CA  1 
ATOM   64   C  C   . GLU A 1 8   ? 4.695   -2.517  -10.422 1.00 8.25  ? 49  GLU A C   1 
ATOM   65   O  O   . GLU A 1 8   ? 4.718   -2.801  -9.212  1.00 9.78  ? 49  GLU A O   1 
ATOM   66   C  CB  . GLU A 1 8   ? 7.054   -2.512  -11.337 1.00 10.74 ? 49  GLU A CB  1 
ATOM   67   C  CG  . GLU A 1 8   ? 8.084   -1.669  -12.131 1.00 12.63 ? 49  GLU A CG  1 
ATOM   68   C  CD  . GLU A 1 8   ? 9.370   -2.384  -12.509 1.00 14.21 ? 49  GLU A CD  1 
ATOM   69   O  OE1 . GLU A 1 8   ? 9.213   -3.589  -12.899 1.00 15.03 ? 49  GLU A OE1 1 
ATOM   70   O  OE2 . GLU A 1 8   ? 10.515  -1.788  -12.404 1.00 12.77 ? 49  GLU A OE2 1 
ATOM   71   N  N   . THR A 1 9   ? 3.746   -2.975  -11.229 1.00 8.50  ? 50  THR A N   1 
ATOM   72   C  CA  . THR A 1 9   ? 2.585   -3.750  -10.748 1.00 9.05  ? 50  THR A CA  1 
ATOM   73   C  C   . THR A 1 9   ? 2.377   -5.085  -11.450 1.00 9.35  ? 50  THR A C   1 
ATOM   74   O  O   . THR A 1 9   ? 1.602   -5.887  -10.946 1.00 11.03 ? 50  THR A O   1 
ATOM   75   C  CB  . THR A 1 9   ? 1.309   -2.931  -10.814 1.00 10.12 ? 50  THR A CB  1 
ATOM   76   O  OG1 . THR A 1 9   ? 1.174   -2.434  -12.128 1.00 12.02 ? 50  THR A OG1 1 
ATOM   77   C  CG2 . THR A 1 9   ? 1.296   -1.800  -9.831  1.00 9.94  ? 50  THR A CG2 1 
ATOM   78   N  N   A SER A 1 10  ? 3.087   -5.290  -12.545 0.50 9.51  ? 51  SER A N   1 
ATOM   79   N  N   B SER A 1 10  ? 3.071   -5.365  -12.540 0.50 9.02  ? 51  SER A N   1 
ATOM   80   C  CA  A SER A 1 10  ? 3.039   -6.513  -13.364 0.50 10.46 ? 51  SER A CA  1 
ATOM   81   C  CA  B SER A 1 10  ? 2.866   -6.636  -13.278 0.50 9.60  ? 51  SER A CA  1 
ATOM   82   C  C   A SER A 1 10  ? 4.467   -6.857  -13.737 0.50 10.01 ? 51  SER A C   1 
ATOM   83   C  C   B SER A 1 10  ? 4.131   -6.988  -14.061 0.50 10.27 ? 51  SER A C   1 
ATOM   84   O  O   A SER A 1 10  ? 5.270   -5.945  -13.999 0.50 12.07 ? 51  SER A O   1 
ATOM   85   O  O   B SER A 1 10  ? 4.514   -6.182  -14.912 0.50 11.02 ? 51  SER A O   1 
ATOM   86   C  CB  A SER A 1 10  ? 2.176   -6.304  -14.572 0.50 11.97 ? 51  SER A CB  1 
ATOM   87   C  CB  B SER A 1 10  ? 1.627   -6.540  -14.163 0.50 9.88  ? 51  SER A CB  1 
ATOM   88   O  OG  A SER A 1 10  ? 2.864   -5.524  -15.488 0.50 17.24 ? 51  SER A OG  1 
ATOM   89   O  OG  B SER A 1 10  ? 1.448   -7.713  -14.916 0.50 11.15 ? 51  SER A OG  1 
ATOM   90   N  N   . ASN A 1 11  ? 4.758   -8.140  -13.756 1.00 9.60  ? 52  ASN A N   1 
ATOM   91   C  CA  . ASN A 1 11  ? 6.053   -8.563  -14.301 1.00 9.71  ? 52  ASN A CA  1 
ATOM   92   C  C   . ASN A 1 11  ? 5.913   -10.004 -14.718 1.00 9.68  ? 52  ASN A C   1 
ATOM   93   O  O   . ASN A 1 11  ? 5.928   -10.910 -13.869 1.00 9.58  ? 52  ASN A O   1 
ATOM   94   C  CB  . ASN A 1 11  ? 7.128   -8.353  -13.264 1.00 10.44 ? 52  ASN A CB  1 
ATOM   95   C  CG  . ASN A 1 11  ? 8.497   -8.582  -13.844 1.00 11.59 ? 52  ASN A CG  1 
ATOM   96   O  OD1 . ASN A 1 11  ? 8.652   -9.310  -14.829 1.00 12.91 ? 52  ASN A OD1 1 
ATOM   97   N  ND2 . ASN A 1 11  ? 9.511   -7.956  -13.273 1.00 11.80 ? 52  ASN A ND2 1 
ATOM   98   N  N   . PRO A 1 12  ? 5.814   -10.260 -16.024 1.00 10.70 ? 53  PRO A N   1 
ATOM   99   C  CA  . PRO A 1 12  ? 5.715   -11.636 -16.484 1.00 11.62 ? 53  PRO A CA  1 
ATOM   100  C  C   . PRO A 1 12  ? 6.974   -12.479 -16.307 1.00 11.07 ? 53  PRO A C   1 
ATOM   101  O  O   . PRO A 1 12  ? 6.880   -13.705 -16.551 1.00 12.88 ? 53  PRO A O   1 
ATOM   102  C  CB  . PRO A 1 12  ? 5.267   -11.504 -17.944 1.00 14.92 ? 53  PRO A CB  1 
ATOM   103  C  CG  . PRO A 1 12  ? 5.571   -10.133 -18.347 1.00 17.02 ? 53  PRO A CG  1 
ATOM   104  C  CD  . PRO A 1 12  ? 5.749   -9.265  -17.109 1.00 12.55 ? 53  PRO A CD  1 
ATOM   105  N  N   . ASN A 1 13  ? 8.069   -11.893 -15.912 1.00 10.38 ? 54  ASN A N   1 
ATOM   106  C  CA  . ASN A 1 13  ? 9.303   -12.673 -15.638 1.00 10.68 ? 54  ASN A CA  1 
ATOM   107  C  C   . ASN A 1 13  ? 9.277   -13.227 -14.202 1.00 11.10 ? 54  ASN A C   1 
ATOM   108  O  O   . ASN A 1 13  ? 10.292  -13.851 -13.849 1.00 12.38 ? 54  ASN A O   1 
ATOM   109  C  CB  . ASN A 1 13  ? 10.576  -11.845 -15.873 1.00 11.11 ? 54  ASN A CB  1 
ATOM   110  C  CG  . ASN A 1 13  ? 11.746  -12.733 -16.222 1.00 11.08 ? 54  ASN A CG  1 
ATOM   111  O  OD1 . ASN A 1 13  ? 11.596  -13.617 -17.046 1.00 12.40 ? 54  ASN A OD1 1 
ATOM   112  N  ND2 . ASN A 1 13  ? 12.873  -12.510 -15.609 1.00 12.59 ? 54  ASN A ND2 1 
ATOM   113  N  N   . LYS A 1 14  ? 8.260   -12.944 -13.407 1.00 11.17 ? 55  LYS A N   1 
ATOM   114  C  CA  . LYS A 1 14  ? 8.123   -13.461 -12.013 1.00 12.10 ? 55  LYS A CA  1 
ATOM   115  C  C   . LYS A 1 14  ? 7.175   -14.650 -12.010 1.00 11.76 ? 55  LYS A C   1 
ATOM   116  O  O   . LYS A 1 14  ? 6.089   -14.567 -12.608 1.00 12.03 ? 55  LYS A O   1 
ATOM   117  C  CB  . LYS A 1 14  ? 7.596   -12.404 -11.059 1.00 13.93 ? 55  LYS A CB  1 
ATOM   118  C  CG  . LYS A 1 14  ? 8.499   -11.213 -10.838 1.00 15.25 ? 55  LYS A CG  1 
ATOM   119  C  CD  . LYS A 1 14  ? 7.872   -10.317 -9.840  1.00 16.95 ? 55  LYS A CD  1 
ATOM   120  C  CE  . LYS A 1 14  ? 8.822   -9.243  -9.483  1.00 20.19 ? 55  LYS A CE  1 
ATOM   121  N  NZ  . LYS A 1 14  ? 9.826   -9.741  -8.516  1.00 22.20 ? 55  LYS A NZ  1 
ATOM   122  N  N   A PRO A 1 15  ? 7.549   -15.908 -11.535 0.70 12.06 ? 56  PRO A N   1 
ATOM   123  N  N   B PRO A 1 15  ? 7.436   -15.557 -11.079 0.30 9.33  ? 56  PRO A N   1 
ATOM   124  C  CA  A PRO A 1 15  ? 6.545   -16.963 -11.331 0.70 10.45 ? 56  PRO A CA  1 
ATOM   125  C  CA  B PRO A 1 15  ? 6.580   -16.723 -10.929 0.30 8.54  ? 56  PRO A CA  1 
ATOM   126  C  C   A PRO A 1 15  ? 5.354   -16.466 -10.491 0.70 9.60  ? 56  PRO A C   1 
ATOM   127  C  C   B PRO A 1 15  ? 5.219   -16.295 -10.373 0.30 8.39  ? 56  PRO A C   1 
ATOM   128  O  O   A PRO A 1 15  ? 5.532   -15.617 -9.683  0.70 10.35 ? 56  PRO A O   1 
ATOM   129  O  O   B PRO A 1 15  ? 5.070   -15.193 -9.747  0.30 8.16  ? 56  PRO A O   1 
ATOM   130  C  CB  A PRO A 1 15  ? 7.285   -18.073 -10.581 0.70 10.37 ? 56  PRO A CB  1 
ATOM   131  C  CB  B PRO A 1 15  ? 7.470   -17.622 -10.061 0.30 8.33  ? 56  PRO A CB  1 
ATOM   132  C  CG  A PRO A 1 15  ? 8.740   -17.885 -10.894 0.70 12.15 ? 56  PRO A CG  1 
ATOM   133  C  CG  B PRO A 1 15  ? 8.285   -16.658 -9.264  0.30 8.69  ? 56  PRO A CG  1 
ATOM   134  C  CD  A PRO A 1 15  ? 8.886   -16.377 -11.063 0.70 11.18 ? 56  PRO A CD  1 
ATOM   135  C  CD  B PRO A 1 15  ? 8.659   -15.593 -10.267 0.30 8.89  ? 56  PRO A CD  1 
ATOM   136  N  N   . LYS A 1 16  ? 4.200   -17.086 -10.677 1.00 8.32  ? 57  LYS A N   1 
ATOM   137  C  CA  . LYS A 1 16  ? 2.898   -16.669 -10.162 1.00 8.77  ? 57  LYS A CA  1 
ATOM   138  C  C   . LYS A 1 16  ? 2.200   -17.807 -9.442  1.00 7.96  ? 57  LYS A C   1 
ATOM   139  O  O   . LYS A 1 16  ? 2.274   -18.981 -9.928  1.00 8.80  ? 57  LYS A O   1 
ATOM   140  C  CB  . LYS A 1 16  ? 2.015   -16.173 -11.288 1.00 10.33 ? 57  LYS A CB  1 
ATOM   141  C  CG  . LYS A 1 16  ? 2.562   -14.979 -12.047 1.00 14.96 ? 57  LYS A CG  1 
ATOM   142  C  CD  . LYS A 1 16  ? 1.821   -14.740 -13.374 1.00 18.30 ? 57  LYS A CD  1 
ATOM   143  C  CE  . LYS A 1 16  ? 2.370   -13.670 -14.302 1.00 21.67 ? 57  LYS A CE  1 
ATOM   144  N  NZ  . LYS A 1 16  ? 2.149   -12.373 -13.718 1.00 17.98 ? 57  LYS A NZ  1 
ATOM   145  N  N   . ARG A 1 17  ? 1.482   -17.528 -8.380  1.00 7.36  ? 58  ARG A N   1 
ATOM   146  C  CA  . ARG A 1 17  ? 0.684   -18.538 -7.694  1.00 7.42  ? 58  ARG A CA  1 
ATOM   147  C  C   . ARG A 1 17  ? -0.452  -17.855 -6.971  1.00 8.21  ? 58  ARG A C   1 
ATOM   148  O  O   . ARG A 1 17  ? -0.343  -16.662 -6.608  1.00 9.18  ? 58  ARG A O   1 
ATOM   149  C  CB  . ARG A 1 17  ? 1.513   -19.355 -6.696  1.00 7.75  ? 58  ARG A CB  1 
ATOM   150  C  CG  . ARG A 1 17  ? 2.078   -18.596 -5.509  1.00 7.03  ? 58  ARG A CG  1 
ATOM   151  C  CD  . ARG A 1 17  ? 2.750   -19.586 -4.564  1.00 6.94  ? 58  ARG A CD  1 
ATOM   152  N  NE  . ARG A 1 17  ? 3.378   -18.911 -3.442  1.00 7.16  ? 58  ARG A NE  1 
ATOM   153  C  CZ  . ARG A 1 17  ? 4.052   -19.551 -2.493  1.00 6.95  ? 58  ARG A CZ  1 
ATOM   154  N  NH1 . ARG A 1 17  ? 4.142   -20.893 -2.515  1.00 7.53  ? 58  ARG A NH1 1 
ATOM   155  N  NH2 . ARG A 1 17  ? 4.559   -18.899 -1.474  1.00 7.70  ? 58  ARG A NH2 1 
ATOM   156  N  N   . GLN A 1 18  ? -1.484  -18.631 -6.726  1.00 8.57  ? 59  GLN A N   1 
ATOM   157  C  CA  . GLN A 1 18  ? -2.582  -18.265 -5.817  1.00 10.40 ? 59  GLN A CA  1 
ATOM   158  C  C   . GLN A 1 18  ? -2.388  -19.012 -4.520  1.00 9.86  ? 59  GLN A C   1 
ATOM   159  O  O   . GLN A 1 18  ? -2.048  -20.233 -4.577  1.00 11.82 ? 59  GLN A O   1 
ATOM   160  C  CB  . GLN A 1 18  ? -3.904  -18.590 -6.486  1.00 13.28 ? 59  GLN A CB  1 
ATOM   161  C  CG  . GLN A 1 18  ? -4.204  -17.692 -7.676  1.00 15.82 ? 59  GLN A CG  1 
ATOM   162  C  CD  . GLN A 1 18  ? -3.429  -17.947 -8.949  1.00 22.80 ? 59  GLN A CD  1 
ATOM   163  O  OE1 . GLN A 1 18  ? -2.857  -17.031 -9.564  1.00 29.56 ? 59  GLN A OE1 1 
ATOM   164  N  NE2 . GLN A 1 18  ? -3.421  -19.193 -9.383  1.00 22.30 ? 59  GLN A NE2 1 
ATOM   165  N  N   . THR A 1 19  ? -2.575  -18.367 -3.382  1.00 9.18  ? 60  THR A N   1 
ATOM   166  C  CA  . THR A 1 19  ? -2.426  -19.000 -2.060  1.00 8.41  ? 60  THR A CA  1 
ATOM   167  C  C   . THR A 1 19  ? -3.538  -18.525 -1.141  1.00 8.35  ? 60  THR A C   1 
ATOM   168  O  O   . THR A 1 19  ? -4.139  -17.462 -1.388  1.00 8.90  ? 60  THR A O   1 
ATOM   169  C  CB  . THR A 1 19  ? -1.083  -18.748 -1.391  1.00 8.68  ? 60  THR A CB  1 
ATOM   170  O  OG1 . THR A 1 19  ? -1.043  -17.358 -1.006  1.00 8.74  ? 60  THR A OG1 1 
ATOM   171  C  CG2 . THR A 1 19  ? 0.099   -19.117 -2.256  1.00 9.31  ? 60  THR A CG2 1 
ATOM   172  N  N   . ASN A 1 20  ? -3.775  -19.273 -0.103  1.00 8.44  ? 61  ASN A N   1 
ATOM   173  C  CA  . ASN A 1 20  ? -4.767  -18.916 0.908   1.00 9.16  ? 61  ASN A CA  1 
ATOM   174  C  C   . ASN A 1 20  ? -4.501  -17.513 1.403   1.00 8.66  ? 61  ASN A C   1 
ATOM   175  O  O   . ASN A 1 20  ? -5.447  -16.659 1.552   1.00 9.44  ? 61  ASN A O   1 
ATOM   176  C  CB  . ASN A 1 20  ? -4.765  -19.910 2.069   1.00 10.93 ? 61  ASN A CB  1 
ATOM   177  C  CG  . ASN A 1 20  ? -5.063  -21.338 1.687   1.00 13.52 ? 61  ASN A CG  1 
ATOM   178  O  OD1 . ASN A 1 20  ? -5.798  -21.599 0.734   1.00 14.17 ? 61  ASN A OD1 1 
ATOM   179  N  ND2 . ASN A 1 20  ? -4.522  -22.283 2.455   1.00 14.90 ? 61  ASN A ND2 1 
ATOM   180  N  N   . GLN A 1 21  ? -3.280  -17.252 1.811   1.00 8.19  ? 62  GLN A N   1 
ATOM   181  C  CA  . GLN A 1 21  ? -2.973  -15.955 2.393   1.00 8.45  ? 62  GLN A CA  1 
ATOM   182  C  C   . GLN A 1 21  ? -3.024  -14.837 1.360   1.00 7.82  ? 62  GLN A C   1 
ATOM   183  O  O   . GLN A 1 21  ? -3.499  -13.713 1.726   1.00 8.53  ? 62  GLN A O   1 
ATOM   184  C  CB  . GLN A 1 21  ? -1.648  -15.991 3.141   1.00 8.52  ? 62  GLN A CB  1 
ATOM   185  C  CG  . GLN A 1 21  ? -1.709  -16.916 4.340   1.00 9.78  ? 62  GLN A CG  1 
ATOM   186  C  CD  . GLN A 1 21  ? -0.503  -16.863 5.245   1.00 10.86 ? 62  GLN A CD  1 
ATOM   187  O  OE1 . GLN A 1 21  ? 0.506   -16.209 4.930   1.00 14.69 ? 62  GLN A OE1 1 
ATOM   188  N  NE2 . GLN A 1 21  ? -0.559  -17.513 6.404   1.00 12.87 ? 62  GLN A NE2 1 
ATOM   189  N  N   . LEU A 1 22  ? -2.561  -15.016 0.131   1.00 7.99  ? 63  LEU A N   1 
ATOM   190  C  CA  . LEU A 1 22  ? -2.666  -13.941 -0.865  1.00 8.46  ? 63  LEU A CA  1 
ATOM   191  C  C   . LEU A 1 22  ? -4.123  -13.654 -1.168  1.00 8.24  ? 63  LEU A C   1 
ATOM   192  O  O   . LEU A 1 22  ? -4.499  -12.461 -1.354  1.00 8.47  ? 63  LEU A O   1 
ATOM   193  C  CB  . LEU A 1 22  ? -1.920  -14.289 -2.134  1.00 9.19  ? 63  LEU A CB  1 
ATOM   194  C  CG  . LEU A 1 22  ? -0.415  -14.262 -2.032  1.00 10.53 ? 63  LEU A CG  1 
ATOM   195  C  CD1 . LEU A 1 22  ? 0.205   -14.892 -3.249  1.00 11.69 ? 63  LEU A CD1 1 
ATOM   196  C  CD2 . LEU A 1 22  ? 0.093   -12.833 -1.862  1.00 11.15 ? 63  LEU A CD2 1 
ATOM   197  N  N   . GLN A 1 23  ? -4.954  -14.673 -1.258  1.00 8.97  ? 64  GLN A N   1 
ATOM   198  C  CA  . GLN A 1 23  ? -6.374  -14.430 -1.563  1.00 9.79  ? 64  GLN A CA  1 
ATOM   199  C  C   . GLN A 1 23  ? -6.988  -13.629 -0.413  1.00 9.52  ? 64  GLN A C   1 
ATOM   200  O  O   . GLN A 1 23  ? -7.771  -12.664 -0.692  1.00 10.06 ? 64  GLN A O   1 
ATOM   201  C  CB  . GLN A 1 23  ? -7.109  -15.757 -1.708  1.00 11.54 ? 64  GLN A CB  1 
ATOM   202  C  CG  . GLN A 1 23  ? -6.804  -16.537 -2.967  1.00 17.47 ? 64  GLN A CG  1 
ATOM   203  C  CD  . GLN A 1 23  ? -7.729  -17.726 -3.060  1.00 27.44 ? 64  GLN A CD  1 
ATOM   204  O  OE1 . GLN A 1 23  ? -7.544  -18.739 -2.388  1.00 37.85 ? 64  GLN A OE1 1 
ATOM   205  N  NE2 . GLN A 1 23  ? -8.777  -17.573 -3.851  1.00 33.13 ? 64  GLN A NE2 1 
ATOM   206  N  N   . TYR A 1 24  ? -6.664  -13.944 0.828   1.00 8.47  ? 65  TYR A N   1 
ATOM   207  C  CA  . TYR A 1 24  ? -7.152  -13.199 1.989   1.00 8.99  ? 65  TYR A CA  1 
ATOM   208  C  C   . TYR A 1 24  ? -6.653  -11.756 1.953   1.00 8.30  ? 65  TYR A C   1 
ATOM   209  O  O   . TYR A 1 24  ? -7.412  -10.804 2.312   1.00 9.11  ? 65  TYR A O   1 
ATOM   210  C  CB  . TYR A 1 24  ? -6.701  -13.936 3.229   1.00 9.18  ? 65  TYR A CB  1 
ATOM   211  C  CG  . TYR A 1 24  ? -7.060  -13.264 4.523   1.00 9.23  ? 65  TYR A CG  1 
ATOM   212  C  CD1 . TYR A 1 24  ? -8.281  -13.510 5.153   1.00 10.33 ? 65  TYR A CD1 1 
ATOM   213  C  CD2 . TYR A 1 24  ? -6.169  -12.425 5.175   1.00 9.53  ? 65  TYR A CD2 1 
ATOM   214  C  CE1 . TYR A 1 24  ? -8.578  -12.944 6.391   1.00 11.31 ? 65  TYR A CE1 1 
ATOM   215  C  CE2 . TYR A 1 24  ? -6.461  -11.858 6.401   1.00 10.15 ? 65  TYR A CE2 1 
ATOM   216  C  CZ  . TYR A 1 24  ? -7.671  -12.119 7.008   1.00 10.93 ? 65  TYR A CZ  1 
ATOM   217  O  OH  . TYR A 1 24  ? -7.981  -11.558 8.224   1.00 11.97 ? 65  TYR A OH  1 
ATOM   218  N  N   . LEU A 1 25  ? -5.380  -11.542 1.613   1.00 8.08  ? 66  LEU A N   1 
ATOM   219  C  CA  . LEU A 1 25  ? -4.842  -10.180 1.532   1.00 8.37  ? 66  LEU A CA  1 
ATOM   220  C  C   . LEU A 1 25  ? -5.610  -9.328  0.563   1.00 8.21  ? 66  LEU A C   1 
ATOM   221  O  O   . LEU A 1 25  ? -5.778  -8.109  0.830   1.00 10.01 ? 66  LEU A O   1 
ATOM   222  C  CB  . LEU A 1 25  ? -3.350  -10.235 1.186   1.00 8.74  ? 66  LEU A CB  1 
ATOM   223  C  CG  . LEU A 1 25  ? -2.496  -10.606 2.386   1.00 9.88  ? 66  LEU A CG  1 
ATOM   224  C  CD1 . LEU A 1 25  ? -1.140  -11.134 1.928   1.00 11.85 ? 66  LEU A CD1 1 
ATOM   225  C  CD2 . LEU A 1 25  ? -2.269  -9.398  3.281   1.00 12.15 ? 66  LEU A CD2 1 
ATOM   226  N  N   . LEU A 1 26  ? -6.111  -9.846  -0.522  1.00 8.74  ? 67  LEU A N   1 
ATOM   227  C  CA  . LEU A 1 26  ? -6.918  -9.053  -1.475  1.00 9.12  ? 67  LEU A CA  1 
ATOM   228  C  C   . LEU A 1 26  ? -8.371  -8.962  -0.992  1.00 9.63  ? 67  LEU A C   1 
ATOM   229  O  O   . LEU A 1 26  ? -8.932  -7.817  -0.926  1.00 10.88 ? 67  LEU A O   1 
ATOM   230  C  CB  . LEU A 1 26  ? -6.866  -9.655  -2.871  1.00 9.76  ? 67  LEU A CB  1 
ATOM   231  C  CG  . LEU A 1 26  ? -7.659  -8.904  -3.931  1.00 11.14 ? 67  LEU A CG  1 
ATOM   232  C  CD1 . LEU A 1 26  ? -7.223  -7.446  -4.061  1.00 11.81 ? 67  LEU A CD1 1 
ATOM   233  C  CD2 . LEU A 1 26  ? -7.537  -9.614  -5.269  1.00 13.51 ? 67  LEU A CD2 1 
ATOM   234  N  N   . ARG A 1 27  ? -8.986  -10.081 -0.692  1.00 9.69  ? 68  ARG A N   1 
ATOM   235  C  CA  . ARG A 1 27  ? -10.458 -10.158 -0.473  1.00 11.83 ? 68  ARG A CA  1 
ATOM   236  C  C   . ARG A 1 27  ? -10.837 -9.630  0.881   1.00 12.35 ? 68  ARG A C   1 
ATOM   237  O  O   . ARG A 1 27  ? -12.031 -9.181  1.018   1.00 14.79 ? 68  ARG A O   1 
ATOM   238  C  CB  . ARG A 1 27  ? -10.897 -11.620 -0.614  1.00 14.52 ? 68  ARG A CB  1 
ATOM   239  C  CG  . ARG A 1 27  ? -10.746 -12.104 -2.038  1.00 19.69 ? 68  ARG A CG  1 
ATOM   240  C  CD  . ARG A 1 27  ? -11.355 -13.484 -2.213  1.00 28.18 ? 68  ARG A CD  1 
ATOM   241  N  NE  . ARG A 1 27  ? -11.080 -14.067 -3.511  1.00 36.58 ? 68  ARG A NE  1 
ATOM   242  C  CZ  . ARG A 1 27  ? -10.951 -15.372 -3.753  1.00 43.95 ? 68  ARG A CZ  1 
ATOM   243  N  NH1 . ARG A 1 27  ? -11.064 -16.258 -2.773  1.00 45.28 ? 68  ARG A NH1 1 
ATOM   244  N  NH2 . ARG A 1 27  ? -10.689 -15.781 -4.986  1.00 44.11 ? 68  ARG A NH2 1 
ATOM   245  N  N   . VAL A 1 28  ? -10.000 -9.697  1.861   1.00 10.39 ? 69  VAL A N   1 
ATOM   246  C  CA  . VAL A 1 28  ? -10.279 -9.253  3.241   1.00 11.48 ? 69  VAL A CA  1 
ATOM   247  C  C   . VAL A 1 28  ? -9.442  -8.035  3.578   1.00 11.25 ? 69  VAL A C   1 
ATOM   248  O  O   . VAL A 1 28  ? -10.023 -6.986  3.974   1.00 12.43 ? 69  VAL A O   1 
ATOM   249  C  CB  . VAL A 1 28  ? -10.139 -10.374 4.269   1.00 11.60 ? 69  VAL A CB  1 
ATOM   250  C  CG1 . VAL A 1 28  ? -10.370 -9.781  5.647   1.00 12.79 ? 69  VAL A CG1 1 
ATOM   251  C  CG2 . VAL A 1 28  ? -11.095 -11.523 3.957   1.00 12.30 ? 69  VAL A CG2 1 
ATOM   252  N  N   . VAL A 1 29  ? -8.147  -8.099  3.550   1.00 10.57 ? 70  VAL A N   1 
ATOM   253  C  CA  . VAL A 1 29  ? -7.328  -6.992  4.082   1.00 10.77 ? 70  VAL A CA  1 
ATOM   254  C  C   . VAL A 1 29  ? -7.458  -5.775  3.173   1.00 10.31 ? 70  VAL A C   1 
ATOM   255  O  O   . VAL A 1 29  ? -7.864  -4.663  3.672   1.00 11.33 ? 70  VAL A O   1 
ATOM   256  C  CB  . VAL A 1 29  ? -5.856  -7.420  4.260   1.00 10.69 ? 70  VAL A CB  1 
ATOM   257  C  CG1 . VAL A 1 29  ? -5.053  -6.305  4.887   1.00 11.63 ? 70  VAL A CG1 1 
ATOM   258  C  CG2 . VAL A 1 29  ? -5.766  -8.686  5.109   1.00 11.69 ? 70  VAL A CG2 1 
ATOM   259  N  N   . LEU A 1 30  ? -7.077  -5.875  1.925   1.00 9.92  ? 71  LEU A N   1 
ATOM   260  C  CA  . LEU A 1 30  ? -7.131  -4.714  1.045   1.00 11.04 ? 71  LEU A CA  1 
ATOM   261  C  C   . LEU A 1 30  ? -8.578  -4.242  0.964   1.00 11.11 ? 71  LEU A C   1 
ATOM   262  O  O   . LEU A 1 30  ? -8.808  -2.997  1.065   1.00 11.61 ? 71  LEU A O   1 
ATOM   263  C  CB  . LEU A 1 30  ? -6.561  -5.098  -0.309  1.00 11.35 ? 71  LEU A CB  1 
ATOM   264  C  CG  . LEU A 1 30  ? -6.462  -4.002  -1.389  1.00 12.85 ? 71  LEU A CG  1 
ATOM   265  C  CD1 . LEU A 1 30  ? -7.745  -3.594  -2.087  1.00 14.35 ? 71  LEU A CD1 1 
ATOM   266  C  CD2 . LEU A 1 30  ? -5.723  -2.782  -0.947  1.00 13.47 ? 71  LEU A CD2 1 
ATOM   267  N  N   . LYS A 1 31  ? -9.530  -5.127  0.760   1.00 12.24 ? 72  LYS A N   1 
ATOM   268  C  CA  . LYS A 1 31  ? -10.944 -4.705  0.616   1.00 14.85 ? 72  LYS A CA  1 
ATOM   269  C  C   . LYS A 1 31  ? -11.413 -3.929  1.839   1.00 13.63 ? 72  LYS A C   1 
ATOM   270  O  O   . LYS A 1 31  ? -12.083 -2.859  1.679   1.00 15.02 ? 72  LYS A O   1 
ATOM   271  C  CB  . LYS A 1 31  ? -11.795 -5.962  0.412   1.00 18.54 ? 72  LYS A CB  1 
ATOM   272  C  CG  . LYS A 1 31  ? -13.300 -5.719  0.298   1.00 22.33 ? 72  LYS A CG  1 
ATOM   273  C  CD  . LYS A 1 31  ? -14.111 -7.005  0.199   1.00 28.76 ? 72  LYS A CD  1 
ATOM   274  C  CE  . LYS A 1 31  ? -15.603 -6.772  0.208   1.00 33.65 ? 72  LYS A CE  1 
ATOM   275  N  NZ  . LYS A 1 31  ? -16.102 -6.557  -1.173  1.00 37.38 ? 72  LYS A NZ  1 
ATOM   276  N  N   . THR A 1 32  ? -11.078 -4.321  3.031   1.00 12.43 ? 73  THR A N   1 
ATOM   277  C  CA  . THR A 1 32  ? -11.554 -3.666  4.278   1.00 13.17 ? 73  THR A CA  1 
ATOM   278  C  C   . THR A 1 32  ? -10.930 -2.276  4.346   1.00 12.38 ? 73  THR A C   1 
ATOM   279  O  O   . THR A 1 32  ? -11.645 -1.277  4.677   1.00 13.23 ? 73  THR A O   1 
ATOM   280  C  CB  . THR A 1 32  ? -11.137 -4.483  5.510   1.00 14.91 ? 73  THR A CB  1 
ATOM   281  O  OG1 . THR A 1 32  ? -11.846 -5.715  5.500   1.00 17.38 ? 73  THR A OG1 1 
ATOM   282  C  CG2 . THR A 1 32  ? -11.409 -3.799  6.831   1.00 17.04 ? 73  THR A CG2 1 
ATOM   283  N  N   . LEU A 1 33  ? -9.645  -2.133  4.051   1.00 11.16 ? 74  LEU A N   1 
ATOM   284  C  CA  A LEU A 1 33  ? -8.995  -0.801  4.119   0.50 10.22 ? 74  LEU A CA  1 
ATOM   285  C  CA  B LEU A 1 33  ? -9.008  -0.801  4.097   0.50 11.22 ? 74  LEU A CA  1 
ATOM   286  C  C   . LEU A 1 33  ? -9.532  0.057   2.973   1.00 10.50 ? 74  LEU A C   1 
ATOM   287  O  O   . LEU A 1 33  ? -9.738  1.279   3.207   1.00 10.41 ? 74  LEU A O   1 
ATOM   288  C  CB  A LEU A 1 33  ? -7.457  -0.913  4.128   0.50 9.55  ? 74  LEU A CB  1 
ATOM   289  C  CB  B LEU A 1 33  ? -7.498  -0.948  3.991   0.50 12.12 ? 74  LEU A CB  1 
ATOM   290  C  CG  A LEU A 1 33  ? -6.783  -1.038  5.495   0.50 8.97  ? 74  LEU A CG  1 
ATOM   291  C  CG  B LEU A 1 33  ? -6.918  -1.795  5.103   0.50 12.72 ? 74  LEU A CG  1 
ATOM   292  C  CD1 A LEU A 1 33  ? -7.108  -2.356  6.211   0.50 9.72  ? 74  LEU A CD1 1 
ATOM   293  C  CD1 B LEU A 1 33  ? -5.455  -2.022  4.817   0.50 14.33 ? 74  LEU A CD1 1 
ATOM   294  C  CD2 A LEU A 1 33  ? -5.271  -0.886  5.361   0.50 8.61  ? 74  LEU A CD2 1 
ATOM   295  C  CD2 B LEU A 1 33  ? -7.151  -1.140  6.458   0.50 12.54 ? 74  LEU A CD2 1 
ATOM   296  N  N   . TRP A 1 34  ? -9.750  -0.474  1.804   1.00 10.34 ? 75  TRP A N   1 
ATOM   297  C  CA  . TRP A 1 34  ? -10.076 0.299   0.605   1.00 11.07 ? 75  TRP A CA  1 
ATOM   298  C  C   . TRP A 1 34  ? -11.408 1.038   0.801   1.00 11.67 ? 75  TRP A C   1 
ATOM   299  O  O   . TRP A 1 34  ? -11.544 2.152   0.262   1.00 12.50 ? 75  TRP A O   1 
ATOM   300  C  CB  . TRP A 1 34  ? -10.168 -0.617  -0.598  1.00 11.46 ? 75  TRP A CB  1 
ATOM   301  C  CG  . TRP A 1 34  ? -10.276 0.132   -1.874  1.00 11.46 ? 75  TRP A CG  1 
ATOM   302  C  CD1 . TRP A 1 34  ? -11.419 0.462   -2.550  1.00 13.31 ? 75  TRP A CD1 1 
ATOM   303  C  CD2 . TRP A 1 34  ? -9.203  0.547   -2.723  1.00 10.46 ? 75  TRP A CD2 1 
ATOM   304  N  NE1 . TRP A 1 34  ? -11.110 1.098   -3.707  1.00 14.34 ? 75  TRP A NE1 1 
ATOM   305  C  CE2 . TRP A 1 34  ? -9.738  1.165   -3.856  1.00 12.56 ? 75  TRP A CE2 1 
ATOM   306  C  CE3 . TRP A 1 34  ? -7.796  0.483   -2.631  1.00 10.27 ? 75  TRP A CE3 1 
ATOM   307  C  CZ2 . TRP A 1 34  ? -8.983  1.732   -4.852  1.00 12.81 ? 75  TRP A CZ2 1 
ATOM   308  C  CZ3 . TRP A 1 34  ? -7.038  1.040   -3.613  1.00 11.71 ? 75  TRP A CZ3 1 
ATOM   309  C  CH2 . TRP A 1 34  ? -7.608  1.651   -4.718  1.00 11.57 ? 75  TRP A CH2 1 
ATOM   310  N  N   A LYS A 1 35  ? -12.372 0.388   1.448   0.50 11.24 ? 76  LYS A N   1 
ATOM   311  N  N   B LYS A 1 35  ? -12.347 0.361   1.459   0.50 11.69 ? 76  LYS A N   1 
ATOM   312  C  CA  A LYS A 1 35  ? -13.733 0.979   1.635   0.50 11.27 ? 76  LYS A CA  1 
ATOM   313  C  CA  B LYS A 1 35  ? -13.724 0.885   1.669   0.50 12.21 ? 76  LYS A CA  1 
ATOM   314  C  C   A LYS A 1 35  ? -13.817 1.824   2.919   0.50 11.75 ? 76  LYS A C   1 
ATOM   315  C  C   B LYS A 1 35  ? -13.747 1.976   2.738   0.50 11.54 ? 76  LYS A C   1 
ATOM   316  O  O   A LYS A 1 35  ? -14.903 2.290   3.331   0.50 12.10 ? 76  LYS A O   1 
ATOM   317  O  O   B LYS A 1 35  ? -14.796 2.685   2.808   0.50 10.16 ? 76  LYS A O   1 
ATOM   318  C  CB  A LYS A 1 35  ? -14.727 -0.179  1.724   0.50 12.40 ? 76  LYS A CB  1 
ATOM   319  C  CB  B LYS A 1 35  ? -14.648 -0.288  2.036   0.50 14.17 ? 76  LYS A CB  1 
ATOM   320  C  CG  A LYS A 1 35  ? -14.789 -0.760  3.128   0.50 13.78 ? 76  LYS A CG  1 
ATOM   321  C  CG  B LYS A 1 35  ? -14.827 -1.304  0.913   0.50 18.30 ? 76  LYS A CG  1 
ATOM   322  C  CD  A LYS A 1 35  ? -15.650 -1.988  3.372   0.50 16.77 ? 76  LYS A CD  1 
ATOM   323  C  CD  B LYS A 1 35  ? -15.816 -2.412  1.235   0.50 21.70 ? 76  LYS A CD  1 
ATOM   324  C  CE  A LYS A 1 35  ? -15.519 -2.387  4.833   0.50 17.74 ? 76  LYS A CE  1 
ATOM   325  C  CE  B LYS A 1 35  ? -16.083 -3.328  0.063   0.50 24.46 ? 76  LYS A CE  1 
ATOM   326  N  NZ  A LYS A 1 35  ? -16.132 -3.680  5.164   0.50 20.60 ? 76  LYS A NZ  1 
ATOM   327  N  NZ  B LYS A 1 35  ? -16.834 -2.646  -1.010  0.50 25.93 ? 76  LYS A NZ  1 
ATOM   328  N  N   . HIS A 1 36  ? -12.721 2.050   3.600   1.00 11.34 ? 77  HIS A N   1 
ATOM   329  C  CA  . HIS A 1 36  ? -12.724 2.916   4.777   1.00 10.58 ? 77  HIS A CA  1 
ATOM   330  C  C   . HIS A 1 36  ? -12.801 4.391   4.370   1.00 9.42  ? 77  HIS A C   1 
ATOM   331  O  O   . HIS A 1 36  ? -12.324 4.812   3.365   1.00 9.94  ? 77  HIS A O   1 
ATOM   332  C  CB  . HIS A 1 36  ? -11.442 2.669   5.574   1.00 10.58 ? 77  HIS A CB  1 
ATOM   333  C  CG  . HIS A 1 36  ? -11.513 3.183   6.953   1.00 10.47 ? 77  HIS A CG  1 
ATOM   334  N  ND1 . HIS A 1 36  ? -11.292 4.529   7.269   1.00 10.55 ? 77  HIS A ND1 1 
ATOM   335  C  CD2 . HIS A 1 36  ? -11.804 2.553   8.086   1.00 11.98 ? 77  HIS A CD2 1 
ATOM   336  C  CE1 . HIS A 1 36  ? -11.430 4.626   8.549   1.00 10.95 ? 77  HIS A CE1 1 
ATOM   337  N  NE2 . HIS A 1 36  ? -11.783 3.445   9.098   1.00 12.36 ? 77  HIS A NE2 1 
ATOM   338  N  N   . GLN A 1 37  ? -13.460 5.174   5.239   1.00 9.35  ? 78  GLN A N   1 
ATOM   339  C  CA  . GLN A 1 37  ? -13.580 6.650   5.065   1.00 8.44  ? 78  GLN A CA  1 
ATOM   340  C  C   . GLN A 1 37  ? -12.208 7.268   4.745   1.00 8.52  ? 78  GLN A C   1 
ATOM   341  O  O   . GLN A 1 37  ? -12.166 8.202   3.990   1.00 9.40  ? 78  GLN A O   1 
ATOM   342  C  CB  . GLN A 1 37  ? -14.152 7.267   6.337   1.00 8.25  ? 78  GLN A CB  1 
ATOM   343  C  CG  . GLN A 1 37  ? -14.422 8.754   6.235   1.00 8.51  ? 78  GLN A CG  1 
ATOM   344  C  CD  . GLN A 1 37  ? -15.528 9.114   5.289   1.00 8.48  ? 78  GLN A CD  1 
ATOM   345  O  OE1 . GLN A 1 37  ? -16.524 8.405   5.195   1.00 9.52  ? 78  GLN A OE1 1 
ATOM   346  N  NE2 . GLN A 1 37  ? -15.420 10.233  4.606   1.00 9.73  ? 78  GLN A NE2 1 
ATOM   347  N  N   . PHE A 1 38  ? -11.173 6.787   5.405   1.00 9.02  ? 79  PHE A N   1 
ATOM   348  C  CA  . PHE A 1 38  ? -9.844  7.434   5.271   1.00 9.41  ? 79  PHE A CA  1 
ATOM   349  C  C   . PHE A 1 38  ? -8.958  6.791   4.246   1.00 9.11  ? 79  PHE A C   1 
ATOM   350  O  O   . PHE A 1 38  ? -7.765  7.194   4.158   1.00 9.91  ? 79  PHE A O   1 
ATOM   351  C  CB  . PHE A 1 38  ? -9.143  7.474   6.587   1.00 10.06 ? 79  PHE A CB  1 
ATOM   352  C  CG  . PHE A 1 38  ? -9.989  8.127   7.630   1.00 10.04 ? 79  PHE A CG  1 
ATOM   353  C  CD1 . PHE A 1 38  ? -10.861 9.183   7.348   1.00 10.92 ? 79  PHE A CD1 1 
ATOM   354  C  CD2 . PHE A 1 38  ? -9.927  7.660   8.909   1.00 11.09 ? 79  PHE A CD2 1 
ATOM   355  C  CE1 . PHE A 1 38  ? -11.694 9.715   8.319   1.00 11.23 ? 79  PHE A CE1 1 
ATOM   356  C  CE2 . PHE A 1 38  ? -10.800 8.179   9.887   1.00 12.50 ? 79  PHE A CE2 1 
ATOM   357  C  CZ  . PHE A 1 38  ? -11.636 9.196   9.582   1.00 13.12 ? 79  PHE A CZ  1 
ATOM   358  N  N   . ALA A 1 39  ? -9.449  5.882   3.439   1.00 8.87  ? 80  ALA A N   1 
ATOM   359  C  CA  . ALA A 1 39  ? -8.593  5.236   2.423   1.00 8.89  ? 80  ALA A CA  1 
ATOM   360  C  C   . ALA A 1 39  ? -8.147  6.218   1.386   1.00 8.80  ? 80  ALA A C   1 
ATOM   361  O  O   . ALA A 1 39  ? -7.119  5.991   0.734   1.00 8.65  ? 80  ALA A O   1 
ATOM   362  C  CB  . ALA A 1 39  ? -9.379  4.141   1.750   1.00 10.15 ? 80  ALA A CB  1 
ATOM   363  N  N   . TRP A 1 40  ? -8.952  7.264   1.065   1.00 8.48  ? 81  TRP A N   1 
ATOM   364  C  CA  . TRP A 1 40  ? -8.832  7.945   -0.208  1.00 8.31  ? 81  TRP A CA  1 
ATOM   365  C  C   . TRP A 1 40  ? -7.438  8.544   -0.465  1.00 7.78  ? 81  TRP A C   1 
ATOM   366  O  O   . TRP A 1 40  ? -6.962  8.447   -1.593  1.00 8.28  ? 81  TRP A O   1 
ATOM   367  C  CB  . TRP A 1 40  ? -10.003 8.925   -0.381  1.00 9.39  ? 81  TRP A CB  1 
ATOM   368  C  CG  . TRP A 1 40  ? -9.983  10.186  0.405   1.00 8.60  ? 81  TRP A CG  1 
ATOM   369  C  CD1 . TRP A 1 40  ? -10.625 10.448  1.580   1.00 9.26  ? 81  TRP A CD1 1 
ATOM   370  C  CD2 . TRP A 1 40  ? -9.261  11.361  0.070   1.00 8.61  ? 81  TRP A CD2 1 
ATOM   371  N  NE1 . TRP A 1 40  ? -10.345 11.714  2.002   1.00 9.68  ? 81  TRP A NE1 1 
ATOM   372  C  CE2 . TRP A 1 40  ? -9.547  12.312  1.069   1.00 8.93  ? 81  TRP A CE2 1 
ATOM   373  C  CE3 . TRP A 1 40  ? -8.431  11.695  -0.976  1.00 8.09  ? 81  TRP A CE3 1 
ATOM   374  C  CZ2 . TRP A 1 40  ? -8.996  13.591  1.032   1.00 8.72  ? 81  TRP A CZ2 1 
ATOM   375  C  CZ3 . TRP A 1 40  ? -7.920  12.958  -1.017  1.00 8.77  ? 81  TRP A CZ3 1 
ATOM   376  C  CH2 . TRP A 1 40  ? -8.241  13.911  -0.037  1.00 8.68  ? 81  TRP A CH2 1 
ATOM   377  N  N   . PRO A 1 41  ? -6.714  9.166   0.509   1.00 7.68  ? 82  PRO A N   1 
ATOM   378  C  CA  . PRO A 1 41  ? -5.383  9.713   0.169   1.00 7.24  ? 82  PRO A CA  1 
ATOM   379  C  C   . PRO A 1 41  ? -4.332  8.628   -0.113  1.00 7.18  ? 82  PRO A C   1 
ATOM   380  O  O   . PRO A 1 41  ? -3.236  8.991   -0.525  1.00 7.21  ? 82  PRO A O   1 
ATOM   381  C  CB  . PRO A 1 41  ? -4.967  10.493  1.424   1.00 7.63  ? 82  PRO A CB  1 
ATOM   382  C  CG  . PRO A 1 41  ? -6.284  10.748  2.168   1.00 7.84  ? 82  PRO A CG  1 
ATOM   383  C  CD  . PRO A 1 41  ? -7.086  9.493   1.876   1.00 8.34  ? 82  PRO A CD  1 
ATOM   384  N  N   . PHE A 1 42  ? -4.670  7.395   0.180   1.00 6.88  ? 83  PHE A N   1 
ATOM   385  C  CA  . PHE A 1 42  ? -3.766  6.228   0.084   1.00 6.66  ? 83  PHE A CA  1 
ATOM   386  C  C   . PHE A 1 42  ? -4.165  5.321   -1.053  1.00 7.67  ? 83  PHE A C   1 
ATOM   387  O  O   . PHE A 1 42  ? -3.507  4.271   -1.269  1.00 8.18  ? 83  PHE A O   1 
ATOM   388  C  CB  . PHE A 1 42  ? -3.789  5.452   1.388   1.00 7.15  ? 83  PHE A CB  1 
ATOM   389  C  CG  . PHE A 1 42  ? -3.419  6.290   2.572   1.00 7.76  ? 83  PHE A CG  1 
ATOM   390  C  CD1 . PHE A 1 42  ? -2.076  6.574   2.875   1.00 8.10  ? 83  PHE A CD1 1 
ATOM   391  C  CD2 . PHE A 1 42  ? -4.383  6.870   3.386   1.00 8.14  ? 83  PHE A CD2 1 
ATOM   392  C  CE1 . PHE A 1 42  ? -1.745  7.320   3.982   1.00 8.74  ? 83  PHE A CE1 1 
ATOM   393  C  CE2 . PHE A 1 42  ? -4.036  7.673   4.455   1.00 8.84  ? 83  PHE A CE2 1 
ATOM   394  C  CZ  . PHE A 1 42  ? -2.724  7.917   4.759   1.00 9.36  ? 83  PHE A CZ  1 
ATOM   395  N  N   . GLN A 1 43  ? -5.170  5.674   -1.866  1.00 7.90  ? 84  GLN A N   1 
ATOM   396  C  CA  . GLN A 1 43  ? -5.650  4.783   -2.956  1.00 7.88  ? 84  GLN A CA  1 
ATOM   397  C  C   . GLN A 1 43  ? -4.842  4.926   -4.242  1.00 8.32  ? 84  GLN A C   1 
ATOM   398  O  O   . GLN A 1 43  ? -5.067  4.113   -5.153  1.00 9.69  ? 84  GLN A O   1 
ATOM   399  C  CB  . GLN A 1 43  ? -7.154  4.989   -3.260  1.00 9.15  ? 84  GLN A CB  1 
ATOM   400  C  CG  . GLN A 1 43  ? -8.027  4.380   -2.181  1.00 9.92  ? 84  GLN A CG  1 
ATOM   401  C  CD  . GLN A 1 43  ? -9.491  4.671   -2.416  1.00 11.37 ? 84  GLN A CD  1 
ATOM   402  O  OE1 . GLN A 1 43  ? -9.826  5.623   -3.114  1.00 14.01 ? 84  GLN A OE1 1 
ATOM   403  N  NE2 . GLN A 1 43  ? -10.380 3.875   -1.838  1.00 12.63 ? 84  GLN A NE2 1 
ATOM   404  N  N   . GLN A 1 44  ? -3.961  5.891   -4.331  1.00 7.82  ? 85  GLN A N   1 
ATOM   405  C  CA  . GLN A 1 44  ? -3.095  6.079   -5.495  1.00 8.26  ? 85  GLN A CA  1 
ATOM   406  C  C   . GLN A 1 44  ? -1.776  6.622   -4.972  1.00 7.68  ? 85  GLN A C   1 
ATOM   407  O  O   . GLN A 1 44  ? -1.721  7.155   -3.852  1.00 7.44  ? 85  GLN A O   1 
ATOM   408  C  CB  . GLN A 1 44  ? -3.701  7.122   -6.452  1.00 10.20 ? 85  GLN A CB  1 
ATOM   409  C  CG  . GLN A 1 44  ? -5.061  6.739   -7.008  1.00 15.59 ? 85  GLN A CG  1 
ATOM   410  C  CD  . GLN A 1 44  ? -5.058  5.409   -7.731  1.00 25.23 ? 85  GLN A CD  1 
ATOM   411  O  OE1 . GLN A 1 44  ? -4.099  5.068   -8.414  1.00 31.19 ? 85  GLN A OE1 1 
ATOM   412  N  NE2 . GLN A 1 44  ? -6.124  4.617   -7.570  1.00 33.43 ? 85  GLN A NE2 1 
ATOM   413  N  N   . PRO A 1 45  ? -0.705  6.602   -5.797  1.00 7.83  ? 86  PRO A N   1 
ATOM   414  C  CA  . PRO A 1 45  ? 0.516   7.265   -5.401  1.00 8.29  ? 86  PRO A CA  1 
ATOM   415  C  C   . PRO A 1 45  ? 0.300   8.721   -5.007  1.00 7.60  ? 86  PRO A C   1 
ATOM   416  O  O   . PRO A 1 45  ? -0.569  9.414   -5.592  1.00 8.22  ? 86  PRO A O   1 
ATOM   417  C  CB  . PRO A 1 45  ? 1.404   7.148   -6.666  1.00 8.49  ? 86  PRO A CB  1 
ATOM   418  C  CG  . PRO A 1 45  ? 0.896   5.898   -7.352  1.00 9.84  ? 86  PRO A CG  1 
ATOM   419  C  CD  . PRO A 1 45  ? -0.595  5.923   -7.095  1.00 9.74  ? 86  PRO A CD  1 
ATOM   420  N  N   . VAL A 1 46  ? 1.130   9.232   -4.114  1.00 7.07  ? 87  VAL A N   1 
ATOM   421  C  CA  . VAL A 1 46  ? 1.122   10.679  -3.823  1.00 7.72  ? 87  VAL A CA  1 
ATOM   422  C  C   . VAL A 1 46  ? 1.450   11.403  -5.109  1.00 7.56  ? 87  VAL A C   1 
ATOM   423  O  O   . VAL A 1 46  ? 2.498   11.184  -5.730  1.00 7.93  ? 87  VAL A O   1 
ATOM   424  C  CB  . VAL A 1 46  ? 2.097   11.026  -2.691  1.00 7.78  ? 87  VAL A CB  1 
ATOM   425  C  CG1 . VAL A 1 46  ? 2.227   12.541  -2.521  1.00 8.74  ? 87  VAL A CG1 1 
ATOM   426  C  CG2 . VAL A 1 46  ? 1.664   10.383  -1.387  1.00 7.88  ? 87  VAL A CG2 1 
ATOM   427  N  N   . ASP A 1 47  ? 0.551   12.287  -5.534  1.00 7.30  ? 88  ASP A N   1 
ATOM   428  C  CA  . ASP A 1 47  ? 0.716   13.077  -6.764  1.00 8.08  ? 88  ASP A CA  1 
ATOM   429  C  C   . ASP A 1 47  ? 1.368   14.383  -6.382  1.00 8.06  ? 88  ASP A C   1 
ATOM   430  O  O   . ASP A 1 47  ? 0.672   15.407  -6.059  1.00 8.62  ? 88  ASP A O   1 
ATOM   431  C  CB  . ASP A 1 47  ? -0.620  13.261  -7.450  1.00 9.20  ? 88  ASP A CB  1 
ATOM   432  C  CG  . ASP A 1 47  ? -0.498  13.914  -8.826  1.00 9.94  ? 88  ASP A CG  1 
ATOM   433  O  OD1 . ASP A 1 47  ? 0.492   14.593  -9.087  1.00 9.88  ? 88  ASP A OD1 1 
ATOM   434  O  OD2 . ASP A 1 47  ? -1.506  13.716  -9.620  1.00 12.35 ? 88  ASP A OD2 1 
ATOM   435  N  N   . ALA A 1 48  ? 2.686   14.407  -6.299  1.00 7.91  ? 89  ALA A N   1 
ATOM   436  C  CA  . ALA A 1 48  ? 3.426   15.563  -5.795  1.00 8.82  ? 89  ALA A CA  1 
ATOM   437  C  C   . ALA A 1 48  ? 3.234   16.771  -6.711  1.00 8.60  ? 89  ALA A C   1 
ATOM   438  O  O   . ALA A 1 48  ? 3.158   17.900  -6.211  1.00 10.14 ? 89  ALA A O   1 
ATOM   439  C  CB  . ALA A 1 48  ? 4.899   15.213  -5.703  1.00 9.90  ? 89  ALA A CB  1 
ATOM   440  N  N   . VAL A 1 49  ? 3.110   16.555  -7.992  1.00 8.69  ? 90  VAL A N   1 
ATOM   441  C  CA  . VAL A 1 49  ? 2.864   17.662  -8.939  1.00 9.80  ? 90  VAL A CA  1 
ATOM   442  C  C   . VAL A 1 49  ? 1.521   18.280  -8.606  1.00 10.05 ? 90  VAL A C   1 
ATOM   443  O  O   . VAL A 1 49  ? 1.418   19.534  -8.418  1.00 11.29 ? 90  VAL A O   1 
ATOM   444  C  CB  . VAL A 1 49  ? 2.966   17.207  -10.391 1.00 10.18 ? 90  VAL A CB  1 
ATOM   445  C  CG1 . VAL A 1 49  ? 2.559   18.324  -11.347 1.00 11.42 ? 90  VAL A CG1 1 
ATOM   446  C  CG2 . VAL A 1 49  ? 4.352   16.758  -10.759 1.00 11.07 ? 90  VAL A CG2 1 
ATOM   447  N  N   . LYS A 1 50  ? 0.465   17.500  -8.520  1.00 10.16 ? 91  LYS A N   1 
ATOM   448  C  CA  . LYS A 1 50  ? -0.897  18.055  -8.286  1.00 11.07 ? 91  LYS A CA  1 
ATOM   449  C  C   . LYS A 1 50  ? -0.952  18.743  -6.944  1.00 10.96 ? 91  LYS A C   1 
ATOM   450  O  O   . LYS A 1 50  ? -1.650  19.795  -6.812  1.00 12.42 ? 91  LYS A O   1 
ATOM   451  C  CB  . LYS A 1 50  ? -1.896  16.899  -8.311  1.00 12.03 ? 91  LYS A CB  1 
ATOM   452  C  CG  . LYS A 1 50  ? -3.381  17.280  -8.153  1.00 13.70 ? 91  LYS A CG  1 
ATOM   453  C  CD  . LYS A 1 50  ? -4.318  16.102  -8.305  1.00 13.62 ? 91  LYS A CD  1 
ATOM   454  C  CE  . LYS A 1 50  ? -4.363  15.201  -7.078  1.00 12.40 ? 91  LYS A CE  1 
ATOM   455  N  NZ  . LYS A 1 50  ? -5.253  14.073  -7.333  1.00 12.57 ? 91  LYS A NZ  1 
ATOM   456  N  N   . LEU A 1 51  ? -0.284  18.234  -5.913  1.00 10.08 ? 92  LEU A N   1 
ATOM   457  C  CA  . LEU A 1 51  ? -0.393  18.776  -4.546  1.00 10.92 ? 92  LEU A CA  1 
ATOM   458  C  C   . LEU A 1 51  ? 0.629   19.882  -4.309  1.00 11.44 ? 92  LEU A C   1 
ATOM   459  O  O   . LEU A 1 51  ? 0.694   20.433  -3.184  1.00 13.14 ? 92  LEU A O   1 
ATOM   460  C  CB  . LEU A 1 51  ? -0.152  17.656  -3.523  1.00 9.83  ? 92  LEU A CB  1 
ATOM   461  C  CG  . LEU A 1 51  ? -1.169  16.530  -3.507  1.00 11.90 ? 92  LEU A CG  1 
ATOM   462  C  CD1 . LEU A 1 51  ? -0.817  15.517  -2.419  1.00 11.92 ? 92  LEU A CD1 1 
ATOM   463  C  CD2 . LEU A 1 51  ? -2.602  16.969  -3.362  1.00 15.46 ? 92  LEU A CD2 1 
ATOM   464  N  N   A ASN A 1 52  ? 1.471   20.213  -5.284  0.50 12.24 ? 93  ASN A N   1 
ATOM   465  N  N   B ASN A 1 52  ? 1.450   20.199  -5.296  0.50 12.22 ? 93  ASN A N   1 
ATOM   466  C  CA  A ASN A 1 52  ? 2.572   21.202  -5.118  0.50 12.83 ? 93  ASN A CA  1 
ATOM   467  C  CA  B ASN A 1 52  ? 2.505   21.212  -5.086  0.50 12.77 ? 93  ASN A CA  1 
ATOM   468  C  C   A ASN A 1 52  ? 3.490   20.829  -3.948  0.50 12.71 ? 93  ASN A C   1 
ATOM   469  C  C   B ASN A 1 52  ? 3.331   20.796  -3.859  0.50 12.70 ? 93  ASN A C   1 
ATOM   470  O  O   A ASN A 1 52  ? 3.918   21.690  -3.161  0.50 11.98 ? 93  ASN A O   1 
ATOM   471  O  O   B ASN A 1 52  ? 3.452   21.601  -2.881  0.50 13.40 ? 93  ASN A O   1 
ATOM   472  C  CB  A ASN A 1 52  ? 2.056   22.628  -4.932  0.50 15.21 ? 93  ASN A CB  1 
ATOM   473  C  CB  B ASN A 1 52  ? 1.859   22.601  -4.986  0.50 14.83 ? 93  ASN A CB  1 
ATOM   474  C  CG  A ASN A 1 52  ? 3.183   23.630  -5.033  0.50 17.42 ? 93  ASN A CG  1 
ATOM   475  C  CG  B ASN A 1 52  ? 1.293   23.090  -6.303  0.50 17.36 ? 93  ASN A CG  1 
ATOM   476  O  OD1 A ASN A 1 52  ? 4.229   23.326  -5.596  0.50 21.03 ? 93  ASN A OD1 1 
ATOM   477  O  OD1 B ASN A 1 52  ? 1.967   23.076  -7.324  0.50 20.55 ? 93  ASN A OD1 1 
ATOM   478  N  ND2 A ASN A 1 52  ? 2.978   24.808  -4.464  0.50 22.50 ? 93  ASN A ND2 1 
ATOM   479  N  ND2 B ASN A 1 52  ? 0.039   23.512  -6.301  0.50 20.98 ? 93  ASN A ND2 1 
ATOM   480  N  N   . LEU A 1 53  ? 3.888   19.565  -3.899  1.00 11.99 ? 94  LEU A N   1 
ATOM   481  C  CA  . LEU A 1 53  ? 4.763   19.004  -2.842  1.00 11.82 ? 94  LEU A CA  1 
ATOM   482  C  C   . LEU A 1 53  ? 6.041   18.537  -3.479  1.00 11.73 ? 94  LEU A C   1 
ATOM   483  O  O   . LEU A 1 53  ? 6.376   17.342  -3.498  1.00 11.81 ? 94  LEU A O   1 
ATOM   484  C  CB  . LEU A 1 53  ? 4.123   17.797  -2.173  1.00 13.98 ? 94  LEU A CB  1 
ATOM   485  C  CG  . LEU A 1 53  ? 3.023   18.005  -1.173  1.00 17.36 ? 94  LEU A CG  1 
ATOM   486  C  CD1 . LEU A 1 53  ? 2.574   16.629  -0.675  1.00 18.56 ? 94  LEU A CD1 1 
ATOM   487  C  CD2 . LEU A 1 53  ? 3.457   18.833  0.024   1.00 15.77 ? 94  LEU A CD2 1 
ATOM   488  N  N   . PRO A 1 54  ? 6.836   19.436  -4.052  1.00 13.00 ? 95  PRO A N   1 
ATOM   489  C  CA  . PRO A 1 54  ? 8.025   19.000  -4.761  1.00 13.58 ? 95  PRO A CA  1 
ATOM   490  C  C   . PRO A 1 54  ? 9.045   18.289  -3.876  1.00 12.02 ? 95  PRO A C   1 
ATOM   491  O  O   . PRO A 1 54  ? 9.911   17.600  -4.418  1.00 12.35 ? 95  PRO A O   1 
ATOM   492  C  CB  . PRO A 1 54  ? 8.641   20.317  -5.298  1.00 15.69 ? 95  PRO A CB  1 
ATOM   493  C  CG  . PRO A 1 54  ? 8.105   21.345  -4.351  1.00 15.86 ? 95  PRO A CG  1 
ATOM   494  C  CD  . PRO A 1 54  ? 6.683   20.913  -4.054  1.00 15.18 ? 95  PRO A CD  1 
ATOM   495  N  N   . ASP A 1 55  ? 9.008   18.460  -2.541  1.00 10.63 ? 96  ASP A N   1 
ATOM   496  C  CA  . ASP A 1 55  ? 9.979   17.763  -1.678  1.00 10.34 ? 96  ASP A CA  1 
ATOM   497  C  C   . ASP A 1 55  ? 9.566   16.299  -1.447  1.00 8.52  ? 96  ASP A C   1 
ATOM   498  O  O   . ASP A 1 55  ? 10.350  15.582  -0.887  1.00 8.98  ? 96  ASP A O   1 
ATOM   499  C  CB  . ASP A 1 55  ? 10.205  18.471  -0.355  1.00 11.06 ? 96  ASP A CB  1 
ATOM   500  C  CG  . ASP A 1 55  ? 11.092  19.696  -0.390  1.00 13.99 ? 96  ASP A CG  1 
ATOM   501  O  OD1 . ASP A 1 55  ? 11.928  19.788  -1.317  1.00 17.09 ? 96  ASP A OD1 1 
ATOM   502  O  OD2 . ASP A 1 55  ? 11.039  20.464  0.605   1.00 15.85 ? 96  ASP A OD2 1 
ATOM   503  N  N   . TYR A 1 56  ? 8.387   15.846  -1.849  1.00 8.00  ? 97  TYR A N   1 
ATOM   504  C  CA  . TYR A 1 56  ? 7.933   14.516  -1.380  1.00 7.39  ? 97  TYR A CA  1 
ATOM   505  C  C   . TYR A 1 56  ? 8.892   13.420  -1.832  1.00 7.69  ? 97  TYR A C   1 
ATOM   506  O  O   . TYR A 1 56  ? 9.349   12.603  -1.004  1.00 7.50  ? 97  TYR A O   1 
ATOM   507  C  CB  . TYR A 1 56  ? 6.510   14.214  -1.855  1.00 7.77  ? 97  TYR A CB  1 
ATOM   508  C  CG  . TYR A 1 56  ? 5.962   12.938  -1.252  1.00 7.40  ? 97  TYR A CG  1 
ATOM   509  C  CD1 . TYR A 1 56  ? 5.448   12.945  0.036   1.00 7.58  ? 97  TYR A CD1 1 
ATOM   510  C  CD2 . TYR A 1 56  ? 6.101   11.727  -1.895  1.00 8.02  ? 97  TYR A CD2 1 
ATOM   511  C  CE1 . TYR A 1 56  ? 5.005   11.790  0.627   1.00 7.44  ? 97  TYR A CE1 1 
ATOM   512  C  CE2 . TYR A 1 56  ? 5.662   10.536  -1.315  1.00 7.87  ? 97  TYR A CE2 1 
ATOM   513  C  CZ  . TYR A 1 56  ? 5.127   10.561  -0.030  1.00 7.41  ? 97  TYR A CZ  1 
ATOM   514  O  OH  . TYR A 1 56  ? 4.742   9.380   0.520   1.00 7.79  ? 97  TYR A OH  1 
ATOM   515  N  N   . TYR A 1 57  ? 9.202   13.369  -3.144  1.00 7.43  ? 98  TYR A N   1 
ATOM   516  C  CA  . TYR A 1 57  ? 10.075  12.318  -3.668  1.00 7.69  ? 98  TYR A CA  1 
ATOM   517  C  C   . TYR A 1 57  ? 11.550  12.696  -3.532  1.00 7.93  ? 98  TYR A C   1 
ATOM   518  O  O   . TYR A 1 57  ? 12.380  11.861  -3.896  1.00 9.86  ? 98  TYR A O   1 
ATOM   519  C  CB  . TYR A 1 57  ? 9.646   11.934  -5.087  1.00 7.93  ? 98  TYR A CB  1 
ATOM   520  C  CG  . TYR A 1 57  ? 8.286   11.320  -5.129  1.00 7.48  ? 98  TYR A CG  1 
ATOM   521  C  CD1 . TYR A 1 57  ? 8.094   10.043  -4.637  1.00 7.56  ? 98  TYR A CD1 1 
ATOM   522  C  CD2 . TYR A 1 57  ? 7.186   12.022  -5.617  1.00 7.46  ? 98  TYR A CD2 1 
ATOM   523  C  CE1 . TYR A 1 57  ? 6.844   9.454   -4.652  1.00 7.81  ? 98  TYR A CE1 1 
ATOM   524  C  CE2 . TYR A 1 57  ? 5.940   11.444  -5.633  1.00 7.35  ? 98  TYR A CE2 1 
ATOM   525  C  CZ  . TYR A 1 57  ? 5.756   10.154  -5.158  1.00 7.06  ? 98  TYR A CZ  1 
ATOM   526  O  OH  . TYR A 1 57  ? 4.533   9.524   -5.094  1.00 7.96  ? 98  TYR A OH  1 
ATOM   527  N  N   . LYS A 1 58  ? 11.864  13.829  -2.950  1.00 7.99  ? 99  LYS A N   1 
ATOM   528  C  CA  . LYS A 1 58  ? 13.243  14.097  -2.466  1.00 8.71  ? 99  LYS A CA  1 
ATOM   529  C  C   . LYS A 1 58  ? 13.501  13.314  -1.213  1.00 8.73  ? 99  LYS A C   1 
ATOM   530  O  O   . LYS A 1 58  ? 14.683  13.012  -0.942  1.00 9.81  ? 99  LYS A O   1 
ATOM   531  C  CB  . LYS A 1 58  ? 13.473  15.587  -2.243  1.00 10.68 ? 99  LYS A CB  1 
ATOM   532  C  CG  . LYS A 1 58  ? 13.341  16.435  -3.484  1.00 12.91 ? 99  LYS A CG  1 
ATOM   533  C  CD  . LYS A 1 58  ? 13.760  17.866  -3.162  1.00 18.40 ? 99  LYS A CD  1 
ATOM   534  C  CE  . LYS A 1 58  ? 13.436  18.851  -4.261  1.00 25.23 ? 99  LYS A CE  1 
ATOM   535  N  NZ  . LYS A 1 58  ? 12.958  20.158  -3.720  1.00 32.89 ? 99  LYS A NZ  1 
ATOM   536  N  N   . ILE A 1 59  ? 12.494  12.986  -0.416  1.00 8.15  ? 100 ILE A N   1 
ATOM   537  C  CA  . ILE A 1 59  ? 12.652  12.226  0.853   1.00 8.91  ? 100 ILE A CA  1 
ATOM   538  C  C   . ILE A 1 59  ? 12.178  10.805  0.713   1.00 8.86  ? 100 ILE A C   1 
ATOM   539  O  O   . ILE A 1 59  ? 12.869  9.902   1.294   1.00 11.43 ? 100 ILE A O   1 
ATOM   540  C  CB  . ILE A 1 59  ? 11.835  12.898  1.956   1.00 10.07 ? 100 ILE A CB  1 
ATOM   541  C  CG1 . ILE A 1 59  ? 12.179  14.347  2.140   1.00 13.20 ? 100 ILE A CG1 1 
ATOM   542  C  CG2 . ILE A 1 59  ? 11.879  12.137  3.271   1.00 10.96 ? 100 ILE A CG2 1 
ATOM   543  C  CD1 . ILE A 1 59  ? 13.561  14.563  2.389   1.00 12.03 ? 100 ILE A CD1 1 
ATOM   544  N  N   . ILE A 1 60  ? 11.055  10.509  0.093   1.00 7.83  ? 101 ILE A N   1 
ATOM   545  C  CA  . ILE A 1 60  ? 10.458  9.166   0.058   1.00 7.83  ? 101 ILE A CA  1 
ATOM   546  C  C   . ILE A 1 60  ? 10.963  8.455   -1.195  1.00 7.48  ? 101 ILE A C   1 
ATOM   547  O  O   . ILE A 1 60  ? 10.556  8.737   -2.327  1.00 9.08  ? 101 ILE A O   1 
ATOM   548  C  CB  . ILE A 1 60  ? 8.920   9.292   0.114   1.00 8.12  ? 101 ILE A CB  1 
ATOM   549  C  CG1 . ILE A 1 60  ? 8.447   9.968   1.406   1.00 8.45  ? 101 ILE A CG1 1 
ATOM   550  C  CG2 . ILE A 1 60  ? 8.291   7.934   -0.095  1.00 8.18  ? 101 ILE A CG2 1 
ATOM   551  C  CD1 . ILE A 1 60  ? 8.888   9.301   2.691   1.00 8.95  ? 101 ILE A CD1 1 
ATOM   552  N  N   . LYS A 1 61  ? 11.846  7.502   -0.981  1.00 7.12  ? 102 LYS A N   1 
ATOM   553  C  CA  . LYS A 1 61  ? 12.521  6.782   -2.076  1.00 7.42  ? 102 LYS A CA  1 
ATOM   554  C  C   . LYS A 1 61  ? 11.913  5.408   -2.293  1.00 7.66  ? 102 LYS A C   1 
ATOM   555  O  O   . LYS A 1 61  ? 12.264  4.781   -3.309  1.00 7.96  ? 102 LYS A O   1 
ATOM   556  C  CB  . LYS A 1 61  ? 14.025  6.688   -1.800  1.00 8.03  ? 102 LYS A CB  1 
ATOM   557  C  CG  . LYS A 1 61  ? 14.668  8.048   -1.635  1.00 8.39  ? 102 LYS A CG  1 
ATOM   558  C  CD  . LYS A 1 61  ? 14.499  9.006   -2.816  1.00 7.98  ? 102 LYS A CD  1 
ATOM   559  C  CE  . LYS A 1 61  ? 15.384  10.228  -2.691  1.00 8.46  ? 102 LYS A CE  1 
ATOM   560  N  NZ  . LYS A 1 61  ? 15.165  11.209  -3.763  1.00 8.89  ? 102 LYS A NZ  1 
ATOM   561  N  N   . THR A 1 62  ? 11.048  4.913   -1.402  1.00 7.54  ? 103 THR A N   1 
ATOM   562  C  CA  . THR A 1 62  ? 10.293  3.671   -1.597  1.00 8.01  ? 103 THR A CA  1 
ATOM   563  C  C   . THR A 1 62  ? 8.828   4.029   -1.441  1.00 7.43  ? 103 THR A C   1 
ATOM   564  O  O   . THR A 1 62  ? 8.151   3.590   -0.494  1.00 7.23  ? 103 THR A O   1 
ATOM   565  C  CB  . THR A 1 62  ? 10.675  2.526   -0.666  1.00 8.23  ? 103 THR A CB  1 
ATOM   566  O  OG1 . THR A 1 62  ? 12.089  2.379   -0.588  1.00 9.92  ? 103 THR A OG1 1 
ATOM   567  C  CG2 . THR A 1 62  ? 10.086  1.213   -1.118  1.00 9.20  ? 103 THR A CG2 1 
ATOM   568  N  N   . PRO A 1 63  ? 8.264   4.790   -2.373  1.00 7.32  ? 104 PRO A N   1 
ATOM   569  C  CA  . PRO A 1 63  ? 6.822   5.086   -2.272  1.00 7.58  ? 104 PRO A CA  1 
ATOM   570  C  C   . PRO A 1 63  ? 6.001   3.814   -2.399  1.00 7.34  ? 104 PRO A C   1 
ATOM   571  O  O   . PRO A 1 63  ? 6.367   2.846   -3.088  1.00 7.55  ? 104 PRO A O   1 
ATOM   572  C  CB  . PRO A 1 63  ? 6.606   6.057   -3.425  1.00 8.94  ? 104 PRO A CB  1 
ATOM   573  C  CG  . PRO A 1 63  ? 7.701   5.770   -4.395  1.00 8.65  ? 104 PRO A CG  1 
ATOM   574  C  CD  . PRO A 1 63  ? 8.884   5.347   -3.570  1.00 8.16  ? 104 PRO A CD  1 
ATOM   575  N  N   . MET A 1 64  ? 4.822   3.866   -1.752  1.00 6.86  ? 105 MET A N   1 
ATOM   576  C  CA  . MET A 1 64  ? 3.876   2.752   -1.862  1.00 6.86  ? 105 MET A CA  1 
ATOM   577  C  C   . MET A 1 64  ? 2.500   3.277   -1.503  1.00 6.87  ? 105 MET A C   1 
ATOM   578  O  O   . MET A 1 64  ? 2.377   4.211   -0.683  1.00 7.42  ? 105 MET A O   1 
ATOM   579  C  CB  . MET A 1 64  ? 4.300   1.576   -0.979  1.00 6.89  ? 105 MET A CB  1 
ATOM   580  C  CG  . MET A 1 64  ? 3.536   0.282   -1.173  1.00 7.82  ? 105 MET A CG  1 
ATOM   581  S  SD  . MET A 1 64  ? 3.338   -0.279  -2.871  1.00 7.68  ? 105 MET A SD  1 
ATOM   582  C  CE  . MET A 1 64  ? 5.053   -0.437  -3.407  1.00 8.67  ? 105 MET A CE  1 
ATOM   583  N  N   . ASP A 1 65  ? 1.482   2.640   -2.076  1.00 6.80  ? 106 ASP A N   1 
ATOM   584  C  CA  . ASP A 1 65  ? 0.075   3.069   -1.893  1.00 6.78  ? 106 ASP A CA  1 
ATOM   585  C  C   . ASP A 1 65  ? -0.791  1.849   -2.116  1.00 6.58  ? 106 ASP A C   1 
ATOM   586  O  O   . ASP A 1 65  ? -0.345  0.840   -2.689  1.00 6.85  ? 106 ASP A O   1 
ATOM   587  C  CB  . ASP A 1 65  ? -0.253  4.202   -2.849  1.00 7.48  ? 106 ASP A CB  1 
ATOM   588  C  CG  . ASP A 1 65  ? -0.200  3.711   -4.259  1.00 7.35  ? 106 ASP A CG  1 
ATOM   589  O  OD1 . ASP A 1 65  ? 0.934   3.609   -4.848  1.00 7.78  ? 106 ASP A OD1 1 
ATOM   590  O  OD2 . ASP A 1 65  ? -1.269  3.307   -4.789  1.00 7.83  ? 106 ASP A OD2 1 
ATOM   591  N  N   . MET A 1 66  ? -2.042  1.945   -1.694  1.00 6.64  ? 107 MET A N   1 
ATOM   592  C  CA  . MET A 1 66  ? -2.964  0.788   -1.802  1.00 7.17  ? 107 MET A CA  1 
ATOM   593  C  C   . MET A 1 66  ? -3.403  0.545   -3.244  1.00 6.95  ? 107 MET A C   1 
ATOM   594  O  O   . MET A 1 66  ? -3.785  -0.611  -3.525  1.00 7.69  ? 107 MET A O   1 
ATOM   595  C  CB  . MET A 1 66  ? -4.202  0.983   -0.912  1.00 7.73  ? 107 MET A CB  1 
ATOM   596  C  CG  . MET A 1 66  ? -3.899  1.047   0.551   1.00 8.52  ? 107 MET A CG  1 
ATOM   597  S  SD  . MET A 1 66  ? -5.268  0.658   1.634   1.00 9.77  ? 107 MET A SD  1 
ATOM   598  C  CE  . MET A 1 66  ? -6.303  2.052   1.295   1.00 9.94  ? 107 MET A CE  1 
ATOM   599  N  N   . GLY A 1 67  ? -3.417  1.532   -4.111  1.00 7.62  ? 108 GLY A N   1 
ATOM   600  C  CA  . GLY A 1 67  ? -3.707  1.277   -5.525  1.00 7.96  ? 108 GLY A CA  1 
ATOM   601  C  C   . GLY A 1 67  ? -2.681  0.330   -6.135  1.00 7.73  ? 108 GLY A C   1 
ATOM   602  O  O   . GLY A 1 67  ? -3.059  -0.624  -6.868  1.00 8.12  ? 108 GLY A O   1 
ATOM   603  N  N   . THR A 1 68  ? -1.432  0.631   -5.880  1.00 7.33  ? 109 THR A N   1 
ATOM   604  C  CA  . THR A 1 68  ? -0.316  -0.235  -6.319  1.00 7.10  ? 109 THR A CA  1 
ATOM   605  C  C   . THR A 1 68  ? -0.460  -1.622  -5.686  1.00 6.97  ? 109 THR A C   1 
ATOM   606  O  O   . THR A 1 68  ? -0.278  -2.631  -6.408  1.00 7.41  ? 109 THR A O   1 
ATOM   607  C  CB  . THR A 1 68  ? 0.998   0.417   -5.916  1.00 7.16  ? 109 THR A CB  1 
ATOM   608  O  OG1 . THR A 1 68  ? 1.108   1.640   -6.647  1.00 8.31  ? 109 THR A OG1 1 
ATOM   609  C  CG2 . THR A 1 68  ? 2.163   -0.474  -6.257  1.00 7.98  ? 109 THR A CG2 1 
ATOM   610  N  N   . ILE A 1 69  ? -0.717  -1.703  -4.404  1.00 6.77  ? 110 ILE A N   1 
ATOM   611  C  CA  . ILE A 1 69  ? -0.834  -3.029  -3.754  1.00 6.98  ? 110 ILE A CA  1 
ATOM   612  C  C   . ILE A 1 69  ? -1.978  -3.816  -4.360  1.00 6.93  ? 110 ILE A C   1 
ATOM   613  O  O   . ILE A 1 69  ? -1.825  -5.029  -4.624  1.00 7.77  ? 110 ILE A O   1 
ATOM   614  C  CB  . ILE A 1 69  ? -1.014  -2.859  -2.244  1.00 7.00  ? 110 ILE A CB  1 
ATOM   615  C  CG1 . ILE A 1 69  ? 0.233   -2.246  -1.598  1.00 7.00  ? 110 ILE A CG1 1 
ATOM   616  C  CG2 . ILE A 1 69  ? -1.399  -4.192  -1.600  1.00 8.04  ? 110 ILE A CG2 1 
ATOM   617  C  CD1 . ILE A 1 69  ? 0.040   -1.796  -0.170  1.00 7.69  ? 110 ILE A CD1 1 
ATOM   618  N  N   . LYS A 1 70  ? -3.115  -3.163  -4.590  1.00 7.12  ? 111 LYS A N   1 
ATOM   619  C  CA  . LYS A 1 70  ? -4.278  -3.837  -5.215  1.00 8.42  ? 111 LYS A CA  1 
ATOM   620  C  C   . LYS A 1 70  ? -3.899  -4.401  -6.582  1.00 8.14  ? 111 LYS A C   1 
ATOM   621  O  O   . LYS A 1 70  ? -4.204  -5.575  -6.887  1.00 9.13  ? 111 LYS A O   1 
ATOM   622  C  CB  . LYS A 1 70  ? -5.413  -2.821  -5.318  1.00 9.16  ? 111 LYS A CB  1 
ATOM   623  C  CG  . LYS A 1 70  ? -6.694  -3.370  -5.950  1.00 11.91 ? 111 LYS A CG  1 
ATOM   624  C  CD  . LYS A 1 70  ? -7.779  -2.248  -5.910  1.00 14.95 ? 111 LYS A CD  1 
ATOM   625  C  CE  . LYS A 1 70  ? -9.167  -2.705  -6.299  1.00 20.14 ? 111 LYS A CE  1 
ATOM   626  N  NZ  . LYS A 1 70  ? -9.189  -3.024  -7.722  1.00 22.50 ? 111 LYS A NZ  1 
ATOM   627  N  N   . LYS A 1 71  ? -3.250  -3.608  -7.405  1.00 8.33  ? 112 LYS A N   1 
ATOM   628  C  CA  . LYS A 1 71  ? -2.835  -4.063  -8.728  1.00 8.48  ? 112 LYS A CA  1 
ATOM   629  C  C   . LYS A 1 71  ? -1.779  -5.175  -8.655  1.00 8.11  ? 112 LYS A C   1 
ATOM   630  O  O   . LYS A 1 71  ? -1.858  -6.148  -9.434  1.00 8.83  ? 112 LYS A O   1 
ATOM   631  C  CB  . LYS A 1 71  ? -2.274  -2.925  -9.551  1.00 9.38  ? 112 LYS A CB  1 
ATOM   632  C  CG  . LYS A 1 71  ? -3.315  -1.920  -10.022 1.00 13.15 ? 112 LYS A CG  1 
ATOM   633  C  CD  . LYS A 1 71  ? -2.681  -0.717  -10.659 1.00 16.95 ? 112 LYS A CD  1 
ATOM   634  C  CE  . LYS A 1 71  ? -3.719  0.277   -11.145 1.00 22.03 ? 112 LYS A CE  1 
ATOM   635  N  NZ  . LYS A 1 71  ? -3.123  1.446   -11.827 1.00 27.29 ? 112 LYS A NZ  1 
ATOM   636  N  N   . ARG A 1 72  ? -0.851  -5.091  -7.735  1.00 7.61  ? 113 ARG A N   1 
ATOM   637  C  CA  . ARG A 1 72  ? 0.123   -6.187  -7.536  1.00 7.42  ? 113 ARG A CA  1 
ATOM   638  C  C   . ARG A 1 72  ? -0.618  -7.464  -7.181  1.00 7.94  ? 113 ARG A C   1 
ATOM   639  O  O   . ARG A 1 72  ? -0.309  -8.536  -7.750  1.00 8.30  ? 113 ARG A O   1 
ATOM   640  C  CB  . ARG A 1 72  ? 1.124   -5.774  -6.468  1.00 7.28  ? 113 ARG A CB  1 
ATOM   641  C  CG  . ARG A 1 72  ? 2.182   -4.801  -6.966  1.00 7.31  ? 113 ARG A CG  1 
ATOM   642  C  CD  . ARG A 1 72  ? 3.178   -4.374  -5.904  1.00 7.27  ? 113 ARG A CD  1 
ATOM   643  N  NE  . ARG A 1 72  ? 4.212   -3.561  -6.526  1.00 7.63  ? 113 ARG A NE  1 
ATOM   644  C  CZ  . ARG A 1 72  ? 5.432   -3.387  -6.059  1.00 7.73  ? 113 ARG A CZ  1 
ATOM   645  N  NH1 . ARG A 1 72  ? 5.781   -3.784  -4.841  1.00 8.15  ? 113 ARG A NH1 1 
ATOM   646  N  NH2 . ARG A 1 72  ? 6.325   -2.811  -6.851  1.00 8.46  ? 113 ARG A NH2 1 
ATOM   647  N  N   . LEU A 1 73  ? -1.554  -7.441  -6.258  1.00 7.28  ? 114 LEU A N   1 
ATOM   648  C  CA  . LEU A 1 73  ? -2.319  -8.650  -5.930  1.00 7.96  ? 114 LEU A CA  1 
ATOM   649  C  C   . LEU A 1 73  ? -3.112  -9.145  -7.135  1.00 8.58  ? 114 LEU A C   1 
ATOM   650  O  O   . LEU A 1 73  ? -3.091  -10.384 -7.429  1.00 9.60  ? 114 LEU A O   1 
ATOM   651  C  CB  . LEU A 1 73  ? -3.263  -8.369  -4.755  1.00 8.35  ? 114 LEU A CB  1 
ATOM   652  C  CG  . LEU A 1 73  ? -2.586  -8.226  -3.393  1.00 8.24  ? 114 LEU A CG  1 
ATOM   653  C  CD1 . LEU A 1 73  ? -3.480  -7.495  -2.406  1.00 8.18  ? 114 LEU A CD1 1 
ATOM   654  C  CD2 . LEU A 1 73  ? -2.196  -9.572  -2.848  1.00 8.89  ? 114 LEU A CD2 1 
ATOM   655  N  N   . GLU A 1 74  ? -3.759  -8.261  -7.853  1.00 8.51  ? 115 GLU A N   1 
ATOM   656  C  CA  . GLU A 1 74  ? -4.561  -8.697  -9.030  1.00 9.79  ? 115 GLU A CA  1 
ATOM   657  C  C   . GLU A 1 74  ? -3.679  -9.269  -10.119 1.00 9.84  ? 115 GLU A C   1 
ATOM   658  O  O   . GLU A 1 74  ? -4.177  -10.128 -10.898 1.00 11.74 ? 115 GLU A O   1 
ATOM   659  C  CB  . GLU A 1 74  ? -5.320  -7.491  -9.577  1.00 11.05 ? 115 GLU A CB  1 
ATOM   660  C  CG  . GLU A 1 74  ? -6.467  -7.050  -8.701  1.00 12.48 ? 115 GLU A CG  1 
ATOM   661  C  CD  . GLU A 1 74  ? -7.019  -5.667  -9.042  1.00 14.58 ? 115 GLU A CD  1 
ATOM   662  O  OE1 . GLU A 1 74  ? -6.386  -4.902  -9.741  1.00 17.72 ? 115 GLU A OE1 1 
ATOM   663  O  OE2 . GLU A 1 74  ? -8.126  -5.375  -8.522  1.00 19.07 ? 115 GLU A OE2 1 
ATOM   664  N  N   . ASN A 1 75  ? -2.445  -8.889  -10.231 1.00 9.44  ? 116 ASN A N   1 
ATOM   665  C  CA  . ASN A 1 75  ? -1.527  -9.355  -11.278 1.00 10.03 ? 116 ASN A CA  1 
ATOM   666  C  C   . ASN A 1 75  ? -0.546  -10.415 -10.754 1.00 9.57  ? 116 ASN A C   1 
ATOM   667  O  O   . ASN A 1 75  ? 0.427   -10.728 -11.448 1.00 10.42 ? 116 ASN A O   1 
ATOM   668  C  CB  . ASN A 1 75  ? -0.763  -8.173  -11.847 1.00 10.56 ? 116 ASN A CB  1 
ATOM   669  C  CG  . ASN A 1 75  ? -1.629  -7.271  -12.667 1.00 14.04 ? 116 ASN A CG  1 
ATOM   670  O  OD1 . ASN A 1 75  ? -2.207  -7.720  -13.671 1.00 19.26 ? 116 ASN A OD1 1 
ATOM   671  N  ND2 . ASN A 1 75  ? -1.478  -5.975  -12.445 1.00 18.90 ? 116 ASN A ND2 1 
ATOM   672  N  N   . ASN A 1 76  ? -0.801  -10.977 -9.598  1.00 9.24  ? 117 ASN A N   1 
ATOM   673  C  CA  . ASN A 1 76  ? -0.001  -12.095 -9.066  1.00 9.11  ? 117 ASN A CA  1 
ATOM   674  C  C   . ASN A 1 76  ? 1.460   -11.683 -8.949  1.00 8.88  ? 117 ASN A C   1 
ATOM   675  O  O   . ASN A 1 76  ? 2.374   -12.511 -9.127  1.00 9.65  ? 117 ASN A O   1 
ATOM   676  C  CB  . ASN A 1 76  ? -0.194  -13.367 -9.905  1.00 10.54 ? 117 ASN A CB  1 
ATOM   677  C  CG  . ASN A 1 76  ? -1.655  -13.669 -10.157 1.00 12.33 ? 117 ASN A CG  1 
ATOM   678  O  OD1 . ASN A 1 76  ? -2.362  -13.996 -9.206  1.00 13.28 ? 117 ASN A OD1 1 
ATOM   679  N  ND2 . ASN A 1 76  ? -2.100  -13.515 -11.387 1.00 14.18 ? 117 ASN A ND2 1 
ATOM   680  N  N   . TYR A 1 77  ? 1.739   -10.434 -8.561  1.00 8.32  ? 118 TYR A N   1 
ATOM   681  C  CA  . TYR A 1 77  ? 3.104   -9.889  -8.461  1.00 8.05  ? 118 TYR A CA  1 
ATOM   682  C  C   . TYR A 1 77  ? 3.842   -10.494 -7.265  1.00 7.64  ? 118 TYR A C   1 
ATOM   683  O  O   . TYR A 1 77  ? 5.062   -10.557 -7.291  1.00 8.62  ? 118 TYR A O   1 
ATOM   684  C  CB  . TYR A 1 77  ? 3.013   -8.375  -8.375  1.00 8.02  ? 118 TYR A CB  1 
ATOM   685  C  CG  . TYR A 1 77  ? 4.298   -7.615  -8.474  1.00 7.88  ? 118 TYR A CG  1 
ATOM   686  C  CD1 . TYR A 1 77  ? 4.813   -7.252  -9.716  1.00 8.90  ? 118 TYR A CD1 1 
ATOM   687  C  CD2 . TYR A 1 77  ? 4.996   -7.239  -7.349  1.00 8.33  ? 118 TYR A CD2 1 
ATOM   688  C  CE1 . TYR A 1 77  ? 5.912   -6.447  -9.822  1.00 9.73  ? 118 TYR A CE1 1 
ATOM   689  C  CE2 . TYR A 1 77  ? 6.135   -6.466  -7.437  1.00 9.13  ? 118 TYR A CE2 1 
ATOM   690  C  CZ  . TYR A 1 77  ? 6.606   -6.095  -8.684  1.00 9.25  ? 118 TYR A CZ  1 
ATOM   691  O  OH  . TYR A 1 77  ? 7.724   -5.308  -8.851  1.00 11.38 ? 118 TYR A OH  1 
ATOM   692  N  N   . TYR A 1 78  ? 3.105   -10.809 -6.199  1.00 7.62  ? 119 TYR A N   1 
ATOM   693  C  CA  . TYR A 1 78  ? 3.702   -11.328 -4.956  1.00 7.23  ? 119 TYR A CA  1 
ATOM   694  C  C   . TYR A 1 78  ? 3.613   -12.857 -4.929  1.00 7.36  ? 119 TYR A C   1 
ATOM   695  O  O   . TYR A 1 78  ? 2.545   -13.422 -5.205  1.00 8.88  ? 119 TYR A O   1 
ATOM   696  C  CB  . TYR A 1 78  ? 2.939   -10.825 -3.751  1.00 7.37  ? 119 TYR A CB  1 
ATOM   697  C  CG  . TYR A 1 78  ? 2.760   -9.340  -3.605  1.00 7.02  ? 119 TYR A CG  1 
ATOM   698  C  CD1 . TYR A 1 78  ? 3.824   -8.499  -3.416  1.00 7.58  ? 119 TYR A CD1 1 
ATOM   699  C  CD2 . TYR A 1 78  ? 1.485   -8.791  -3.611  1.00 7.90  ? 119 TYR A CD2 1 
ATOM   700  C  CE1 . TYR A 1 78  ? 3.626   -7.133  -3.195  1.00 7.44  ? 119 TYR A CE1 1 
ATOM   701  C  CE2 . TYR A 1 78  ? 1.266   -7.439  -3.384  1.00 8.09  ? 119 TYR A CE2 1 
ATOM   702  C  CZ  . TYR A 1 78  ? 2.328   -6.613  -3.139  1.00 7.04  ? 119 TYR A CZ  1 
ATOM   703  O  OH  . TYR A 1 78  ? 2.063   -5.284  -2.874  1.00 7.63  ? 119 TYR A OH  1 
ATOM   704  N  N   . TRP A 1 79  ? 4.690   -13.510 -4.566  1.00 7.61  ? 120 TRP A N   1 
ATOM   705  C  CA  . TRP A 1 79  ? 4.679   -14.969 -4.345  1.00 7.51  ? 120 TRP A CA  1 
ATOM   706  C  C   . TRP A 1 79  ? 4.375   -15.268 -2.876  1.00 7.52  ? 120 TRP A C   1 
ATOM   707  O  O   . TRP A 1 79  ? 3.677   -16.246 -2.566  1.00 7.67  ? 120 TRP A O   1 
ATOM   708  C  CB  . TRP A 1 79  ? 6.059   -15.516 -4.744  1.00 8.15  ? 120 TRP A CB  1 
ATOM   709  C  CG  . TRP A 1 79  ? 6.201   -17.025 -4.691  1.00 7.82  ? 120 TRP A CG  1 
ATOM   710  C  CD1 . TRP A 1 79  ? 6.812   -17.724 -3.691  1.00 7.32  ? 120 TRP A CD1 1 
ATOM   711  C  CD2 . TRP A 1 79  ? 5.838   -17.976 -5.703  1.00 7.35  ? 120 TRP A CD2 1 
ATOM   712  N  NE1 . TRP A 1 79  ? 6.822   -19.062 -4.006  1.00 7.50  ? 120 TRP A NE1 1 
ATOM   713  C  CE2 . TRP A 1 79  ? 6.291   -19.251 -5.247  1.00 7.76  ? 120 TRP A CE2 1 
ATOM   714  C  CE3 . TRP A 1 79  ? 5.285   -17.912 -6.971  1.00 8.03  ? 120 TRP A CE3 1 
ATOM   715  C  CZ2 . TRP A 1 79  ? 6.151   -20.403 -5.998  1.00 7.47  ? 120 TRP A CZ2 1 
ATOM   716  C  CZ3 . TRP A 1 79  ? 5.142   -19.059 -7.712  1.00 8.06  ? 120 TRP A CZ3 1 
ATOM   717  C  CH2 . TRP A 1 79  ? 5.571   -20.296 -7.223  1.00 7.92  ? 120 TRP A CH2 1 
ATOM   718  N  N   . ASN A 1 80  ? 4.934   -14.506 -1.961  1.00 8.04  ? 121 ASN A N   1 
ATOM   719  C  CA  . ASN A 1 80  ? 4.812   -14.688 -0.503  1.00 8.20  ? 121 ASN A CA  1 
ATOM   720  C  C   . ASN A 1 80  ? 3.933   -13.596 0.080   1.00 8.00  ? 121 ASN A C   1 
ATOM   721  O  O   . ASN A 1 80  ? 4.091   -12.384 -0.261  1.00 8.34  ? 121 ASN A O   1 
ATOM   722  C  CB  . ASN A 1 80  ? 6.153   -14.641 0.213   1.00 9.08  ? 121 ASN A CB  1 
ATOM   723  C  CG  . ASN A 1 80  ? 6.942   -15.903 -0.020  1.00 8.81  ? 121 ASN A CG  1 
ATOM   724  O  OD1 . ASN A 1 80  ? 6.383   -16.982 -0.314  1.00 10.11 ? 121 ASN A OD1 1 
ATOM   725  N  ND2 . ASN A 1 80  ? 8.223   -15.822 0.175   1.00 10.38 ? 121 ASN A ND2 1 
ATOM   726  N  N   . ALA A 1 81  ? 3.091   -13.960 1.024   1.00 8.39  ? 122 ALA A N   1 
ATOM   727  C  CA  . ALA A 1 81  ? 2.228   -13.002 1.751   1.00 8.72  ? 122 ALA A CA  1 
ATOM   728  C  C   . ALA A 1 81  ? 3.076   -11.899 2.337   1.00 8.10  ? 122 ALA A C   1 
ATOM   729  O  O   . ALA A 1 81  ? 2.625   -10.727 2.340   1.00 9.08  ? 122 ALA A O   1 
ATOM   730  C  CB  . ALA A 1 81  ? 1.523   -13.734 2.862   1.00 11.31 ? 122 ALA A CB  1 
ATOM   731  N  N   . GLN A 1 82  ? 4.226   -12.197 2.890   1.00 8.56  ? 123 GLN A N   1 
ATOM   732  C  CA  . GLN A 1 82  ? 5.012   -11.141 3.543   1.00 9.34  ? 123 GLN A CA  1 
ATOM   733  C  C   . GLN A 1 82  ? 5.454   -10.065 2.558   1.00 8.62  ? 123 GLN A C   1 
ATOM   734  O  O   . GLN A 1 82  ? 5.711   -8.925  3.043   1.00 8.95  ? 123 GLN A O   1 
ATOM   735  C  CB  . GLN A 1 82  ? 6.194   -11.759 4.281   1.00 12.14 ? 123 GLN A CB  1 
ATOM   736  C  CG  . GLN A 1 82  ? 6.902   -10.738 5.180   1.00 15.14 ? 123 GLN A CG  1 
ATOM   737  C  CD  . GLN A 1 82  ? 6.035   -10.079 6.243   1.00 15.22 ? 123 GLN A CD  1 
ATOM   738  O  OE1 . GLN A 1 82  ? 5.075   -10.666 6.837   1.00 15.96 ? 123 GLN A OE1 1 
ATOM   739  N  NE2 . GLN A 1 82  ? 6.335   -8.795  6.458   1.00 18.37 ? 123 GLN A NE2 1 
ATOM   740  N  N   . GLU A 1 83  ? 5.609   -10.351 1.287   1.00 8.10  ? 124 GLU A N   1 
ATOM   741  C  CA  . GLU A 1 83  ? 5.970   -9.271  0.329   1.00 8.28  ? 124 GLU A CA  1 
ATOM   742  C  C   . GLU A 1 83  ? 4.840   -8.236  0.278   1.00 8.27  ? 124 GLU A C   1 
ATOM   743  O  O   . GLU A 1 83  ? 5.134   -7.014  0.132   1.00 9.62  ? 124 GLU A O   1 
ATOM   744  C  CB  . GLU A 1 83  ? 6.201   -9.869  -1.046  1.00 9.37  ? 124 GLU A CB  1 
ATOM   745  C  CG  . GLU A 1 83  ? 7.319   -10.861 -1.179  1.00 10.53 ? 124 GLU A CG  1 
ATOM   746  C  CD  . GLU A 1 83  ? 7.398   -11.504 -2.546  1.00 12.94 ? 124 GLU A CD  1 
ATOM   747  O  OE1 . GLU A 1 83  ? 6.636   -12.357 -2.910  1.00 12.48 ? 124 GLU A OE1 1 
ATOM   748  O  OE2 . GLU A 1 83  ? 8.385   -11.203 -3.330  1.00 19.22 ? 124 GLU A OE2 1 
ATOM   749  N  N   . CYS A 1 84  ? 3.615   -8.645  0.328   1.00 7.88  ? 125 CYS A N   1 
ATOM   750  C  CA  . CYS A 1 84  ? 2.471   -7.716  0.332   1.00 7.62  ? 125 CYS A CA  1 
ATOM   751  C  C   . CYS A 1 84  ? 2.383   -7.004  1.673   1.00 7.20  ? 125 CYS A C   1 
ATOM   752  O  O   . CYS A 1 84  ? 2.183   -5.752  1.689   1.00 7.70  ? 125 CYS A O   1 
ATOM   753  C  CB  . CYS A 1 84  ? 1.226   -8.545  0.034   1.00 8.13  ? 125 CYS A CB  1 
ATOM   754  S  SG  . CYS A 1 84  ? -0.300  -7.601  0.144   1.00 9.64  ? 125 CYS A SG  1 
ATOM   755  N  N   . ILE A 1 85  ? 2.482   -7.708  2.784   1.00 7.52  ? 126 ILE A N   1 
ATOM   756  C  CA  . ILE A 1 85  ? 2.462   -7.070  4.108   1.00 7.46  ? 126 ILE A CA  1 
ATOM   757  C  C   . ILE A 1 85  ? 3.567   -6.012  4.212   1.00 7.39  ? 126 ILE A C   1 
ATOM   758  O  O   . ILE A 1 85  ? 3.300   -4.925  4.749   1.00 8.27  ? 126 ILE A O   1 
ATOM   759  C  CB  . ILE A 1 85  ? 2.543   -8.168  5.178   1.00 7.99  ? 126 ILE A CB  1 
ATOM   760  C  CG1 . ILE A 1 85  ? 1.278   -9.023  5.145   1.00 9.02  ? 126 ILE A CG1 1 
ATOM   761  C  CG2 . ILE A 1 85  ? 2.780   -7.552  6.554   1.00 8.62  ? 126 ILE A CG2 1 
ATOM   762  C  CD1 . ILE A 1 85  ? 1.378   -10.338 5.912   1.00 9.27  ? 126 ILE A CD1 1 
ATOM   763  N  N   . GLN A 1 86  ? 4.732   -6.301  3.666   1.00 6.83  ? 127 GLN A N   1 
ATOM   764  C  CA  . GLN A 1 86  ? 5.834   -5.328  3.644   1.00 8.01  ? 127 GLN A CA  1 
ATOM   765  C  C   . GLN A 1 86  ? 5.418   -4.056  2.912   1.00 6.74  ? 127 GLN A C   1 
ATOM   766  O  O   . GLN A 1 86  ? 5.776   -2.961  3.383   1.00 7.24  ? 127 GLN A O   1 
ATOM   767  C  CB  . GLN A 1 86  ? 7.062   -5.974  2.999   1.00 8.67  ? 127 GLN A CB  1 
ATOM   768  C  CG  . GLN A 1 86  ? 8.258   -5.041  2.994   1.00 10.58 ? 127 GLN A CG  1 
ATOM   769  C  CD  . GLN A 1 86  ? 9.517   -5.734  2.536   1.00 12.31 ? 127 GLN A CD  1 
ATOM   770  O  OE1 . GLN A 1 86  ? 9.894   -6.743  3.147   1.00 15.14 ? 127 GLN A OE1 1 
ATOM   771  N  NE2 . GLN A 1 86  ? 10.218  -5.193  1.566   1.00 14.60 ? 127 GLN A NE2 1 
ATOM   772  N  N   . ASP A 1 87  ? 4.723   -4.174  1.803   1.00 6.36  ? 128 ASP A N   1 
ATOM   773  C  CA  . ASP A 1 87  ? 4.269   -2.983  1.080   1.00 6.09  ? 128 ASP A CA  1 
ATOM   774  C  C   . ASP A 1 87  ? 3.266   -2.162  1.861   1.00 6.07  ? 128 ASP A C   1 
ATOM   775  O  O   . ASP A 1 87  ? 3.365   -0.924  1.906   1.00 6.11  ? 128 ASP A O   1 
ATOM   776  C  CB  . ASP A 1 87  ? 3.718   -3.358  -0.277  1.00 6.97  ? 128 ASP A CB  1 
ATOM   777  C  CG  . ASP A 1 87  ? 4.746   -3.586  -1.367  1.00 7.33  ? 128 ASP A CG  1 
ATOM   778  O  OD1 . ASP A 1 87  ? 5.925   -3.215  -1.151  1.00 9.16  ? 128 ASP A OD1 1 
ATOM   779  O  OD2 . ASP A 1 87  ? 4.349   -4.111  -2.442  1.00 7.48  ? 128 ASP A OD2 1 
ATOM   780  N  N   . PHE A 1 88  ? 2.316   -2.789  2.564   1.00 6.33  ? 129 PHE A N   1 
ATOM   781  C  CA  . PHE A 1 88  ? 1.427   -2.020  3.450   1.00 6.31  ? 129 PHE A CA  1 
ATOM   782  C  C   . PHE A 1 88  ? 2.262   -1.297  4.506   1.00 6.38  ? 129 PHE A C   1 
ATOM   783  O  O   . PHE A 1 88  ? 2.044   -0.110  4.792   1.00 7.14  ? 129 PHE A O   1 
ATOM   784  C  CB  . PHE A 1 88  ? 0.384   -2.934  4.130   1.00 7.12  ? 129 PHE A CB  1 
ATOM   785  C  CG  . PHE A 1 88  ? -0.823  -3.275  3.329   1.00 7.58  ? 129 PHE A CG  1 
ATOM   786  C  CD1 . PHE A 1 88  ? -1.872  -2.351  3.234   1.00 8.89  ? 129 PHE A CD1 1 
ATOM   787  C  CD2 . PHE A 1 88  ? -0.974  -4.513  2.725   1.00 8.46  ? 129 PHE A CD2 1 
ATOM   788  C  CE1 . PHE A 1 88  ? -3.004  -2.708  2.520   1.00 9.84  ? 129 PHE A CE1 1 
ATOM   789  C  CE2 . PHE A 1 88  ? -2.116  -4.839  2.019   1.00 9.52  ? 129 PHE A CE2 1 
ATOM   790  C  CZ  . PHE A 1 88  ? -3.132  -3.930  1.952   1.00 9.60  ? 129 PHE A CZ  1 
ATOM   791  N  N   . ASN A 1 89  ? 3.208   -2.011  5.119   1.00 6.65  ? 130 ASN A N   1 
ATOM   792  C  CA  . ASN A 1 89  ? 4.032   -1.391  6.151   1.00 7.31  ? 130 ASN A CA  1 
ATOM   793  C  C   . ASN A 1 89  ? 4.843   -0.240  5.595   1.00 6.74  ? 130 ASN A C   1 
ATOM   794  O  O   . ASN A 1 89  ? 4.942   0.803   6.326   1.00 7.45  ? 130 ASN A O   1 
ATOM   795  C  CB  . ASN A 1 89  ? 4.947   -2.413  6.792   1.00 9.19  ? 130 ASN A CB  1 
ATOM   796  C  CG  . ASN A 1 89  ? 4.292   -3.501  7.609   1.00 15.17 ? 130 ASN A CG  1 
ATOM   797  O  OD1 . ASN A 1 89  ? 3.232   -3.304  8.105   1.00 19.57 ? 130 ASN A OD1 1 
ATOM   798  N  ND2 . ASN A 1 89  ? 4.992   -4.622  7.725   1.00 17.51 ? 130 ASN A ND2 1 
ATOM   799  N  N   . THR A 1 90  ? 5.372   -0.338  4.409   1.00 6.14  ? 131 THR A N   1 
ATOM   800  C  CA  . THR A 1 90  ? 6.081   0.772   3.767   1.00 6.32  ? 131 THR A CA  1 
ATOM   801  C  C   . THR A 1 90  ? 5.179   1.979   3.597   1.00 5.85  ? 131 THR A C   1 
ATOM   802  O  O   . THR A 1 90  ? 5.612   3.121   3.851   1.00 6.36  ? 131 THR A O   1 
ATOM   803  C  CB  . THR A 1 90  ? 6.696   0.315   2.463   1.00 6.96  ? 131 THR A CB  1 
ATOM   804  O  OG1 . THR A 1 90  ? 7.734   -0.653  2.765   1.00 7.49  ? 131 THR A OG1 1 
ATOM   805  C  CG2 . THR A 1 90  ? 7.212   1.443   1.622   1.00 7.42  ? 131 THR A CG2 1 
ATOM   806  N  N   . MET A 1 91  ? 3.971   1.751   3.132   1.00 6.09  ? 132 MET A N   1 
ATOM   807  C  CA  . MET A 1 91  ? 3.008   2.873   2.980   1.00 6.07  ? 132 MET A CA  1 
ATOM   808  C  C   . MET A 1 91  ? 2.837   3.591   4.297   1.00 6.06  ? 132 MET A C   1 
ATOM   809  O  O   . MET A 1 91  ? 2.866   4.853   4.339   1.00 6.35  ? 132 MET A O   1 
ATOM   810  C  CB  . MET A 1 91  ? 1.679   2.296   2.470   1.00 6.31  ? 132 MET A CB  1 
ATOM   811  C  CG  . MET A 1 91  ? 0.603   3.369   2.274   1.00 6.98  ? 132 MET A CG  1 
ATOM   812  S  SD  . MET A 1 91  ? -0.975  2.672   1.773   1.00 7.71  ? 132 MET A SD  1 
ATOM   813  C  CE  . MET A 1 91  ? -1.556  2.094   3.360   1.00 11.13 ? 132 MET A CE  1 
ATOM   814  N  N   . PHE A 1 92  ? 2.607   2.849   5.375   1.00 6.10  ? 133 PHE A N   1 
ATOM   815  C  CA  . PHE A 1 92  ? 2.419   3.507   6.687   1.00 6.25  ? 133 PHE A CA  1 
ATOM   816  C  C   . PHE A 1 92  ? 3.678   4.207   7.159   1.00 6.20  ? 133 PHE A C   1 
ATOM   817  O  O   . PHE A 1 92  ? 3.580   5.390   7.579   1.00 7.17  ? 133 PHE A O   1 
ATOM   818  C  CB  . PHE A 1 92  ? 1.915   2.512   7.744   1.00 6.71  ? 133 PHE A CB  1 
ATOM   819  C  CG  . PHE A 1 92  ? 0.559   1.910   7.443   1.00 7.72  ? 133 PHE A CG  1 
ATOM   820  C  CD1 . PHE A 1 92  ? -0.527  2.742   7.281   1.00 10.36 ? 133 PHE A CD1 1 
ATOM   821  C  CD2 . PHE A 1 92  ? 0.335   0.545   7.363   1.00 9.05  ? 133 PHE A CD2 1 
ATOM   822  C  CE1 . PHE A 1 92  ? -1.787  2.205   7.033   1.00 11.37 ? 133 PHE A CE1 1 
ATOM   823  C  CE2 . PHE A 1 92  ? -0.953  0.017   7.136   1.00 9.72  ? 133 PHE A CE2 1 
ATOM   824  C  CZ  . PHE A 1 92  ? -1.965  0.868   6.951   1.00 11.24 ? 133 PHE A CZ  1 
ATOM   825  N  N   . THR A 1 93  ? 4.818   3.557   7.089   1.00 6.67  ? 134 THR A N   1 
ATOM   826  C  CA  . THR A 1 93  ? 6.037   4.219   7.574   1.00 7.14  ? 134 THR A CA  1 
ATOM   827  C  C   . THR A 1 93  ? 6.388   5.425   6.727   1.00 7.07  ? 134 THR A C   1 
ATOM   828  O  O   . THR A 1 93  ? 6.896   6.403   7.345   1.00 7.28  ? 134 THR A O   1 
ATOM   829  C  CB  . THR A 1 93  ? 7.174   3.225   7.701   1.00 9.61  ? 134 THR A CB  1 
ATOM   830  O  OG1 . THR A 1 93  ? 7.441   2.490   6.564   1.00 11.84 ? 134 THR A OG1 1 
ATOM   831  C  CG2 . THR A 1 93  ? 6.872   2.176   8.729   1.00 12.20 ? 134 THR A CG2 1 
ATOM   832  N  N   . ASN A 1 94  ? 6.177   5.409   5.440   1.00 6.43  ? 135 ASN A N   1 
ATOM   833  C  CA  . ASN A 1 94  ? 6.397   6.609   4.647   1.00 6.45  ? 135 ASN A CA  1 
ATOM   834  C  C   . ASN A 1 94  ? 5.598   7.767   5.211   1.00 6.17  ? 135 ASN A C   1 
ATOM   835  O  O   . ASN A 1 94  ? 6.110   8.924   5.332   1.00 6.64  ? 135 ASN A O   1 
ATOM   836  C  CB  . ASN A 1 94  ? 5.975   6.413   3.205   1.00 6.97  ? 135 ASN A CB  1 
ATOM   837  C  CG  . ASN A 1 94  ? 6.881   5.516   2.389   1.00 7.36  ? 135 ASN A CG  1 
ATOM   838  O  OD1 . ASN A 1 94  ? 8.001   5.242   2.805   1.00 8.17  ? 135 ASN A OD1 1 
ATOM   839  N  ND2 . ASN A 1 94  ? 6.401   5.073   1.236   1.00 7.31  ? 135 ASN A ND2 1 
ATOM   840  N  N   . CYS A 1 95  ? 4.325   7.534   5.539   1.00 5.97  ? 136 CYS A N   1 
ATOM   841  C  CA  . CYS A 1 95  ? 3.456   8.573   6.098   1.00 6.26  ? 136 CYS A CA  1 
ATOM   842  C  C   . CYS A 1 95  ? 4.032   9.099   7.403   1.00 6.17  ? 136 CYS A C   1 
ATOM   843  O  O   . CYS A 1 95  ? 3.994   10.330  7.652   1.00 6.73  ? 136 CYS A O   1 
ATOM   844  C  CB  . CYS A 1 95  ? 2.034   8.012   6.226   1.00 6.31  ? 136 CYS A CB  1 
ATOM   845  S  SG  . CYS A 1 95  ? 0.821   9.213   6.721   1.00 7.90  ? 136 CYS A SG  1 
ATOM   846  N  N   . TYR A 1 96  ? 4.516   8.180   8.229   1.00 6.12  ? 137 TYR A N   1 
ATOM   847  C  CA  . TYR A 1 96  ? 5.048   8.559   9.551   1.00 6.86  ? 137 TYR A CA  1 
ATOM   848  C  C   . TYR A 1 96  ? 6.393   9.272   9.504   1.00 6.76  ? 137 TYR A C   1 
ATOM   849  O  O   . TYR A 1 96  ? 6.800   9.896   10.491  1.00 8.45  ? 137 TYR A O   1 
ATOM   850  C  CB  . TYR A 1 96  ? 5.039   7.379   10.535  1.00 7.50  ? 137 TYR A CB  1 
ATOM   851  C  CG  . TYR A 1 96  ? 3.692   6.635   10.620  1.00 7.80  ? 137 TYR A CG  1 
ATOM   852  C  CD1 . TYR A 1 96  ? 2.489   7.306   10.441  1.00 8.41  ? 137 TYR A CD1 1 
ATOM   853  C  CD2 . TYR A 1 96  ? 3.653   5.262   10.899  1.00 8.17  ? 137 TYR A CD2 1 
ATOM   854  C  CE1 . TYR A 1 96  ? 1.277   6.629   10.519  1.00 9.07  ? 137 TYR A CE1 1 
ATOM   855  C  CE2 . TYR A 1 96  ? 2.449   4.585   10.986  1.00 8.48  ? 137 TYR A CE2 1 
ATOM   856  C  CZ  . TYR A 1 96  ? 1.267   5.263   10.796  1.00 9.22  ? 137 TYR A CZ  1 
ATOM   857  O  OH  . TYR A 1 96  ? 0.059   4.605   10.887  1.00 11.13 ? 137 TYR A OH  1 
ATOM   858  N  N   . ILE A 1 97  ? 7.126   9.081   8.417   1.00 7.03  ? 138 ILE A N   1 
ATOM   859  C  CA  . ILE A 1 97  ? 8.391   9.797   8.237   1.00 7.61  ? 138 ILE A CA  1 
ATOM   860  C  C   . ILE A 1 97  ? 8.163   11.222  7.732   1.00 7.39  ? 138 ILE A C   1 
ATOM   861  O  O   . ILE A 1 97  ? 8.686   12.199  8.265   1.00 8.05  ? 138 ILE A O   1 
ATOM   862  C  CB  . ILE A 1 97  ? 9.269   9.049   7.186   1.00 8.35  ? 138 ILE A CB  1 
ATOM   863  C  CG1 . ILE A 1 97  ? 9.850   7.767   7.816   1.00 9.89  ? 138 ILE A CG1 1 
ATOM   864  C  CG2 . ILE A 1 97  ? 10.371  9.962   6.621   1.00 9.06  ? 138 ILE A CG2 1 
ATOM   865  C  CD1 . ILE A 1 97  ? 10.253  6.704   6.796   1.00 12.95 ? 138 ILE A CD1 1 
ATOM   866  N  N   . TYR A 1 98  ? 7.341   11.322  6.695   1.00 6.60  ? 139 TYR A N   1 
ATOM   867  C  CA  . TYR A 1 98  ? 7.125   12.611  6.028   1.00 6.63  ? 139 TYR A CA  1 
ATOM   868  C  C   . TYR A 1 98  ? 6.368   13.665  6.841   1.00 6.40  ? 139 TYR A C   1 
ATOM   869  O  O   . TYR A 1 98  ? 6.606   14.860  6.729   1.00 7.51  ? 139 TYR A O   1 
ATOM   870  C  CB  . TYR A 1 98  ? 6.418   12.409  4.670   1.00 7.09  ? 139 TYR A CB  1 
ATOM   871  C  CG  . TYR A 1 98  ? 6.663   13.571  3.718   1.00 6.44  ? 139 TYR A CG  1 
ATOM   872  C  CD1 . TYR A 1 98  ? 7.833   13.612  2.969   1.00 7.43  ? 139 TYR A CD1 1 
ATOM   873  C  CD2 . TYR A 1 98  ? 5.755   14.638  3.605   1.00 6.72  ? 139 TYR A CD2 1 
ATOM   874  C  CE1 . TYR A 1 98  ? 8.106   14.659  2.105   1.00 8.05  ? 139 TYR A CE1 1 
ATOM   875  C  CE2 . TYR A 1 98  ? 6.002   15.690  2.745   1.00 7.82  ? 139 TYR A CE2 1 
ATOM   876  C  CZ  . TYR A 1 98  ? 7.206   15.702  2.000   1.00 7.62  ? 139 TYR A CZ  1 
ATOM   877  O  OH  . TYR A 1 98  ? 7.509   16.736  1.125   1.00 9.35  ? 139 TYR A OH  1 
ATOM   878  N  N   . ASN A 1 99  ? 5.412   13.166  7.621   1.00 6.23  ? 140 ASN A N   1 
ATOM   879  C  CA  . ASN A 1 99  ? 4.401   13.984  8.283   1.00 6.47  ? 140 ASN A CA  1 
ATOM   880  C  C   . ASN A 1 99  ? 4.583   13.942  9.792   1.00 7.36  ? 140 ASN A C   1 
ATOM   881  O  O   . ASN A 1 99  ? 4.867   12.885  10.347  1.00 8.98  ? 140 ASN A O   1 
ATOM   882  C  CB  . ASN A 1 99  ? 3.015   13.463  7.907   1.00 6.65  ? 140 ASN A CB  1 
ATOM   883  C  CG  . ASN A 1 99  ? 2.777   13.412  6.418   1.00 6.61  ? 140 ASN A CG  1 
ATOM   884  O  OD1 . ASN A 1 99  ? 2.592   14.453  5.782   1.00 7.02  ? 140 ASN A OD1 1 
ATOM   885  N  ND2 . ASN A 1 99  ? 2.803   12.223  5.860   1.00 6.88  ? 140 ASN A ND2 1 
ATOM   886  N  N   . LYS A 1 100 ? 4.390   15.062  10.462  1.00 7.54  ? 141 LYS A N   1 
ATOM   887  C  CA  . LYS A 1 100 ? 4.653   15.132  11.907  1.00 8.11  ? 141 LYS A CA  1 
ATOM   888  C  C   . LYS A 1 100 ? 3.639   14.308  12.682  1.00 7.66  ? 141 LYS A C   1 
ATOM   889  O  O   . LYS A 1 100 ? 2.445   14.238  12.324  1.00 8.08  ? 141 LYS A O   1 
ATOM   890  C  CB  . LYS A 1 100 ? 4.597   16.599  12.334  1.00 10.54 ? 141 LYS A CB  1 
ATOM   891  C  CG  . LYS A 1 100 ? 4.840   16.967  13.773  1.00 15.51 ? 141 LYS A CG  1 
ATOM   892  C  CD  . LYS A 1 100 ? 4.783   18.493  13.993  1.00 20.06 ? 141 LYS A CD  1 
ATOM   893  C  CE  . LYS A 1 100 ? 5.242   18.943  15.366  1.00 26.90 ? 141 LYS A CE  1 
ATOM   894  N  NZ  . LYS A 1 100 ? 5.775   20.326  15.363  1.00 30.30 ? 141 LYS A NZ  1 
ATOM   895  N  N   . PRO A 1 101 ? 4.048   13.681  13.792  1.00 8.16  ? 142 PRO A N   1 
ATOM   896  C  CA  . PRO A 1 101 ? 3.079   12.995  14.647  1.00 9.00  ? 142 PRO A CA  1 
ATOM   897  C  C   . PRO A 1 101 ? 1.889   13.875  14.992  1.00 8.96  ? 142 PRO A C   1 
ATOM   898  O  O   . PRO A 1 101 ? 2.005   15.063  15.249  1.00 10.06 ? 142 PRO A O   1 
ATOM   899  C  CB  . PRO A 1 101 ? 3.878   12.663  15.909  1.00 10.27 ? 142 PRO A CB  1 
ATOM   900  C  CG  . PRO A 1 101 ? 5.279   12.512  15.356  1.00 10.82 ? 142 PRO A CG  1 
ATOM   901  C  CD  . PRO A 1 101 ? 5.449   13.545  14.280  1.00 9.62  ? 142 PRO A CD  1 
ATOM   902  N  N   . GLY A 1 102 ? 0.706   13.284  14.892  1.00 9.53  ? 143 GLY A N   1 
ATOM   903  C  CA  . GLY A 1 102 ? -0.524  13.982  15.207  1.00 10.23 ? 143 GLY A CA  1 
ATOM   904  C  C   . GLY A 1 102 ? -1.123  14.744  14.064  1.00 9.08  ? 143 GLY A C   1 
ATOM   905  O  O   . GLY A 1 102 ? -2.245  15.233  14.249  1.00 10.61 ? 143 GLY A O   1 
ATOM   906  N  N   . ASP A 1 103 ? -0.461  14.853  12.930  1.00 9.33  ? 144 ASP A N   1 
ATOM   907  C  CA  . ASP A 1 103 ? -1.025  15.542  11.783  1.00 9.23  ? 144 ASP A CA  1 
ATOM   908  C  C   . ASP A 1 103 ? -2.216  14.766  11.249  1.00 8.51  ? 144 ASP A C   1 
ATOM   909  O  O   . ASP A 1 103 ? -2.319  13.556  11.400  1.00 8.67  ? 144 ASP A O   1 
ATOM   910  C  CB  . ASP A 1 103 ? -0.034  15.632  10.645  1.00 10.90 ? 144 ASP A CB  1 
ATOM   911  C  CG  . ASP A 1 103 ? 0.899   16.813  10.638  1.00 15.56 ? 144 ASP A CG  1 
ATOM   912  O  OD1 . ASP A 1 103 ? 0.837   17.648  11.605  1.00 16.93 ? 144 ASP A OD1 1 
ATOM   913  O  OD2 . ASP A 1 103 ? 1.739   16.897  9.661   1.00 18.56 ? 144 ASP A OD2 1 
ATOM   914  N  N   . ASP A 1 104 ? -3.138  15.473  10.624  1.00 9.16  ? 145 ASP A N   1 
ATOM   915  C  CA  . ASP A 1 104 ? -4.354  14.842  10.059  1.00 8.93  ? 145 ASP A CA  1 
ATOM   916  C  C   . ASP A 1 104 ? -4.063  13.558  9.246   1.00 8.07  ? 145 ASP A C   1 
ATOM   917  O  O   . ASP A 1 104 ? -4.698  12.553  9.480   1.00 8.52  ? 145 ASP A O   1 
ATOM   918  C  CB  . ASP A 1 104 ? -5.118  15.840  9.201   1.00 12.16 ? 145 ASP A CB  1 
ATOM   919  C  CG  . ASP A 1 104 ? -4.324  16.683  8.279   1.00 13.76 ? 145 ASP A CG  1 
ATOM   920  O  OD1 . ASP A 1 104 ? -3.247  16.321  7.829   1.00 14.42 ? 145 ASP A OD1 1 
ATOM   921  O  OD2 . ASP A 1 104 ? -4.782  17.854  8.031   1.00 20.64 ? 145 ASP A OD2 1 
ATOM   922  N  N   . ILE A 1 105 ? -3.117  13.615  8.311   1.00 7.32  ? 146 ILE A N   1 
ATOM   923  C  CA  . ILE A 1 105 ? -2.863  12.447  7.442   1.00 7.57  ? 146 ILE A CA  1 
ATOM   924  C  C   . ILE A 1 105 ? -2.313  11.294  8.278   1.00 6.30  ? 146 ILE A C   1 
ATOM   925  O  O   . ILE A 1 105 ? -2.580  10.121  7.939   1.00 7.36  ? 146 ILE A O   1 
ATOM   926  C  CB  . ILE A 1 105 ? -1.925  12.831  6.275   1.00 7.94  ? 146 ILE A CB  1 
ATOM   927  C  CG1 . ILE A 1 105 ? -1.827  11.741  5.209   1.00 8.42  ? 146 ILE A CG1 1 
ATOM   928  C  CG2 . ILE A 1 105 ? -0.524  13.215  6.788   1.00 8.42  ? 146 ILE A CG2 1 
ATOM   929  C  CD1 . ILE A 1 105 ? -3.082  11.579  4.384   1.00 9.03  ? 146 ILE A CD1 1 
ATOM   930  N  N   . VAL A 1 106 ? -1.541  11.594  9.316   1.00 6.61  ? 147 VAL A N   1 
ATOM   931  C  CA  . VAL A 1 106 ? -0.966  10.577  10.206  1.00 6.90  ? 147 VAL A CA  1 
ATOM   932  C  C   . VAL A 1 106 ? -2.103  9.913   11.012  1.00 7.25  ? 147 VAL A C   1 
ATOM   933  O  O   . VAL A 1 106 ? -2.118  8.685   11.150  1.00 7.54  ? 147 VAL A O   1 
ATOM   934  C  CB  . VAL A 1 106 ? 0.082   11.172  11.124  1.00 7.08  ? 147 VAL A CB  1 
ATOM   935  C  CG1 . VAL A 1 106 ? 0.476   10.207  12.225  1.00 7.80  ? 147 VAL A CG1 1 
ATOM   936  C  CG2 . VAL A 1 106 ? 1.275   11.663  10.333  1.00 7.48  ? 147 VAL A CG2 1 
ATOM   937  N  N   . LEU A 1 107 ? -3.051  10.717  11.514  1.00 7.68  ? 148 LEU A N   1 
ATOM   938  C  CA  . LEU A 1 107 ? -4.196  10.149  12.253  1.00 7.89  ? 148 LEU A CA  1 
ATOM   939  C  C   . LEU A 1 107 ? -5.051  9.283   11.327  1.00 7.89  ? 148 LEU A C   1 
ATOM   940  O  O   . LEU A 1 107 ? -5.564  8.207   11.781  1.00 9.32  ? 148 LEU A O   1 
ATOM   941  C  CB  . LEU A 1 107 ? -5.036  11.284  12.835  1.00 8.96  ? 148 LEU A CB  1 
ATOM   942  C  CG  . LEU A 1 107 ? -4.294  12.207  13.814  1.00 10.20 ? 148 LEU A CG  1 
ATOM   943  C  CD1 . LEU A 1 107 ? -5.159  13.410  14.130  1.00 11.58 ? 148 LEU A CD1 1 
ATOM   944  C  CD2 . LEU A 1 107 ? -3.938  11.420  15.053  1.00 13.71 ? 148 LEU A CD2 1 
ATOM   945  N  N   . MET A 1 108 ? -5.195  9.663   10.089  1.00 7.63  ? 149 MET A N   1 
ATOM   946  C  CA  . MET A 1 108 ? -5.926  8.834   9.097   1.00 7.83  ? 149 MET A CA  1 
ATOM   947  C  C   . MET A 1 108 ? -5.182  7.523   8.880   1.00 8.35  ? 149 MET A C   1 
ATOM   948  O  O   . MET A 1 108 ? -5.815  6.413   8.918   1.00 9.29  ? 149 MET A O   1 
ATOM   949  C  CB  . MET A 1 108 ? -6.056  9.600   7.786   1.00 8.49  ? 149 MET A CB  1 
ATOM   950  C  CG  . MET A 1 108 ? -7.036  10.750  7.902   1.00 9.33  ? 149 MET A CG  1 
ATOM   951  S  SD  . MET A 1 108 ? -7.046  11.889  6.455   1.00 10.01 ? 149 MET A SD  1 
ATOM   952  C  CE  . MET A 1 108 ? -8.161  11.003  5.380   1.00 11.31 ? 149 MET A CE  1 
ATOM   953  N  N   . ALA A 1 109 ? -3.887  7.566   8.619   1.00 7.89  ? 150 ALA A N   1 
ATOM   954  C  CA  . ALA A 1 109 ? -3.073  6.357   8.438   1.00 7.77  ? 150 ALA A CA  1 
ATOM   955  C  C   . ALA A 1 109 ? -3.135  5.501   9.681   1.00 8.44  ? 150 ALA A C   1 
ATOM   956  O  O   . ALA A 1 109 ? -3.211  4.239   9.556   1.00 9.22  ? 150 ALA A O   1 
ATOM   957  C  CB  . ALA A 1 109 ? -1.638  6.740   8.132   1.00 8.63  ? 150 ALA A CB  1 
ATOM   958  N  N   . GLU A 1 110 ? -3.078  6.067   10.877  1.00 8.82  ? 151 GLU A N   1 
ATOM   959  C  CA  . GLU A 1 110 ? -3.110  5.258   12.114  1.00 9.74  ? 151 GLU A CA  1 
ATOM   960  C  C   . GLU A 1 110 ? -4.475  4.526   12.236  1.00 9.46  ? 151 GLU A C   1 
ATOM   961  O  O   . GLU A 1 110 ? -4.459  3.318   12.686  1.00 11.09 ? 151 GLU A O   1 
ATOM   962  C  CB  . GLU A 1 110 ? -2.863  6.132   13.336  1.00 10.21 ? 151 GLU A CB  1 
ATOM   963  C  CG  . GLU A 1 110 ? -1.423  6.585   13.482  1.00 11.02 ? 151 GLU A CG  1 
ATOM   964  C  CD  . GLU A 1 110 ? -1.165  7.578   14.603  1.00 13.35 ? 151 GLU A CD  1 
ATOM   965  O  OE1 . GLU A 1 110 ? -2.107  8.148   15.151  1.00 18.55 ? 151 GLU A OE1 1 
ATOM   966  O  OE2 . GLU A 1 110 ? -0.003  7.839   14.858  1.00 13.21 ? 151 GLU A OE2 1 
ATOM   967  N  N   . ALA A 1 111 ? -5.548  5.139   11.841  1.00 11.07 ? 152 ALA A N   1 
ATOM   968  C  CA  . ALA A 1 111 ? -6.907  4.509   11.872  1.00 11.69 ? 152 ALA A CA  1 
ATOM   969  C  C   . ALA A 1 111 ? -6.949  3.322   10.892  1.00 12.00 ? 152 ALA A C   1 
ATOM   970  O  O   . ALA A 1 111 ? -7.386  2.190   11.259  1.00 13.01 ? 152 ALA A O   1 
ATOM   971  C  CB  . ALA A 1 111 ? -7.988  5.501   11.580  1.00 13.09 ? 152 ALA A CB  1 
ATOM   972  N  N   . LEU A 1 112 ? -6.332  3.440   9.731   1.00 10.29 ? 153 LEU A N   1 
ATOM   973  C  CA  . LEU A 1 112 ? -6.209  2.317   8.787   1.00 10.22 ? 153 LEU A CA  1 
ATOM   974  C  C   . LEU A 1 112 ? -5.279  1.248   9.311   1.00 10.54 ? 153 LEU A C   1 
ATOM   975  O  O   . LEU A 1 112 ? -5.565  0.008   9.152   1.00 11.28 ? 153 LEU A O   1 
ATOM   976  C  CB  . LEU A 1 112 ? -5.681  2.822   7.435   1.00 9.73  ? 153 LEU A CB  1 
ATOM   977  C  CG  . LEU A 1 112 ? -6.569  3.804   6.706   1.00 10.39 ? 153 LEU A CG  1 
ATOM   978  C  CD1 . LEU A 1 112 ? -5.824  4.320   5.475   1.00 11.43 ? 153 LEU A CD1 1 
ATOM   979  C  CD2 . LEU A 1 112 ? -7.891  3.161   6.315   1.00 11.08 ? 153 LEU A CD2 1 
ATOM   980  N  N   . GLU A 1 113 ? -4.155  1.629   9.920   1.00 9.70  ? 154 GLU A N   1 
ATOM   981  C  CA  . GLU A 1 113 ? -3.171  0.652   10.344  1.00 9.74  ? 154 GLU A CA  1 
ATOM   982  C  C   . GLU A 1 113 ? -3.762  -0.205  11.477  1.00 10.07 ? 154 GLU A C   1 
ATOM   983  O  O   . GLU A 1 113 ? -3.435  -1.429  11.518  1.00 10.89 ? 154 GLU A O   1 
ATOM   984  C  CB  . GLU A 1 113 ? -1.896  1.360   10.788  1.00 10.52 ? 154 GLU A CB  1 
ATOM   985  C  CG  . GLU A 1 113 ? -0.784  0.401   11.158  1.00 11.44 ? 154 GLU A CG  1 
ATOM   986  C  CD  . GLU A 1 113 ? 0.475   1.044   11.706  1.00 14.16 ? 154 GLU A CD  1 
ATOM   987  O  OE1 . GLU A 1 113 ? 0.426   2.233   12.103  1.00 15.87 ? 154 GLU A OE1 1 
ATOM   988  O  OE2 . GLU A 1 113 ? 1.486   0.302   11.831  1.00 18.06 ? 154 GLU A OE2 1 
ATOM   989  N  N   . LYS A 1 114 ? -4.567  0.362   12.352  1.00 10.45 ? 155 LYS A N   1 
ATOM   990  C  CA  . LYS A 1 114 ? -5.218  -0.431  13.419  1.00 12.35 ? 155 LYS A CA  1 
ATOM   991  C  C   . LYS A 1 114 ? -6.018  -1.554  12.763  1.00 10.65 ? 155 LYS A C   1 
ATOM   992  O  O   . LYS A 1 114 ? -5.946  -2.739  13.268  1.00 11.68 ? 155 LYS A O   1 
ATOM   993  C  CB  . LYS A 1 114 ? -6.128  0.475   14.246  1.00 15.72 ? 155 LYS A CB  1 
ATOM   994  C  CG  . LYS A 1 114 ? -5.438  1.432   15.189  1.00 22.35 ? 155 LYS A CG  1 
ATOM   995  C  CD  . LYS A 1 114 ? -6.382  2.252   16.051  1.00 26.02 ? 155 LYS A CD  1 
ATOM   996  C  CE  . LYS A 1 114 ? -5.640  3.348   16.790  1.00 29.58 ? 155 LYS A CE  1 
ATOM   997  N  NZ  . LYS A 1 114 ? -5.182  4.411   15.866  1.00 34.29 ? 155 LYS A NZ  1 
ATOM   998  N  N   . LEU A 1 115 ? -6.796  -1.266  11.772  1.00 10.35 ? 156 LEU A N   1 
ATOM   999  C  CA  . LEU A 1 115 ? -7.629  -2.281  11.106  1.00 10.36 ? 156 LEU A CA  1 
ATOM   1000 C  C   . LEU A 1 115 ? -6.751  -3.275  10.386  1.00 9.60  ? 156 LEU A C   1 
ATOM   1001 O  O   . LEU A 1 115 ? -7.025  -4.499  10.407  1.00 10.87 ? 156 LEU A O   1 
ATOM   1002 C  CB  . LEU A 1 115 ? -8.592  -1.592  10.155  1.00 12.21 ? 156 LEU A CB  1 
ATOM   1003 C  CG  . LEU A 1 115 ? -9.655  -0.734  10.850  1.00 16.40 ? 156 LEU A CG  1 
ATOM   1004 C  CD1 . LEU A 1 115 ? -10.477 0.045   9.834   1.00 18.55 ? 156 LEU A CD1 1 
ATOM   1005 C  CD2 . LEU A 1 115 ? -10.575 -1.607  11.693  1.00 20.41 ? 156 LEU A CD2 1 
ATOM   1006 N  N   . PHE A 1 116 ? -5.700  -2.818  9.714   1.00 9.16  ? 157 PHE A N   1 
ATOM   1007 C  CA  . PHE A 1 116 ? -4.735  -3.698  9.044   1.00 9.25  ? 157 PHE A CA  1 
ATOM   1008 C  C   . PHE A 1 116 ? -4.179  -4.711  10.033  1.00 9.08  ? 157 PHE A C   1 
ATOM   1009 O  O   . PHE A 1 116 ? -4.174  -5.926  9.693   1.00 9.82  ? 157 PHE A O   1 
ATOM   1010 C  CB  . PHE A 1 116 ? -3.628  -2.816  8.448   1.00 9.18  ? 157 PHE A CB  1 
ATOM   1011 C  CG  . PHE A 1 116 ? -2.485  -3.604  7.857   1.00 9.94  ? 157 PHE A CG  1 
ATOM   1012 C  CD1 . PHE A 1 116 ? -2.625  -4.282  6.682   1.00 10.19 ? 157 PHE A CD1 1 
ATOM   1013 C  CD2 . PHE A 1 116 ? -1.250  -3.641  8.473   1.00 12.13 ? 157 PHE A CD2 1 
ATOM   1014 C  CE1 . PHE A 1 116 ? -1.559  -5.012  6.162   1.00 11.89 ? 157 PHE A CE1 1 
ATOM   1015 C  CE2 . PHE A 1 116 ? -0.193  -4.339  7.910   1.00 13.56 ? 157 PHE A CE2 1 
ATOM   1016 C  CZ  . PHE A 1 116 ? -0.370  -5.011  6.768   1.00 12.57 ? 157 PHE A CZ  1 
ATOM   1017 N  N   . LEU A 1 117 ? -3.679  -4.268  11.138  1.00 10.27 ? 158 LEU A N   1 
ATOM   1018 C  CA  . LEU A 1 117 ? -3.064  -5.204  12.096  1.00 11.50 ? 158 LEU A CA  1 
ATOM   1019 C  C   . LEU A 1 117 ? -4.078  -6.225  12.592  1.00 11.15 ? 158 LEU A C   1 
ATOM   1020 O  O   . LEU A 1 117 ? -3.683  -7.408  12.774  1.00 11.89 ? 158 LEU A O   1 
ATOM   1021 C  CB  . LEU A 1 117 ? -2.448  -4.429  13.249  1.00 13.96 ? 158 LEU A CB  1 
ATOM   1022 C  CG  . LEU A 1 117 ? -1.246  -3.571  12.848  1.00 17.42 ? 158 LEU A CG  1 
ATOM   1023 C  CD1 . LEU A 1 117 ? -0.840  -2.689  14.015  1.00 21.53 ? 158 LEU A CD1 1 
ATOM   1024 C  CD2 . LEU A 1 117 ? -0.072  -4.407  12.346  1.00 20.18 ? 158 LEU A CD2 1 
ATOM   1025 N  N   . GLN A 1 118 ? -5.296  -5.816  12.856  1.00 10.02 ? 159 GLN A N   1 
ATOM   1026 C  CA  . GLN A 1 118 ? -6.338  -6.771  13.282  1.00 11.81 ? 159 GLN A CA  1 
ATOM   1027 C  C   . GLN A 1 118 ? -6.477  -7.836  12.214  1.00 10.60 ? 159 GLN A C   1 
ATOM   1028 O  O   . GLN A 1 118 ? -6.536  -9.038  12.556  1.00 12.10 ? 159 GLN A O   1 
ATOM   1029 C  CB  . GLN A 1 118 ? -7.641  -6.035  13.491  1.00 13.04 ? 159 GLN A CB  1 
ATOM   1030 C  CG  . GLN A 1 118 ? -7.628  -5.186  14.762  1.00 17.04 ? 159 GLN A CG  1 
ATOM   1031 C  CD  . GLN A 1 118 ? -8.812  -4.277  14.961  1.00 20.96 ? 159 GLN A CD  1 
ATOM   1032 O  OE1 . GLN A 1 118 ? -9.579  -4.018  14.064  1.00 23.32 ? 159 GLN A OE1 1 
ATOM   1033 N  NE2 . GLN A 1 118 ? -8.949  -3.790  16.186  1.00 27.51 ? 159 GLN A NE2 1 
ATOM   1034 N  N   . LYS A 1 119 ? -6.585  -7.456  10.947  1.00 10.05 ? 160 LYS A N   1 
ATOM   1035 C  CA  . LYS A 1 119 ? -6.818  -8.455  9.899   1.00 10.41 ? 160 LYS A CA  1 
ATOM   1036 C  C   . LYS A 1 119 ? -5.581  -9.324  9.727   1.00 10.10 ? 160 LYS A C   1 
ATOM   1037 O  O   . LYS A 1 119 ? -5.764  -10.550 9.414   1.00 11.07 ? 160 LYS A O   1 
ATOM   1038 C  CB  . LYS A 1 119 ? -7.237  -7.810  8.580   1.00 11.78 ? 160 LYS A CB  1 
ATOM   1039 C  CG  . LYS A 1 119 ? -8.563  -7.066  8.610   1.00 14.26 ? 160 LYS A CG  1 
ATOM   1040 C  CD  . LYS A 1 119 ? -9.692  -7.893  9.159   1.00 15.70 ? 160 LYS A CD  1 
ATOM   1041 C  CE  . LYS A 1 119 ? -11.015 -7.136  9.160   1.00 20.80 ? 160 LYS A CE  1 
ATOM   1042 N  NZ  . LYS A 1 119 ? -12.115 -8.030  9.603   1.00 26.66 ? 160 LYS A NZ  1 
ATOM   1043 N  N   . ILE A 1 120 ? -4.374  -8.817  9.861   1.00 10.01 ? 161 ILE A N   1 
ATOM   1044 C  CA  . ILE A 1 120 ? -3.166  -9.649  9.732   1.00 10.70 ? 161 ILE A CA  1 
ATOM   1045 C  C   . ILE A 1 120 ? -3.109  -10.665 10.867  1.00 10.00 ? 161 ILE A C   1 
ATOM   1046 O  O   . ILE A 1 120 ? -2.552  -11.771 10.704  1.00 11.26 ? 161 ILE A O   1 
ATOM   1047 C  CB  . ILE A 1 120 ? -1.900  -8.753  9.630   1.00 10.99 ? 161 ILE A CB  1 
ATOM   1048 C  CG1 . ILE A 1 120 ? -1.913  -7.913  8.345   1.00 11.81 ? 161 ILE A CG1 1 
ATOM   1049 C  CG2 . ILE A 1 120 ? -0.642  -9.631  9.682   1.00 11.65 ? 161 ILE A CG2 1 
ATOM   1050 C  CD1 . ILE A 1 120 ? -2.114  -8.698  7.113   1.00 12.13 ? 161 ILE A CD1 1 
ATOM   1051 N  N   . ASN A 1 121 ? -3.621  -10.322 12.036  1.00 10.45 ? 162 ASN A N   1 
ATOM   1052 C  CA  . ASN A 1 121 ? -3.671  -11.299 13.150  1.00 10.64 ? 162 ASN A CA  1 
ATOM   1053 C  C   . ASN A 1 121 ? -4.628  -12.432 12.835  1.00 11.21 ? 162 ASN A C   1 
ATOM   1054 O  O   . ASN A 1 121 ? -4.538  -13.452 13.591  1.00 12.59 ? 162 ASN A O   1 
ATOM   1055 C  CB  . ASN A 1 121 ? -4.078  -10.639 14.444  1.00 11.00 ? 162 ASN A CB  1 
ATOM   1056 C  CG  . ASN A 1 121 ? -2.993  -9.782  14.991  1.00 11.57 ? 162 ASN A CG  1 
ATOM   1057 O  OD1 . ASN A 1 121 ? -1.803  -9.995  14.728  1.00 13.08 ? 162 ASN A OD1 1 
ATOM   1058 N  ND2 . ASN A 1 121 ? -3.363  -8.833  15.857  1.00 14.20 ? 162 ASN A ND2 1 
ATOM   1059 N  N   . GLU A 1 122 ? -5.459  -12.381 11.828  1.00 11.54 ? 163 GLU A N   1 
ATOM   1060 C  CA  . GLU A 1 122 ? -6.422  -13.422 11.430  1.00 13.10 ? 163 GLU A CA  1 
ATOM   1061 C  C   . GLU A 1 122 ? -5.997  -14.070 10.116  1.00 12.69 ? 163 GLU A C   1 
ATOM   1062 O  O   . GLU A 1 122 ? -6.807  -14.710 9.447   1.00 13.63 ? 163 GLU A O   1 
ATOM   1063 C  CB  . GLU A 1 122 ? -7.832  -12.806 11.404  1.00 13.88 ? 163 GLU A CB  1 
ATOM   1064 C  CG  . GLU A 1 122 ? -8.250  -12.191 12.751  1.00 16.35 ? 163 GLU A CG  1 
ATOM   1065 C  CD  . GLU A 1 122 ? -9.662  -11.618 12.822  1.00 23.17 ? 163 GLU A CD  1 
ATOM   1066 O  OE1 . GLU A 1 122 ? -10.476 -11.959 11.936  1.00 28.44 ? 163 GLU A OE1 1 
ATOM   1067 O  OE2 . GLU A 1 122 ? -9.962  -10.876 13.800  1.00 23.46 ? 163 GLU A OE2 1 
ATOM   1068 N  N   . LEU A 1 123 ? -4.737  -13.946 9.680   1.00 13.35 ? 164 LEU A N   1 
ATOM   1069 C  CA  . LEU A 1 123 ? -4.315  -14.567 8.407   1.00 15.18 ? 164 LEU A CA  1 
ATOM   1070 C  C   . LEU A 1 123 ? -4.666  -16.056 8.425   1.00 14.16 ? 164 LEU A C   1 
ATOM   1071 O  O   . LEU A 1 123 ? -4.406  -16.760 9.424   1.00 16.12 ? 164 LEU A O   1 
ATOM   1072 C  CB  . LEU A 1 123 ? -2.790  -14.448 8.265   1.00 19.17 ? 164 LEU A CB  1 
ATOM   1073 C  CG  . LEU A 1 123 ? -2.137  -13.342 7.451   1.00 22.71 ? 164 LEU A CG  1 
ATOM   1074 C  CD1 . LEU A 1 123 ? -0.647  -13.700 7.301   1.00 22.72 ? 164 LEU A CD1 1 
ATOM   1075 C  CD2 . LEU A 1 123 ? -2.790  -13.146 6.087   1.00 18.04 ? 164 LEU A CD2 1 
ATOM   1076 N  N   . PRO A 1 124 ? -5.167  -16.635 7.333   1.00 14.12 ? 165 PRO A N   1 
ATOM   1077 C  CA  . PRO A 1 124 ? -5.528  -18.054 7.319   1.00 13.64 ? 165 PRO A CA  1 
ATOM   1078 C  C   . PRO A 1 124 ? -4.280  -18.949 7.257   1.00 12.07 ? 165 PRO A C   1 
ATOM   1079 O  O   . PRO A 1 124 ? -3.197  -18.516 6.999   1.00 13.66 ? 165 PRO A O   1 
ATOM   1080 C  CB  . PRO A 1 124 ? -6.436  -18.231 6.117   1.00 15.95 ? 165 PRO A CB  1 
ATOM   1081 C  CG  . PRO A 1 124 ? -6.010  -17.118 5.203   1.00 16.54 ? 165 PRO A CG  1 
ATOM   1082 C  CD  . PRO A 1 124 ? -5.594  -15.961 6.102   1.00 14.46 ? 165 PRO A CD  1 
ATOM   1083 N  N   . THR A 1 125 ? -4.532  -20.234 7.479   1.00 13.21 ? 166 THR A N   1 
ATOM   1084 C  CA  . THR A 1 125 ? -3.524  -21.281 7.456   1.00 12.59 ? 166 THR A CA  1 
ATOM   1085 C  C   . THR A 1 125 ? -2.826  -21.441 6.105   1.00 11.91 ? 166 THR A C   1 
ATOM   1086 O  O   . THR A 1 125 ? -3.472  -21.507 5.062   1.00 13.45 ? 166 THR A O   1 
ATOM   1087 C  CB  . THR A 1 125 ? -4.176  -22.631 7.849   1.00 13.65 ? 166 THR A CB  1 
ATOM   1088 O  OG1 . THR A 1 125 ? -4.841  -22.496 9.114   1.00 17.62 ? 166 THR A OG1 1 
ATOM   1089 C  CG2 . THR A 1 125 ? -3.129  -23.746 7.923   1.00 15.31 ? 166 THR A CG2 1 
ATOM   1090 N  N   . GLU A 1 126 ? -1.498  -21.467 6.143   1.00 11.67 ? 167 GLU A N   1 
ATOM   1091 C  CA  . GLU A 1 126 ? -0.650  -21.652 4.969   1.00 11.58 ? 167 GLU A CA  1 
ATOM   1092 C  C   . GLU A 1 126 ? -0.665  -23.114 4.454   1.00 10.97 ? 167 GLU A C   1 
ATOM   1093 O  O   . GLU A 1 126 ? -0.804  -24.056 5.238   1.00 12.66 ? 167 GLU A O   1 
ATOM   1094 C  CB  . GLU A 1 126 ? 0.790   -21.235 5.362   1.00 15.80 ? 167 GLU A CB  1 
ATOM   1095 C  CG  . GLU A 1 126 ? 1.894   -21.474 4.368   1.00 17.75 ? 167 GLU A CG  1 
ATOM   1096 C  CD  . GLU A 1 126 ? 3.276   -21.175 4.922   1.00 15.45 ? 167 GLU A CD  1 
ATOM   1097 O  OE1 . GLU A 1 126 ? 3.399   -20.854 6.147   1.00 17.89 ? 167 GLU A OE1 1 
ATOM   1098 O  OE2 . GLU A 1 126 ? 4.194   -21.272 4.098   1.00 16.90 ? 167 GLU A OE2 1 
ATOM   1099 N  N   . GLU A 1 127 ? -0.509  -23.272 3.141   1.00 11.35 ? 168 GLU A N   1 
ATOM   1100 C  CA  . GLU A 1 127 ? -0.379  -24.585 2.496   1.00 11.48 ? 168 GLU A CA  1 
ATOM   1101 C  C   . GLU A 1 127 ? 0.928   -25.291 2.901   1.00 11.77 ? 168 GLU A C   1 
ATOM   1102 O  O   . GLU A 1 127 ? 1.924   -24.626 3.194   1.00 13.81 ? 168 GLU A O   1 
ATOM   1103 C  CB  . GLU A 1 127 ? -0.326  -24.435 0.975   1.00 10.69 ? 168 GLU A CB  1 
ATOM   1104 C  CG  . GLU A 1 127 ? -1.598  -23.891 0.318   1.00 10.93 ? 168 GLU A CG  1 
ATOM   1105 C  CD  . GLU A 1 127 ? -1.735  -22.362 0.352   1.00 10.05 ? 168 GLU A CD  1 
ATOM   1106 O  OE1 . GLU A 1 127 ? -0.915  -21.662 0.973   1.00 10.81 ? 168 GLU A OE1 1 
ATOM   1107 O  OE2 . GLU A 1 127 ? -2.660  -21.893 -0.299  1.00 11.51 ? 168 GLU A OE2 1 
ATOM   1108 O  OXT . GLU A 1 127 ? 1.007   -26.520 2.894   1.00 13.13 ? 168 GLU A OXT 1 
HETATM 1109 C  C1  A YF6 B 2 .   ? -2.939  12.870  -1.166  0.70 7.64  ? 201 YF6 A C1  1 
HETATM 1110 C  C1  B YF6 B 2 .   ? -2.888  12.794  -1.176  0.30 7.55  ? 201 YF6 A C1  1 
HETATM 1111 C  C2  A YF6 B 2 .   ? -3.901  13.459  -2.002  0.70 7.28  ? 201 YF6 A C2  1 
HETATM 1112 C  C2  B YF6 B 2 .   ? -3.902  13.385  -1.956  0.30 7.25  ? 201 YF6 A C2  1 
HETATM 1113 C  C3  A YF6 B 2 .   ? -4.645  14.547  -1.499  0.70 7.89  ? 201 YF6 A C3  1 
HETATM 1114 C  C3  B YF6 B 2 .   ? -4.519  14.569  -1.484  0.30 7.44  ? 201 YF6 A C3  1 
HETATM 1115 C  C4  A YF6 B 2 .   ? -4.403  14.990  -0.188  0.70 7.44  ? 201 YF6 A C4  1 
HETATM 1116 C  C4  B YF6 B 2 .   ? -4.058  15.122  -0.272  0.30 7.45  ? 201 YF6 A C4  1 
HETATM 1117 C  C5  A YF6 B 2 .   ? -3.428  14.427  0.630   0.70 7.31  ? 201 YF6 A C5  1 
HETATM 1118 C  C5  B YF6 B 2 .   ? -3.064  14.532  0.487   0.30 7.75  ? 201 YF6 A C5  1 
HETATM 1119 C  C6  A YF6 B 2 .   ? -2.689  13.360  0.116   0.70 7.50  ? 201 YF6 A C6  1 
HETATM 1120 C  C6  B YF6 B 2 .   ? -2.460  13.376  0.022   0.30 7.54  ? 201 YF6 A C6  1 
HETATM 1121 C  C7  A YF6 B 2 .   ? -1.532  12.872  0.911   0.70 6.66  ? 201 YF6 A C7  1 
HETATM 1122 C  C7  B YF6 B 2 .   ? -1.321  12.866  0.839   0.30 6.90  ? 201 YF6 A C7  1 
HETATM 1123 C  C8  A YF6 B 2 .   ? -0.674  13.842  1.488   0.70 7.50  ? 201 YF6 A C8  1 
HETATM 1124 C  C8  B YF6 B 2 .   ? -0.504  13.796  1.511   0.30 7.04  ? 201 YF6 A C8  1 
HETATM 1125 C  C9  A YF6 B 2 .   ? 0.429   13.464  2.241   0.70 6.84  ? 201 YF6 A C9  1 
HETATM 1126 C  C9  B YF6 B 2 .   ? 0.569   13.380  2.284   0.30 6.96  ? 201 YF6 A C9  1 
HETATM 1127 C  C10 A YF6 B 2 .   ? 0.738   12.076  2.427   0.70 6.34  ? 201 YF6 A C10 1 
HETATM 1128 C  C10 B YF6 B 2 .   ? 0.874   12.027  2.419   0.30 6.83  ? 201 YF6 A C10 1 
HETATM 1129 N  N1  A YF6 B 2 .   ? -0.145  11.173  1.828   0.70 6.23  ? 201 YF6 A N1  1 
HETATM 1130 N  N1  B YF6 B 2 .   ? 0.064   11.139  1.728   0.30 6.72  ? 201 YF6 A N1  1 
HETATM 1131 C  C11 A YF6 B 2 .   ? -1.231  11.560  1.054   0.70 6.97  ? 201 YF6 A C11 1 
HETATM 1132 C  C11 B YF6 B 2 .   ? -1.014  11.549  0.933   0.30 6.93  ? 201 YF6 A C11 1 
HETATM 1133 N  N2  A YF6 B 2 .   ? 1.302   14.393  2.787   0.70 7.26  ? 201 YF6 A N2  1 
HETATM 1134 N  N2  B YF6 B 2 .   ? 1.356   14.314  2.927   0.30 7.02  ? 201 YF6 A N2  1 
HETATM 1135 C  C12 A YF6 B 2 .   ? 0.909   15.760  3.042   0.70 6.96  ? 201 YF6 A C12 1 
HETATM 1136 C  C12 B YF6 B 2 .   ? 1.160   15.743  2.814   0.30 6.79  ? 201 YF6 A C12 1 
HETATM 1137 C  C13 A YF6 B 2 .   ? 2.096   16.642  3.402   0.70 6.91  ? 201 YF6 A C13 1 
HETATM 1138 C  C13 B YF6 B 2 .   ? 0.028   16.127  3.753   0.30 7.22  ? 201 YF6 A C13 1 
HETATM 1139 C  C14 A YF6 B 2 .   ? 1.665   18.077  3.631   0.70 7.31  ? 201 YF6 A C14 1 
HETATM 1140 C  C14 B YF6 B 2 .   ? -0.120  17.630  3.878   0.30 7.47  ? 201 YF6 A C14 1 
HETATM 1141 N  N3  A YF6 B 2 .   ? 0.629   18.167  4.654   0.70 8.01  ? 201 YF6 A N3  1 
HETATM 1142 N  N3  B YF6 B 2 .   ? 1.136   18.228  4.336   0.30 7.05  ? 201 YF6 A N3  1 
HETATM 1143 C  C15 A YF6 B 2 .   ? -0.582  17.413  4.254   0.70 7.83  ? 201 YF6 A C15 1 
HETATM 1144 C  C15 B YF6 B 2 .   ? 2.183   17.995  3.336   0.30 7.04  ? 201 YF6 A C15 1 
HETATM 1145 C  C16 A YF6 B 2 .   ? -0.227  15.936  4.052   0.70 7.58  ? 201 YF6 A C16 1 
HETATM 1146 C  C16 B YF6 B 2 .   ? 2.428   16.518  3.099   0.30 6.74  ? 201 YF6 A C16 1 
HETATM 1147 C  C17 A YF6 B 2 .   ? 0.080   9.738   2.015   0.70 6.43  ? 201 YF6 A C17 1 
HETATM 1148 C  C17 B YF6 B 2 .   ? 0.371   9.709   1.835   0.30 6.73  ? 201 YF6 A C17 1 
HETATM 1149 O  O1  A YF6 B 2 .   ? 1.683   11.649  3.130   0.70 6.92  ? 201 YF6 A O1  1 
HETATM 1150 O  O1  B YF6 B 2 .   ? 1.803   11.591  3.104   0.30 7.11  ? 201 YF6 A O1  1 
HETATM 1151 C  C18 A YF6 B 2 .   ? -5.646  15.407  -2.083  0.70 8.60  ? 201 YF6 A C18 1 
HETATM 1152 C  C18 B YF6 B 2 .   ? -5.523  15.470  -1.982  0.30 7.55  ? 201 YF6 A C18 1 
HETATM 1153 C  C19 A YF6 B 2 .   ? -5.994  16.292  -1.129  0.70 9.26  ? 201 YF6 A C19 1 
HETATM 1154 C  C19 B YF6 B 2 .   ? -5.648  16.466  -1.073  0.30 7.47  ? 201 YF6 A C19 1 
HETATM 1155 N  N4  A YF6 B 2 .   ? -5.261  16.075  0.031   0.70 7.84  ? 201 YF6 A N4  1 
HETATM 1156 N  N4  B YF6 B 2 .   ? -4.780  16.277  -0.030  0.30 7.23  ? 201 YF6 A N4  1 
HETATM 1157 N  N5  A YF6 B 2 .   ? -4.169  13.041  -3.315  0.70 7.45  ? 201 YF6 A N5  1 
HETATM 1158 N  N5  B YF6 B 2 .   ? -4.345  12.759  -3.168  0.30 7.28  ? 201 YF6 A N5  1 
HETATM 1159 S  S1  A YF6 B 2 .   ? -3.202  12.169  -4.257  0.70 7.21  ? 201 YF6 A S1  1 
HETATM 1160 S  S1  B YF6 B 2 .   ? -3.410  11.866  -4.157  0.30 7.21  ? 201 YF6 A S1  1 
HETATM 1161 C  C20 A YF6 B 2 .   ? -3.384  10.483  -3.790  0.70 8.29  ? 201 YF6 A C20 1 
HETATM 1162 C  C20 B YF6 B 2 .   ? -3.552  10.216  -3.559  0.30 7.91  ? 201 YF6 A C20 1 
HETATM 1163 C  C21 A YF6 B 2 .   ? -4.817  10.002  -4.000  0.70 8.69  ? 201 YF6 A C21 1 
HETATM 1164 C  C21 B YF6 B 2 .   ? -4.996  9.806   -3.535  0.30 8.23  ? 201 YF6 A C21 1 
HETATM 1165 O  O2  A YF6 B 2 .   ? -1.815  12.515  -4.038  0.70 7.86  ? 201 YF6 A O2  1 
HETATM 1166 O  O2  B YF6 B 2 .   ? -2.065  12.326  -3.966  0.30 7.79  ? 201 YF6 A O2  1 
HETATM 1167 O  O3  A YF6 B 2 .   ? -3.701  12.336  -5.586  0.70 7.57  ? 201 YF6 A O3  1 
HETATM 1168 O  O3  B YF6 B 2 .   ? -3.991  11.899  -5.450  0.30 7.36  ? 201 YF6 A O3  1 
HETATM 1169 C  C22 A YF6 B 2 .   ? -5.233  16.961  1.194   0.70 9.74  ? 201 YF6 A C22 1 
HETATM 1170 C  C22 B YF6 B 2 .   ? -4.625  17.092  1.154   0.30 7.62  ? 201 YF6 A C22 1 
HETATM 1171 C  C23 A YF6 B 2 .   ? -6.579  17.745  1.248   0.70 10.01 ? 201 YF6 A C23 1 
HETATM 1172 C  C23 B YF6 B 2 .   ? -3.175  17.639  1.139   0.30 6.92  ? 201 YF6 A C23 1 
HETATM 1173 C  C24 A YF6 B 2 .   ? -5.148  16.187  2.510   0.70 8.34  ? 201 YF6 A C24 1 
HETATM 1174 C  C24 B YF6 B 2 .   ? -5.626  18.253  1.093   0.30 8.97  ? 201 YF6 A C24 1 
HETATM 1175 C  C25 A YF6 B 2 .   ? -4.003  17.921  1.180   0.70 12.27 ? 201 YF6 A C25 1 
HETATM 1176 C  C25 B YF6 B 2 .   ? -4.870  16.242  2.433   0.30 7.76  ? 201 YF6 A C25 1 
HETATM 1177 N  N6  A YF6 B 2 .   ? -5.914  15.103  2.722   0.70 9.88  ? 201 YF6 A N6  1 
HETATM 1178 N  N6  B YF6 B 2 .   ? -6.715  18.136  1.845   0.30 11.62 ? 201 YF6 A N6  1 
HETATM 1179 C  C26 A YF6 B 2 .   ? -5.833  14.458  3.906   0.70 7.55  ? 201 YF6 A C26 1 
HETATM 1180 C  C26 B YF6 B 2 .   ? -7.564  19.173  1.823   0.30 11.68 ? 201 YF6 A C26 1 
HETATM 1181 C  C27 A YF6 B 2 .   ? -4.990  14.914  4.902   0.70 8.50  ? 201 YF6 A C27 1 
HETATM 1182 C  C27 B YF6 B 2 .   ? -7.377  20.307  1.056   0.30 11.73 ? 201 YF6 A C27 1 
HETATM 1183 C  C28 A YF6 B 2 .   ? -4.281  16.070  4.656   0.70 9.09  ? 201 YF6 A C28 1 
HETATM 1184 C  C28 B YF6 B 2 .   ? -6.248  20.392  0.276   0.30 11.02 ? 201 YF6 A C28 1 
HETATM 1185 C  C29 A YF6 B 2 .   ? -4.356  16.709  3.458   0.70 7.51  ? 201 YF6 A C29 1 
HETATM 1186 C  C29 B YF6 B 2 .   ? -5.353  19.354  0.302   0.30 9.77  ? 201 YF6 A C29 1 
HETATM 1187 C  C30 A YF6 B 2 .   ? -3.895  18.954  2.103   0.70 14.41 ? 201 YF6 A C30 1 
HETATM 1188 C  C30 B YF6 B 2 .   ? -4.145  16.467  3.587   0.30 7.60  ? 201 YF6 A C30 1 
HETATM 1189 C  C31 A YF6 B 2 .   ? -2.795  19.800  2.073   0.70 18.24 ? 201 YF6 A C31 1 
HETATM 1190 C  C31 B YF6 B 2 .   ? -4.353  15.666  4.699   0.30 8.15  ? 201 YF6 A C31 1 
HETATM 1191 C  C32 A YF6 B 2 .   ? -1.790  19.584  1.181   0.70 18.33 ? 201 YF6 A C32 1 
HETATM 1192 C  C32 B YF6 B 2 .   ? -5.258  14.649  4.656   0.30 8.43  ? 201 YF6 A C32 1 
HETATM 1193 C  C33 A YF6 B 2 .   ? -1.891  18.501  0.355   0.70 15.63 ? 201 YF6 A C33 1 
HETATM 1194 C  C33 B YF6 B 2 .   ? -5.942  14.467  3.493   0.30 8.31  ? 201 YF6 A C33 1 
HETATM 1195 N  N7  A YF6 B 2 .   ? -2.954  17.652  0.385   0.70 14.23 ? 201 YF6 A N7  1 
HETATM 1196 N  N7  B YF6 B 2 .   ? -5.707  15.190  2.370   0.30 8.79  ? 201 YF6 A N7  1 
HETATM 1197 NA NA  . NA  C 3 .   ? 10.489  -13.852 -8.297  1.00 19.45 ? 202 NA  A NA  1 
HETATM 1198 O  O   . HOH D 4 .   ? -2.928  3.056   -8.547  1.00 33.70 ? 301 HOH A O   1 
HETATM 1199 O  O   . HOH D 4 .   ? -9.693  -6.555  -7.018  1.00 36.18 ? 302 HOH A O   1 
HETATM 1200 O  O   . HOH D 4 .   ? -3.807  19.769  6.741   1.00 27.40 ? 303 HOH A O   1 
HETATM 1201 O  O   . HOH D 4 .   ? -4.166  -23.309 -1.832  1.00 26.81 ? 304 HOH A O   1 
HETATM 1202 O  O   . HOH D 4 .   ? 3.790   1.428   11.460  1.00 24.63 ? 305 HOH A O   1 
HETATM 1203 O  O   . HOH D 4 .   ? 13.586  7.444   1.726   1.00 17.44 ? 306 HOH A O   1 
HETATM 1204 O  O   . HOH D 4 .   ? -0.809  -2.961  -13.740 1.00 32.80 ? 307 HOH A O   1 
HETATM 1205 O  O   . HOH D 4 .   ? 10.055  17.323  -17.066 1.00 14.13 ? 308 HOH A O   1 
HETATM 1206 O  O   . HOH D 4 .   ? -3.780  12.497  -9.169  1.00 19.01 ? 309 HOH A O   1 
HETATM 1207 O  O   . HOH D 4 .   ? 2.216   7.001   13.712  1.00 13.80 ? 310 HOH A O   1 
HETATM 1208 O  O   . HOH D 4 .   ? 11.485  -0.816  -10.143 1.00 16.30 ? 311 HOH A O   1 
HETATM 1209 O  O   . HOH D 4 .   ? -3.128  21.160  -8.535  1.00 32.10 ? 312 HOH A O   1 
HETATM 1210 O  O   . HOH D 4 .   ? -0.722  -28.043 1.573   1.00 16.18 ? 313 HOH A O   1 
HETATM 1211 O  O   . HOH D 4 .   ? 3.454   9.453   2.843   1.00 7.10  ? 314 HOH A O   1 
HETATM 1212 O  O   . HOH D 4 .   ? 7.439   -4.578  -14.705 1.00 25.72 ? 315 HOH A O   1 
HETATM 1213 O  O   . HOH D 4 .   ? 7.855   -3.881  -2.858  1.00 12.95 ? 316 HOH A O   1 
HETATM 1214 O  O   . HOH D 4 .   ? -8.913  -16.032 8.496   1.00 29.58 ? 317 HOH A O   1 
HETATM 1215 O  O   . HOH D 4 .   ? -10.534 -11.703 9.285   1.00 21.58 ? 318 HOH A O   1 
HETATM 1216 O  O   . HOH D 4 .   ? 3.384   21.349  -8.781  1.00 20.17 ? 319 HOH A O   1 
HETATM 1217 O  O   . HOH D 4 .   ? 2.009   16.851  6.795   1.00 11.70 ? 320 HOH A O   1 
HETATM 1218 O  O   . HOH D 4 .   ? 5.149   -15.470 -14.945 1.00 20.56 ? 321 HOH A O   1 
HETATM 1219 O  O   . HOH D 4 .   ? -12.652 -10.398 8.471   1.00 30.38 ? 322 HOH A O   1 
HETATM 1220 O  O   . HOH D 4 .   ? 9.128   3.368   4.668   1.00 12.59 ? 323 HOH A O   1 
HETATM 1221 O  O   . HOH D 4 .   ? 8.879   20.783  2.172   1.00 15.61 ? 324 HOH A O   1 
HETATM 1222 O  O   . HOH D 4 .   ? 3.750   16.430  16.776  1.00 21.82 ? 325 HOH A O   1 
HETATM 1223 O  O   . HOH D 4 .   ? -1.083  17.872  7.431   1.00 24.34 ? 326 HOH A O   1 
HETATM 1224 O  O   . HOH D 4 .   ? 6.727   19.246  1.708   1.00 10.85 ? 327 HOH A O   1 
HETATM 1225 O  O   . HOH D 4 .   ? -5.359  -15.899 14.360  1.00 12.56 ? 328 HOH A O   1 
HETATM 1226 O  O   . HOH D 4 .   ? -8.554  -8.984  15.106  1.00 25.60 ? 329 HOH A O   1 
HETATM 1227 O  O   . HOH D 4 .   ? 3.950   -12.515 -11.713 1.00 18.10 ? 330 HOH A O   1 
HETATM 1228 O  O   . HOH D 4 .   ? 12.581  22.621  1.118   1.00 17.01 ? 331 HOH A O   1 
HETATM 1229 O  O   . HOH D 4 .   ? -2.119  -14.627 -6.581  1.00 12.64 ? 332 HOH A O   1 
HETATM 1230 O  O   . HOH D 4 .   ? 3.678   -12.947 6.437   1.00 21.76 ? 333 HOH A O   1 
HETATM 1231 O  O   . HOH D 4 .   ? -2.379  -12.154 -5.508  1.00 10.48 ? 334 HOH A O   1 
HETATM 1232 O  O   . HOH D 4 .   ? 9.454   -8.507  -17.293 1.00 24.32 ? 335 HOH A O   1 
HETATM 1233 O  O   . HOH D 4 .   ? -18.551 8.295   3.392   1.00 22.83 ? 336 HOH A O   1 
HETATM 1234 O  O   . HOH D 4 .   ? -17.789 7.394   7.378   1.00 12.17 ? 337 HOH A O   1 
HETATM 1235 O  O   . HOH D 4 .   ? -13.139 4.293   0.781   1.00 20.56 ? 338 HOH A O   1 
HETATM 1236 O  O   . HOH D 4 .   ? -1.481  9.516   -8.152  1.00 14.22 ? 339 HOH A O   1 
HETATM 1237 O  O   . HOH D 4 .   ? 3.250   -28.028 3.210   1.00 11.12 ? 340 HOH A O   1 
HETATM 1238 O  O   . HOH D 4 .   ? 4.886   10.822  12.195  1.00 9.21  ? 341 HOH A O   1 
HETATM 1239 O  O   . HOH D 4 .   ? -1.183  -22.646 -3.632  1.00 20.13 ? 342 HOH A O   1 
HETATM 1240 O  O   . HOH D 4 .   ? 6.713   17.749  -8.092  1.00 16.68 ? 343 HOH A O   1 
HETATM 1241 O  O   . HOH D 4 .   ? 2.450   0.037   -12.366 1.00 17.23 ? 344 HOH A O   1 
HETATM 1242 O  O   . HOH D 4 .   ? 13.222  2.118   -3.080  1.00 11.04 ? 345 HOH A O   1 
HETATM 1243 O  O   . HOH D 4 .   ? -6.950  -2.225  -9.461  1.00 25.48 ? 346 HOH A O   1 
HETATM 1244 O  O   . HOH D 4 .   ? 16.806  14.722  -1.341  1.00 18.10 ? 347 HOH A O   1 
HETATM 1245 O  O   . HOH D 4 .   ? -1.059  -19.145 2.085   1.00 9.98  ? 348 HOH A O   1 
HETATM 1246 O  O   . HOH D 4 .   ? 2.191   -14.871 -7.523  1.00 11.93 ? 349 HOH A O   1 
HETATM 1247 O  O   . HOH D 4 .   ? 2.519   -10.249 -15.438 1.00 13.63 ? 350 HOH A O   1 
HETATM 1248 O  O   . HOH D 4 .   ? 1.229   6.571   0.164   1.00 8.69  ? 351 HOH A O   1 
HETATM 1249 O  O   . HOH D 4 .   ? -8.154  -17.177 1.701   1.00 17.91 ? 352 HOH A O   1 
HETATM 1250 O  O   . HOH D 4 .   ? 3.080   -15.494 5.633   1.00 24.52 ? 353 HOH A O   1 
HETATM 1251 O  O   . HOH D 4 .   ? -5.040  -3.093  15.865  1.00 21.74 ? 354 HOH A O   1 
HETATM 1252 O  O   . HOH D 4 .   ? 6.051   -13.405 -7.862  1.00 17.18 ? 355 HOH A O   1 
HETATM 1253 O  O   . HOH D 4 .   ? -13.860 8.287   1.791   1.00 19.32 ? 356 HOH A O   1 
HETATM 1254 O  O   . HOH D 4 .   ? -8.263  8.894   -4.009  1.00 14.44 ? 357 HOH A O   1 
HETATM 1255 O  O   . HOH D 4 .   ? -11.082 -11.982 16.102  1.00 24.44 ? 358 HOH A O   1 
HETATM 1256 O  O   . HOH D 4 .   ? 3.354   4.976   -4.618  1.00 8.27  ? 359 HOH A O   1 
HETATM 1257 O  O   . HOH D 4 .   ? 3.600   9.089   -12.460 1.00 17.62 ? 360 HOH A O   1 
HETATM 1258 O  O   . HOH D 4 .   ? 7.276   4.853   -7.730  1.00 9.99  ? 361 HOH A O   1 
HETATM 1259 O  O   . HOH D 4 .   ? -7.620  15.095  -8.421  1.00 29.09 ? 362 HOH A O   1 
HETATM 1260 O  O   . HOH D 4 .   ? -0.809  7.776   -1.281  1.00 8.58  ? 363 HOH A O   1 
HETATM 1261 O  O   . HOH D 4 .   ? 0.829   10.407  15.597  1.00 19.74 ? 364 HOH A O   1 
HETATM 1262 O  O   . HOH D 4 .   ? 4.184   6.835   -0.503  1.00 9.58  ? 365 HOH A O   1 
HETATM 1263 O  O   . HOH D 4 .   ? 7.569   -9.617  -6.466  1.00 21.71 ? 366 HOH A O   1 
HETATM 1264 O  O   . HOH D 4 .   ? 2.056   7.051   2.794   1.00 8.58  ? 367 HOH A O   1 
HETATM 1265 O  O   . HOH D 4 .   ? -6.303  7.760   14.454  1.00 17.22 ? 368 HOH A O   1 
HETATM 1266 O  O   . HOH D 4 .   ? -2.420  -26.356 5.110   1.00 19.94 ? 369 HOH A O   1 
HETATM 1267 O  O   . HOH D 4 .   ? -4.731  -12.035 -4.126  1.00 15.11 ? 370 HOH A O   1 
HETATM 1268 O  O   . HOH D 4 .   ? 8.715   2.054   -4.428  1.00 9.56  ? 371 HOH A O   1 
HETATM 1269 O  O   . HOH D 4 .   ? 9.254   -5.913  -11.141 1.00 17.22 ? 372 HOH A O   1 
HETATM 1270 O  O   . HOH D 4 .   ? 0.372   -11.698 -5.741  1.00 9.53  ? 373 HOH A O   1 
HETATM 1271 O  O   . HOH D 4 .   ? 1.610   -16.561 -0.446  1.00 10.02 ? 374 HOH A O   1 
HETATM 1272 O  O   . HOH D 4 .   ? 5.431   2.282   -13.740 1.00 21.28 ? 375 HOH A O   1 
HETATM 1273 O  O   . HOH D 4 .   ? -2.355  2.669   14.461  1.00 23.12 ? 376 HOH A O   1 
HETATM 1274 O  O   . HOH D 4 .   ? 1.786   -21.316 0.207   1.00 13.17 ? 377 HOH A O   1 
HETATM 1275 O  O   . HOH D 4 .   ? 4.126   -2.833  -14.029 1.00 16.13 ? 378 HOH A O   1 
HETATM 1276 O  O   . HOH D 4 .   ? -0.452  2.276   -8.921  1.00 21.97 ? 379 HOH A O   1 
HETATM 1277 O  O   . HOH D 4 .   ? 7.733   15.118  -7.737  1.00 15.71 ? 380 HOH A O   1 
HETATM 1278 O  O   . HOH D 4 .   ? 8.187   -0.204  7.023   1.00 15.66 ? 381 HOH A O   1 
HETATM 1279 O  O   . HOH D 4 .   ? 11.203  13.310  -19.006 1.00 22.81 ? 382 HOH A O   1 
HETATM 1280 O  O   . HOH D 4 .   ? -5.587  -0.153  -8.061  1.00 19.02 ? 383 HOH A O   1 
HETATM 1281 O  O   . HOH D 4 .   ? -4.024  17.389  13.774  1.00 14.63 ? 384 HOH A O   1 
HETATM 1282 O  O   . HOH D 4 .   ? -2.983  18.300  10.829  1.00 24.12 ? 385 HOH A O   1 
HETATM 1283 O  O   . HOH D 4 .   ? 3.713   -22.847 1.786   1.00 14.63 ? 386 HOH A O   1 
HETATM 1284 O  O   . HOH D 4 .   ? 10.451  5.493   1.379   1.00 9.96  ? 387 HOH A O   1 
HETATM 1285 O  O   . HOH D 4 .   ? 9.994   0.881   3.577   1.00 15.72 ? 388 HOH A O   1 
HETATM 1286 O  O   . HOH D 4 .   ? -13.222 -0.461  6.908   1.00 22.30 ? 389 HOH A O   1 
HETATM 1287 O  O   . HOH D 4 .   ? -10.407 -6.386  -2.906  1.00 26.95 ? 390 HOH A O   1 
HETATM 1288 O  O   . HOH D 4 .   ? 3.027   10.333  -8.401  1.00 9.38  ? 391 HOH A O   1 
HETATM 1289 O  O   . HOH D 4 .   ? 0.782   17.524  14.477  1.00 20.80 ? 392 HOH A O   1 
HETATM 1290 O  O   . HOH D 4 .   ? -0.765  -7.924  13.058  1.00 19.66 ? 393 HOH A O   1 
HETATM 1291 O  O   . HOH D 4 .   ? -6.586  13.561  -4.761  1.00 10.90 ? 394 HOH A O   1 
HETATM 1292 O  O   . HOH D 4 .   ? -4.900  -25.085 1.958   1.00 30.67 ? 395 HOH A O   1 
HETATM 1293 O  O   . HOH D 4 .   ? -1.976  -10.357 -14.787 1.00 22.41 ? 396 HOH A O   1 
HETATM 1294 O  O   . HOH D 4 .   ? 8.431   15.224  -5.201  1.00 16.28 ? 397 HOH A O   1 
HETATM 1295 O  O   . HOH D 4 .   ? 4.135   7.817   -8.834  1.00 10.50 ? 398 HOH A O   1 
HETATM 1296 O  O   . HOH D 4 .   ? -5.228  -14.131 -8.916  1.00 28.65 ? 399 HOH A O   1 
HETATM 1297 O  O   . HOH D 4 .   ? -1.237  -21.334 -7.700  1.00 13.96 ? 400 HOH A O   1 
HETATM 1298 O  O   . HOH D 4 .   ? -6.081  -8.180  16.584  1.00 16.52 ? 401 HOH A O   1 
HETATM 1299 O  O   . HOH D 4 .   ? 0.291   -25.351 7.578   1.00 17.56 ? 402 HOH A O   1 
HETATM 1300 O  O   . HOH D 4 .   ? 4.543   -19.327 -12.474 1.00 17.25 ? 403 HOH A O   1 
HETATM 1301 O  O   . HOH D 4 .   ? 7.116   19.993  -0.978  1.00 12.81 ? 404 HOH A O   1 
HETATM 1302 O  O   . HOH D 4 .   ? 3.298   7.503   -3.288  1.00 10.91 ? 405 HOH A O   1 
HETATM 1303 O  O   . HOH D 4 .   ? -3.207  15.261  16.982  1.00 18.72 ? 406 HOH A O   1 
HETATM 1304 O  O   . HOH D 4 .   ? -0.744  -12.582 -13.817 1.00 16.72 ? 407 HOH A O   1 
HETATM 1305 O  O   . HOH D 4 .   ? 3.126   -9.787  -11.958 1.00 13.96 ? 408 HOH A O   1 
HETATM 1306 O  O   . HOH D 4 .   ? 14.738  20.350  -0.843  1.00 20.90 ? 409 HOH A O   1 
HETATM 1307 O  O   . HOH D 4 .   ? 6.759   -20.455 -0.391  1.00 10.82 ? 410 HOH A O   1 
HETATM 1308 O  O   . HOH D 4 .   ? -4.946  -4.945  -12.271 1.00 29.33 ? 411 HOH A O   1 
HETATM 1309 O  O   . HOH D 4 .   ? 8.771   -0.157  -8.861  1.00 16.07 ? 412 HOH A O   1 
HETATM 1310 O  O   . HOH D 4 .   ? -0.141  15.546  -11.769 1.00 20.93 ? 413 HOH A O   1 
HETATM 1311 O  O   . HOH D 4 .   ? -9.669  2.530   13.048  1.00 16.53 ? 414 HOH A O   1 
HETATM 1312 O  O   . HOH D 4 .   ? 3.461   -10.120 9.215   1.00 28.68 ? 415 HOH A O   1 
HETATM 1313 O  O   . HOH D 4 .   ? 8.720   -7.152  5.797   1.00 22.57 ? 416 HOH A O   1 
HETATM 1314 O  O   . HOH D 4 .   ? 9.551   -13.239 0.546   1.00 18.26 ? 417 HOH A O   1 
HETATM 1315 O  O   . HOH D 4 .   ? -14.839 4.091   7.592   1.00 11.59 ? 418 HOH A O   1 
HETATM 1316 O  O   . HOH D 4 .   ? -0.287  -21.017 8.786   1.00 21.89 ? 419 HOH A O   1 
HETATM 1317 O  O   . HOH D 4 .   ? -12.052 6.804   1.213   1.00 19.97 ? 420 HOH A O   1 
HETATM 1318 O  O   . HOH D 4 .   ? 12.286  0.698   1.834   1.00 20.95 ? 421 HOH A O   1 
HETATM 1319 O  O   . HOH D 4 .   ? 8.220   -2.298  5.180   1.00 12.23 ? 422 HOH A O   1 
HETATM 1320 O  O   . HOH D 4 .   ? 4.643   0.143   9.201   1.00 24.19 ? 423 HOH A O   1 
HETATM 1321 O  O   . HOH D 4 .   ? 12.233  -8.150  -14.515 1.00 17.41 ? 424 HOH A O   1 
HETATM 1322 O  O   . HOH D 4 .   ? 2.172   11.405  -12.765 1.00 21.87 ? 425 HOH A O   1 
HETATM 1323 O  O   . HOH D 4 .   ? -7.372  -20.785 8.414   1.00 24.45 ? 426 HOH A O   1 
HETATM 1324 O  O   . HOH D 4 .   ? 7.389   -6.455  -1.845  1.00 20.20 ? 427 HOH A O   1 
HETATM 1325 O  O   . HOH D 4 .   ? 8.948   -9.479  2.178   1.00 31.19 ? 428 HOH A O   1 
HETATM 1326 O  O   . HOH D 4 .   ? -7.844  5.803   15.278  1.00 24.35 ? 429 HOH A O   1 
HETATM 1327 O  O   . HOH D 4 .   ? -0.504  11.696  -11.703 1.00 24.08 ? 430 HOH A O   1 
HETATM 1328 O  O   . HOH D 4 .   ? -6.422  19.043  10.342  1.00 31.24 ? 431 HOH A O   1 
HETATM 1329 O  O   . HOH D 4 .   ? 5.384   -7.339  9.126   1.00 23.10 ? 432 HOH A O   1 
HETATM 1330 O  O   . HOH D 4 .   ? 7.959   -4.502  6.709   1.00 16.42 ? 433 HOH A O   1 
HETATM 1331 O  O   . HOH D 4 .   ? 8.449   11.743  -18.250 1.00 21.67 ? 434 HOH A O   1 
HETATM 1332 O  O   . HOH D 4 .   ? -3.944  -15.668 -4.492  1.00 14.94 ? 435 HOH A O   1 
HETATM 1333 O  O   . HOH D 4 .   ? 0.112   1.610   -11.526 1.00 22.15 ? 436 HOH A O   1 
HETATM 1334 O  O   . HOH D 4 .   ? 1.815   14.829  -13.506 1.00 19.10 ? 437 HOH A O   1 
HETATM 1335 O  O   . HOH D 4 .   ? -1.552  -20.967 -11.764 1.00 31.35 ? 438 HOH A O   1 
HETATM 1336 O  O   . HOH D 4 .   ? 11.092  -11.643 -1.099  1.00 18.65 ? 439 HOH A O   1 
HETATM 1337 O  O   . HOH D 4 .   ? -4.044  10.071  -8.615  1.00 25.99 ? 440 HOH A O   1 
HETATM 1338 O  O   . HOH D 4 .   ? -10.097 -14.952 1.694   1.00 26.39 ? 441 HOH A O   1 
HETATM 1339 O  O   . HOH D 4 .   ? -4.818  -5.607  16.888  1.00 27.90 ? 442 HOH A O   1 
HETATM 1340 O  O   . HOH D 4 .   ? 5.054   6.222   -6.652  1.00 12.46 ? 443 HOH A O   1 
HETATM 1341 O  O   . HOH D 4 .   ? 0.607   10.314  -9.669  1.00 17.20 ? 444 HOH A O   1 
HETATM 1342 O  O   . HOH D 4 .   ? 1.680   -18.664 1.225   1.00 14.73 ? 445 HOH A O   1 
HETATM 1343 O  O   . HOH D 4 .   ? 10.858  -2.868  4.477   1.00 19.59 ? 446 HOH A O   1 
HETATM 1344 O  O   . HOH D 4 .   ? -1.969  -23.659 -6.349  1.00 20.34 ? 447 HOH A O   1 
HETATM 1345 O  O   . HOH D 4 .   ? 1.871   7.662   -10.560 1.00 18.90 ? 448 HOH A O   1 
HETATM 1346 O  O   . HOH D 4 .   ? -1.921  0.189   15.183  1.00 34.27 ? 449 HOH A O   1 
HETATM 1347 O  O   . HOH D 4 .   ? -7.698  16.035  -5.040  1.00 16.51 ? 450 HOH A O   1 
HETATM 1348 O  O   . HOH D 4 .   ? 10.776  -9.183  0.237   1.00 23.00 ? 451 HOH A O   1 
HETATM 1349 O  O   . HOH D 4 .   ? 11.335  3.136   6.350   1.00 31.13 ? 452 HOH A O   1 
HETATM 1350 O  O   . HOH D 4 .   ? -1.039  18.201  16.701  1.00 33.27 ? 453 HOH A O   1 
HETATM 1351 O  O   . HOH D 4 .   ? -15.100 1.333   7.249   1.00 24.50 ? 454 HOH A O   1 
HETATM 1352 O  O   . HOH D 4 .   ? 11.183  9.062   -13.104 1.00 20.67 ? 455 HOH A O   1 
HETATM 1353 O  O   . HOH D 4 .   ? -8.067  11.356  -5.349  1.00 19.62 ? 456 HOH A O   1 
HETATM 1354 O  O   . HOH D 4 .   ? 3.803   9.266   14.118  1.00 16.57 ? 457 HOH A O   1 
HETATM 1355 O  O   . HOH D 4 .   ? 2.353   21.457  1.943   1.00 23.31 ? 458 HOH A O   1 
HETATM 1356 O  O   . HOH D 4 .   ? -14.012 1.417   12.112  1.00 25.63 ? 459 HOH A O   1 
HETATM 1357 O  O   . HOH D 4 .   ? 14.243  -3.679  1.943   1.00 26.25 ? 460 HOH A O   1 
HETATM 1358 O  O   . HOH D 4 .   ? -5.809  17.973  -5.485  1.00 23.52 ? 461 HOH A O   1 
HETATM 1359 O  O   . HOH D 4 .   ? -1.351  -14.465 -15.569 1.00 30.84 ? 462 HOH A O   1 
HETATM 1360 O  O   . HOH D 4 .   ? -17.465 4.674   7.315   1.00 21.01 ? 463 HOH A O   1 
HETATM 1361 O  O   . HOH D 4 .   ? 3.238   4.868   14.820  1.00 31.48 ? 464 HOH A O   1 
HETATM 1362 O  O   . HOH D 4 .   ? 7.457   -1.382  9.446   1.00 27.04 ? 465 HOH A O   1 
HETATM 1363 O  O   . HOH D 4 .   ? 5.011   15.071  18.682  1.00 25.20 ? 466 HOH A O   1 
HETATM 1364 O  O   . HOH D 4 .   ? -6.857  -13.074 -5.331  1.00 29.41 ? 467 HOH A O   1 
HETATM 1365 O  O   . HOH D 4 .   ? -3.250  -1.427  16.900  1.00 29.00 ? 468 HOH A O   1 
HETATM 1366 O  O   . HOH D 4 .   ? -13.840 -2.282  9.123   1.00 28.56 ? 469 HOH A O   1 
HETATM 1367 O  O   . HOH D 4 .   ? 5.453   2.858   12.807  1.00 28.09 ? 470 HOH A O   1 
# 
loop_
_pdbx_poly_seq_scheme.asym_id 
_pdbx_poly_seq_scheme.entity_id 
_pdbx_poly_seq_scheme.seq_id 
_pdbx_poly_seq_scheme.mon_id 
_pdbx_poly_seq_scheme.ndb_seq_num 
_pdbx_poly_seq_scheme.pdb_seq_num 
_pdbx_poly_seq_scheme.auth_seq_num 
_pdbx_poly_seq_scheme.pdb_mon_id 
_pdbx_poly_seq_scheme.auth_mon_id 
_pdbx_poly_seq_scheme.pdb_strand_id 
_pdbx_poly_seq_scheme.pdb_ins_code 
_pdbx_poly_seq_scheme.hetero 
A 1 1   LEU 1   42  42  LEU LEU A . n 
A 1 2   GLU 2   43  43  GLU GLU A . n 
A 1 3   ASN 3   44  44  ASN ASN A . n 
A 1 4   PRO 4   45  45  PRO PRO A . n 
A 1 5   PRO 5   46  46  PRO PRO A . n 
A 1 6   PRO 6   47  47  PRO PRO A . n 
A 1 7   PRO 7   48  48  PRO PRO A . n 
A 1 8   GLU 8   49  49  GLU GLU A . n 
A 1 9   THR 9   50  50  THR THR A . n 
A 1 10  SER 10  51  51  SER SER A . n 
A 1 11  ASN 11  52  52  ASN ASN A . n 
A 1 12  PRO 12  53  53  PRO PRO A . n 
A 1 13  ASN 13  54  54  ASN ASN A . n 
A 1 14  LYS 14  55  55  LYS LYS A . n 
A 1 15  PRO 15  56  56  PRO PRO A . n 
A 1 16  LYS 16  57  57  LYS LYS A . n 
A 1 17  ARG 17  58  58  ARG ARG A . n 
A 1 18  GLN 18  59  59  GLN GLN A . n 
A 1 19  THR 19  60  60  THR THR A . n 
A 1 20  ASN 20  61  61  ASN ASN A . n 
A 1 21  GLN 21  62  62  GLN GLN A . n 
A 1 22  LEU 22  63  63  LEU LEU A . n 
A 1 23  GLN 23  64  64  GLN GLN A . n 
A 1 24  TYR 24  65  65  TYR TYR A . n 
A 1 25  LEU 25  66  66  LEU LEU A . n 
A 1 26  LEU 26  67  67  LEU LEU A . n 
A 1 27  ARG 27  68  68  ARG ARG A . n 
A 1 28  VAL 28  69  69  VAL VAL A . n 
A 1 29  VAL 29  70  70  VAL VAL A . n 
A 1 30  LEU 30  71  71  LEU LEU A . n 
A 1 31  LYS 31  72  72  LYS LYS A . n 
A 1 32  THR 32  73  73  THR THR A . n 
A 1 33  LEU 33  74  74  LEU LEU A . n 
A 1 34  TRP 34  75  75  TRP TRP A . n 
A 1 35  LYS 35  76  76  LYS LYS A . n 
A 1 36  HIS 36  77  77  HIS HIS A . n 
A 1 37  GLN 37  78  78  GLN GLN A . n 
A 1 38  PHE 38  79  79  PHE PHE A . n 
A 1 39  ALA 39  80  80  ALA ALA A . n 
A 1 40  TRP 40  81  81  TRP TRP A . n 
A 1 41  PRO 41  82  82  PRO PRO A . n 
A 1 42  PHE 42  83  83  PHE PHE A . n 
A 1 43  GLN 43  84  84  GLN GLN A . n 
A 1 44  GLN 44  85  85  GLN GLN A . n 
A 1 45  PRO 45  86  86  PRO PRO A . n 
A 1 46  VAL 46  87  87  VAL VAL A . n 
A 1 47  ASP 47  88  88  ASP ASP A . n 
A 1 48  ALA 48  89  89  ALA ALA A . n 
A 1 49  VAL 49  90  90  VAL VAL A . n 
A 1 50  LYS 50  91  91  LYS LYS A . n 
A 1 51  LEU 51  92  92  LEU LEU A . n 
A 1 52  ASN 52  93  93  ASN ASN A . n 
A 1 53  LEU 53  94  94  LEU LEU A . n 
A 1 54  PRO 54  95  95  PRO PRO A . n 
A 1 55  ASP 55  96  96  ASP ASP A . n 
A 1 56  TYR 56  97  97  TYR TYR A . n 
A 1 57  TYR 57  98  98  TYR TYR A . n 
A 1 58  LYS 58  99  99  LYS LYS A . n 
A 1 59  ILE 59  100 100 ILE ILE A . n 
A 1 60  ILE 60  101 101 ILE ILE A . n 
A 1 61  LYS 61  102 102 LYS LYS A . n 
A 1 62  THR 62  103 103 THR THR A . n 
A 1 63  PRO 63  104 104 PRO PRO A . n 
A 1 64  MET 64  105 105 MET MET A . n 
A 1 65  ASP 65  106 106 ASP ASP A . n 
A 1 66  MET 66  107 107 MET MET A . n 
A 1 67  GLY 67  108 108 GLY GLY A . n 
A 1 68  THR 68  109 109 THR THR A . n 
A 1 69  ILE 69  110 110 ILE ILE A . n 
A 1 70  LYS 70  111 111 LYS LYS A . n 
A 1 71  LYS 71  112 112 LYS LYS A . n 
A 1 72  ARG 72  113 113 ARG ARG A . n 
A 1 73  LEU 73  114 114 LEU LEU A . n 
A 1 74  GLU 74  115 115 GLU GLU A . n 
A 1 75  ASN 75  116 116 ASN ASN A . n 
A 1 76  ASN 76  117 117 ASN ASN A . n 
A 1 77  TYR 77  118 118 TYR TYR A . n 
A 1 78  TYR 78  119 119 TYR TYR A . n 
A 1 79  TRP 79  120 120 TRP TRP A . n 
A 1 80  ASN 80  121 121 ASN ASN A . n 
A 1 81  ALA 81  122 122 ALA ALA A . n 
A 1 82  GLN 82  123 123 GLN GLN A . n 
A 1 83  GLU 83  124 124 GLU GLU A . n 
A 1 84  CYS 84  125 125 CYS CYS A . n 
A 1 85  ILE 85  126 126 ILE ILE A . n 
A 1 86  GLN 86  127 127 GLN GLN A . n 
A 1 87  ASP 87  128 128 ASP ASP A . n 
A 1 88  PHE 88  129 129 PHE PHE A . n 
A 1 89  ASN 89  130 130 ASN ASN A . n 
A 1 90  THR 90  131 131 THR THR A . n 
A 1 91  MET 91  132 132 MET MET A . n 
A 1 92  PHE 92  133 133 PHE PHE A . n 
A 1 93  THR 93  134 134 THR THR A . n 
A 1 94  ASN 94  135 135 ASN ASN A . n 
A 1 95  CYS 95  136 136 CYS CYS A . n 
A 1 96  TYR 96  137 137 TYR TYR A . n 
A 1 97  ILE 97  138 138 ILE ILE A . n 
A 1 98  TYR 98  139 139 TYR TYR A . n 
A 1 99  ASN 99  140 140 ASN ASN A . n 
A 1 100 LYS 100 141 141 LYS LYS A . n 
A 1 101 PRO 101 142 142 PRO PRO A . n 
A 1 102 GLY 102 143 143 GLY GLY A . n 
A 1 103 ASP 103 144 144 ASP ASP A . n 
A 1 104 ASP 104 145 145 ASP ASP A . n 
A 1 105 ILE 105 146 146 ILE ILE A . n 
A 1 106 VAL 106 147 147 VAL VAL A . n 
A 1 107 LEU 107 148 148 LEU LEU A . n 
A 1 108 MET 108 149 149 MET MET A . n 
A 1 109 ALA 109 150 150 ALA ALA A . n 
A 1 110 GLU 110 151 151 GLU GLU A . n 
A 1 111 ALA 111 152 152 ALA ALA A . n 
A 1 112 LEU 112 153 153 LEU LEU A . n 
A 1 113 GLU 113 154 154 GLU GLU A . n 
A 1 114 LYS 114 155 155 LYS LYS A . n 
A 1 115 LEU 115 156 156 LEU LEU A . n 
A 1 116 PHE 116 157 157 PHE PHE A . n 
A 1 117 LEU 117 158 158 LEU LEU A . n 
A 1 118 GLN 118 159 159 GLN GLN A . n 
A 1 119 LYS 119 160 160 LYS LYS A . n 
A 1 120 ILE 120 161 161 ILE ILE A . n 
A 1 121 ASN 121 162 162 ASN ASN A . n 
A 1 122 GLU 122 163 163 GLU GLU A . n 
A 1 123 LEU 123 164 164 LEU LEU A . n 
A 1 124 PRO 124 165 165 PRO PRO A . n 
A 1 125 THR 125 166 166 THR THR A . n 
A 1 126 GLU 126 167 167 GLU GLU A . n 
A 1 127 GLU 127 168 168 GLU GLU A . n 
# 
loop_
_pdbx_nonpoly_scheme.asym_id 
_pdbx_nonpoly_scheme.entity_id 
_pdbx_nonpoly_scheme.mon_id 
_pdbx_nonpoly_scheme.ndb_seq_num 
_pdbx_nonpoly_scheme.pdb_seq_num 
_pdbx_nonpoly_scheme.auth_seq_num 
_pdbx_nonpoly_scheme.pdb_mon_id 
_pdbx_nonpoly_scheme.auth_mon_id 
_pdbx_nonpoly_scheme.pdb_strand_id 
_pdbx_nonpoly_scheme.pdb_ins_code 
B 2 YF6 1   201 201 YF6 YF6 A . 
C 3 NA  1   202 1   NA  NA  A . 
D 4 HOH 1   301 89  HOH HOH A . 
D 4 HOH 2   302 162 HOH HOH A . 
D 4 HOH 3   303 95  HOH HOH A . 
D 4 HOH 4   304 105 HOH HOH A . 
D 4 HOH 5   305 140 HOH HOH A . 
D 4 HOH 6   306 20  HOH HOH A . 
D 4 HOH 7   307 87  HOH HOH A . 
D 4 HOH 8   308 35  HOH HOH A . 
D 4 HOH 9   309 69  HOH HOH A . 
D 4 HOH 10  310 32  HOH HOH A . 
D 4 HOH 11  311 160 HOH HOH A . 
D 4 HOH 12  312 150 HOH HOH A . 
D 4 HOH 13  313 111 HOH HOH A . 
D 4 HOH 14  314 11  HOH HOH A . 
D 4 HOH 15  315 72  HOH HOH A . 
D 4 HOH 16  316 50  HOH HOH A . 
D 4 HOH 17  317 151 HOH HOH A . 
D 4 HOH 18  318 86  HOH HOH A . 
D 4 HOH 19  319 101 HOH HOH A . 
D 4 HOH 20  320 130 HOH HOH A . 
D 4 HOH 21  321 96  HOH HOH A . 
D 4 HOH 22  322 159 HOH HOH A . 
D 4 HOH 23  323 38  HOH HOH A . 
D 4 HOH 24  324 120 HOH HOH A . 
D 4 HOH 25  325 65  HOH HOH A . 
D 4 HOH 26  326 79  HOH HOH A . 
D 4 HOH 27  327 131 HOH HOH A . 
D 4 HOH 28  328 6   HOH HOH A . 
D 4 HOH 29  329 119 HOH HOH A . 
D 4 HOH 30  330 42  HOH HOH A . 
D 4 HOH 31  331 92  HOH HOH A . 
D 4 HOH 32  332 36  HOH HOH A . 
D 4 HOH 33  333 166 HOH HOH A . 
D 4 HOH 34  334 21  HOH HOH A . 
D 4 HOH 35  335 82  HOH HOH A . 
D 4 HOH 36  336 139 HOH HOH A . 
D 4 HOH 37  337 122 HOH HOH A . 
D 4 HOH 38  338 103 HOH HOH A . 
D 4 HOH 39  339 10  HOH HOH A . 
D 4 HOH 40  340 2   HOH HOH A . 
D 4 HOH 41  341 13  HOH HOH A . 
D 4 HOH 42  342 59  HOH HOH A . 
D 4 HOH 43  343 173 HOH HOH A . 
D 4 HOH 44  344 51  HOH HOH A . 
D 4 HOH 45  345 17  HOH HOH A . 
D 4 HOH 46  346 70  HOH HOH A . 
D 4 HOH 47  347 84  HOH HOH A . 
D 4 HOH 48  348 43  HOH HOH A . 
D 4 HOH 49  349 19  HOH HOH A . 
D 4 HOH 50  350 47  HOH HOH A . 
D 4 HOH 51  351 16  HOH HOH A . 
D 4 HOH 52  352 63  HOH HOH A . 
D 4 HOH 53  353 172 HOH HOH A . 
D 4 HOH 54  354 97  HOH HOH A . 
D 4 HOH 55  355 164 HOH HOH A . 
D 4 HOH 56  356 134 HOH HOH A . 
D 4 HOH 57  357 55  HOH HOH A . 
D 4 HOH 58  358 129 HOH HOH A . 
D 4 HOH 59  359 1   HOH HOH A . 
D 4 HOH 60  360 37  HOH HOH A . 
D 4 HOH 61  361 4   HOH HOH A . 
D 4 HOH 62  362 155 HOH HOH A . 
D 4 HOH 63  363 7   HOH HOH A . 
D 4 HOH 64  364 83  HOH HOH A . 
D 4 HOH 65  365 3   HOH HOH A . 
D 4 HOH 66  366 171 HOH HOH A . 
D 4 HOH 67  367 14  HOH HOH A . 
D 4 HOH 68  368 48  HOH HOH A . 
D 4 HOH 69  369 62  HOH HOH A . 
D 4 HOH 70  370 46  HOH HOH A . 
D 4 HOH 71  371 22  HOH HOH A . 
D 4 HOH 72  372 54  HOH HOH A . 
D 4 HOH 73  373 5   HOH HOH A . 
D 4 HOH 74  374 28  HOH HOH A . 
D 4 HOH 75  375 109 HOH HOH A . 
D 4 HOH 76  376 74  HOH HOH A . 
D 4 HOH 77  377 40  HOH HOH A . 
D 4 HOH 78  378 27  HOH HOH A . 
D 4 HOH 79  379 23  HOH HOH A . 
D 4 HOH 80  380 60  HOH HOH A . 
D 4 HOH 81  381 68  HOH HOH A . 
D 4 HOH 82  382 170 HOH HOH A . 
D 4 HOH 83  383 71  HOH HOH A . 
D 4 HOH 84  384 30  HOH HOH A . 
D 4 HOH 85  385 76  HOH HOH A . 
D 4 HOH 86  386 41  HOH HOH A . 
D 4 HOH 87  387 9   HOH HOH A . 
D 4 HOH 88  388 73  HOH HOH A . 
D 4 HOH 89  389 121 HOH HOH A . 
D 4 HOH 90  390 88  HOH HOH A . 
D 4 HOH 91  391 15  HOH HOH A . 
D 4 HOH 92  392 8   HOH HOH A . 
D 4 HOH 93  393 61  HOH HOH A . 
D 4 HOH 94  394 33  HOH HOH A . 
D 4 HOH 95  395 107 HOH HOH A . 
D 4 HOH 96  396 114 HOH HOH A . 
D 4 HOH 97  397 45  HOH HOH A . 
D 4 HOH 98  398 18  HOH HOH A . 
D 4 HOH 99  399 143 HOH HOH A . 
D 4 HOH 100 400 108 HOH HOH A . 
D 4 HOH 101 401 113 HOH HOH A . 
D 4 HOH 102 402 167 HOH HOH A . 
D 4 HOH 103 403 53  HOH HOH A . 
D 4 HOH 104 404 132 HOH HOH A . 
D 4 HOH 105 405 12  HOH HOH A . 
D 4 HOH 106 406 57  HOH HOH A . 
D 4 HOH 107 407 56  HOH HOH A . 
D 4 HOH 108 408 34  HOH HOH A . 
D 4 HOH 109 409 135 HOH HOH A . 
D 4 HOH 110 410 26  HOH HOH A . 
D 4 HOH 111 411 85  HOH HOH A . 
D 4 HOH 112 412 49  HOH HOH A . 
D 4 HOH 113 413 67  HOH HOH A . 
D 4 HOH 114 414 133 HOH HOH A . 
D 4 HOH 115 415 80  HOH HOH A . 
D 4 HOH 116 416 138 HOH HOH A . 
D 4 HOH 117 417 66  HOH HOH A . 
D 4 HOH 118 418 44  HOH HOH A . 
D 4 HOH 119 419 124 HOH HOH A . 
D 4 HOH 120 420 127 HOH HOH A . 
D 4 HOH 121 421 99  HOH HOH A . 
D 4 HOH 122 422 29  HOH HOH A . 
D 4 HOH 123 423 118 HOH HOH A . 
D 4 HOH 124 424 64  HOH HOH A . 
D 4 HOH 125 425 39  HOH HOH A . 
D 4 HOH 126 426 142 HOH HOH A . 
D 4 HOH 127 427 137 HOH HOH A . 
D 4 HOH 128 428 128 HOH HOH A . 
D 4 HOH 129 429 141 HOH HOH A . 
D 4 HOH 130 430 75  HOH HOH A . 
D 4 HOH 131 431 81  HOH HOH A . 
D 4 HOH 132 432 104 HOH HOH A . 
D 4 HOH 133 433 52  HOH HOH A . 
D 4 HOH 134 434 168 HOH HOH A . 
D 4 HOH 135 435 110 HOH HOH A . 
D 4 HOH 136 436 115 HOH HOH A . 
D 4 HOH 137 437 116 HOH HOH A . 
D 4 HOH 138 438 161 HOH HOH A . 
D 4 HOH 139 439 112 HOH HOH A . 
D 4 HOH 140 440 163 HOH HOH A . 
D 4 HOH 141 441 93  HOH HOH A . 
D 4 HOH 142 442 149 HOH HOH A . 
D 4 HOH 143 443 24  HOH HOH A . 
D 4 HOH 144 444 31  HOH HOH A . 
D 4 HOH 145 445 154 HOH HOH A . 
D 4 HOH 146 446 78  HOH HOH A . 
D 4 HOH 147 447 100 HOH HOH A . 
D 4 HOH 148 448 25  HOH HOH A . 
D 4 HOH 149 449 144 HOH HOH A . 
D 4 HOH 150 450 90  HOH HOH A . 
D 4 HOH 151 451 102 HOH HOH A . 
D 4 HOH 152 452 147 HOH HOH A . 
D 4 HOH 153 453 125 HOH HOH A . 
D 4 HOH 154 454 91  HOH HOH A . 
D 4 HOH 155 455 165 HOH HOH A . 
D 4 HOH 156 456 117 HOH HOH A . 
D 4 HOH 157 457 58  HOH HOH A . 
D 4 HOH 158 458 136 HOH HOH A . 
D 4 HOH 159 459 156 HOH HOH A . 
D 4 HOH 160 460 148 HOH HOH A . 
D 4 HOH 161 461 123 HOH HOH A . 
D 4 HOH 162 462 98  HOH HOH A . 
D 4 HOH 163 463 77  HOH HOH A . 
D 4 HOH 164 464 157 HOH HOH A . 
D 4 HOH 165 465 145 HOH HOH A . 
D 4 HOH 166 466 106 HOH HOH A . 
D 4 HOH 167 467 153 HOH HOH A . 
D 4 HOH 168 468 146 HOH HOH A . 
D 4 HOH 169 469 152 HOH HOH A . 
D 4 HOH 170 470 158 HOH HOH A . 
# 
_pdbx_struct_assembly.id                   1 
_pdbx_struct_assembly.details              author_and_software_defined_assembly 
_pdbx_struct_assembly.method_details       PISA 
_pdbx_struct_assembly.oligomeric_details   monomeric 
_pdbx_struct_assembly.oligomeric_count     1 
# 
_pdbx_struct_assembly_gen.assembly_id       1 
_pdbx_struct_assembly_gen.oper_expression   1 
_pdbx_struct_assembly_gen.asym_id_list      A,B,C,D 
# 
_pdbx_struct_oper_list.id                   1 
_pdbx_struct_oper_list.type                 'identity operation' 
_pdbx_struct_oper_list.name                 1_555 
_pdbx_struct_oper_list.symmetry_operation   x,y,z 
_pdbx_struct_oper_list.matrix[1][1]         1.0000000000 
_pdbx_struct_oper_list.matrix[1][2]         0.0000000000 
_pdbx_struct_oper_list.matrix[1][3]         0.0000000000 
_pdbx_struct_oper_list.vector[1]            0.0000000000 
_pdbx_struct_oper_list.matrix[2][1]         0.0000000000 
_pdbx_struct_oper_list.matrix[2][2]         1.0000000000 
_pdbx_struct_oper_list.matrix[2][3]         0.0000000000 
_pdbx_struct_oper_list.vector[2]            0.0000000000 
_pdbx_struct_oper_list.matrix[3][1]         0.0000000000 
_pdbx_struct_oper_list.matrix[3][2]         0.0000000000 
_pdbx_struct_oper_list.matrix[3][3]         1.0000000000 
_pdbx_struct_oper_list.vector[3]            0.0000000000 
# 
loop_
_pdbx_struct_conn_angle.id 
_pdbx_struct_conn_angle.ptnr1_label_atom_id 
_pdbx_struct_conn_angle.ptnr1_label_alt_id 
_pdbx_struct_conn_angle.ptnr1_label_asym_id 
_pdbx_struct_conn_angle.ptnr1_label_comp_id 
_pdbx_struct_conn_angle.ptnr1_label_seq_id 
_pdbx_struct_conn_angle.ptnr1_auth_atom_id 
_pdbx_struct_conn_angle.ptnr1_auth_asym_id 
_pdbx_struct_conn_angle.ptnr1_auth_comp_id 
_pdbx_struct_conn_angle.ptnr1_auth_seq_id 
_pdbx_struct_conn_angle.ptnr1_PDB_ins_code 
_pdbx_struct_conn_angle.ptnr1_symmetry 
_pdbx_struct_conn_angle.ptnr2_label_atom_id 
_pdbx_struct_conn_angle.ptnr2_label_alt_id 
_pdbx_struct_conn_angle.ptnr2_label_asym_id 
_pdbx_struct_conn_angle.ptnr2_label_comp_id 
_pdbx_struct_conn_angle.ptnr2_label_seq_id 
_pdbx_struct_conn_angle.ptnr2_auth_atom_id 
_pdbx_struct_conn_angle.ptnr2_auth_asym_id 
_pdbx_struct_conn_angle.ptnr2_auth_comp_id 
_pdbx_struct_conn_angle.ptnr2_auth_seq_id 
_pdbx_struct_conn_angle.ptnr2_PDB_ins_code 
_pdbx_struct_conn_angle.ptnr2_symmetry 
_pdbx_struct_conn_angle.ptnr3_label_atom_id 
_pdbx_struct_conn_angle.ptnr3_label_alt_id 
_pdbx_struct_conn_angle.ptnr3_label_asym_id 
_pdbx_struct_conn_angle.ptnr3_label_comp_id 
_pdbx_struct_conn_angle.ptnr3_label_seq_id 
_pdbx_struct_conn_angle.ptnr3_auth_atom_id 
_pdbx_struct_conn_angle.ptnr3_auth_asym_id 
_pdbx_struct_conn_angle.ptnr3_auth_comp_id 
_pdbx_struct_conn_angle.ptnr3_auth_seq_id 
_pdbx_struct_conn_angle.ptnr3_PDB_ins_code 
_pdbx_struct_conn_angle.ptnr3_symmetry 
_pdbx_struct_conn_angle.value 
_pdbx_struct_conn_angle.value_esd 
1 OE1 ? A GLU 2 ? A GLU 43 ? 1_555 NA ? C NA . ? A NA 202 ? 3_555 O ? A ASN 3 ? A ASN 44  ? 1_555 103.2 ? 
2 OE1 ? A GLU 2 ? A GLU 43 ? 1_555 NA ? C NA . ? A NA 202 ? 3_555 O ? D HOH . ? A HOH 455 ? 3_545 146.4 ? 
3 O   ? A ASN 3 ? A ASN 44 ? 1_555 NA ? C NA . ? A NA 202 ? 3_555 O ? D HOH . ? A HOH 455 ? 3_545 87.1  ? 
# 
loop_
_pdbx_audit_revision_history.ordinal 
_pdbx_audit_revision_history.data_content_type 
_pdbx_audit_revision_history.major_revision 
_pdbx_audit_revision_history.minor_revision 
_pdbx_audit_revision_history.revision_date 
1 'Structure model' 1 0 2021-08-25 
2 'Structure model' 1 1 2022-03-16 
3 'Structure model' 1 2 2023-10-18 
# 
_pdbx_audit_revision_details.ordinal             1 
_pdbx_audit_revision_details.revision_ordinal    1 
_pdbx_audit_revision_details.data_content_type   'Structure model' 
_pdbx_audit_revision_details.provider            repository 
_pdbx_audit_revision_details.type                'Initial release' 
_pdbx_audit_revision_details.description         ? 
_pdbx_audit_revision_details.details             ? 
# 
loop_
_pdbx_audit_revision_group.ordinal 
_pdbx_audit_revision_group.revision_ordinal 
_pdbx_audit_revision_group.data_content_type 
_pdbx_audit_revision_group.group 
1 2 'Structure model' 'Database references'    
2 3 'Structure model' 'Data collection'        
3 3 'Structure model' 'Refinement description' 
# 
loop_
_pdbx_audit_revision_category.ordinal 
_pdbx_audit_revision_category.revision_ordinal 
_pdbx_audit_revision_category.data_content_type 
_pdbx_audit_revision_category.category 
1 2 'Structure model' citation                      
2 2 'Structure model' citation_author               
3 3 'Structure model' chem_comp_atom                
4 3 'Structure model' chem_comp_bond                
5 3 'Structure model' pdbx_initial_refinement_model 
# 
loop_
_pdbx_audit_revision_item.ordinal 
_pdbx_audit_revision_item.revision_ordinal 
_pdbx_audit_revision_item.data_content_type 
_pdbx_audit_revision_item.item 
1  2 'Structure model' '_citation.country'                 
2  2 'Structure model' '_citation.journal_abbrev'          
3  2 'Structure model' '_citation.journal_id_ASTM'         
4  2 'Structure model' '_citation.journal_id_CSD'          
5  2 'Structure model' '_citation.journal_id_ISSN'         
6  2 'Structure model' '_citation.journal_volume'          
7  2 'Structure model' '_citation.page_first'              
8  2 'Structure model' '_citation.page_last'               
9  2 'Structure model' '_citation.pdbx_database_id_DOI'    
10 2 'Structure model' '_citation.pdbx_database_id_PubMed' 
11 2 'Structure model' '_citation.title'                   
12 2 'Structure model' '_citation.year'                    
# 
loop_
_software.citation_id 
_software.classification 
_software.compiler_name 
_software.compiler_version 
_software.contact_author 
_software.contact_author_email 
_software.date 
_software.description 
_software.dependencies 
_software.hardware 
_software.language 
_software.location 
_software.mods 
_software.name 
_software.os 
_software.os_version 
_software.type 
_software.version 
_software.pdbx_ordinal 
? 'data processing' ? ? ? ? ? ? ? ? ? ? ? HKL-2000    ? ? ? .        1 
? 'data scaling'    ? ? ? ? ? ? ? ? ? ? ? SCALEPACK   ? ? ? .        2 
? 'data reduction'  ? ? ? ? ? ? ? ? ? ? ? Aimless     ? ? ? .        3 
? refinement        ? ? ? ? ? ? ? ? ? ? ? REFMAC      ? ? ? 5.8.0258 4 
? 'data extraction' ? ? ? ? ? ? ? ? ? ? ? PDB_EXTRACT ? ? ? 3.25     5 
? phasing           ? ? ? ? ? ? ? ? ? ? ? MOLREP      ? ? ? .        6 
# 
_pdbx_entry_details.entry_id                 7JKY 
_pdbx_entry_details.has_ligand_of_interest   Y 
_pdbx_entry_details.compound_details         ? 
_pdbx_entry_details.source_details           ? 
_pdbx_entry_details.nonpolymer_details       ? 
_pdbx_entry_details.sequence_details         ? 
# 
_pdbx_validate_torsion.id              1 
_pdbx_validate_torsion.PDB_model_num   1 
_pdbx_validate_torsion.auth_comp_id    LEU 
_pdbx_validate_torsion.auth_asym_id    A 
_pdbx_validate_torsion.auth_seq_id     94 
_pdbx_validate_torsion.PDB_ins_code    ? 
_pdbx_validate_torsion.label_alt_id    ? 
_pdbx_validate_torsion.phi             -117.16 
_pdbx_validate_torsion.psi             64.14 
# 
loop_
_chem_comp_atom.comp_id 
_chem_comp_atom.atom_id 
_chem_comp_atom.type_symbol 
_chem_comp_atom.pdbx_aromatic_flag 
_chem_comp_atom.pdbx_stereo_config 
_chem_comp_atom.pdbx_ordinal 
ALA N    N  N N 1   
ALA CA   C  N S 2   
ALA C    C  N N 3   
ALA O    O  N N 4   
ALA CB   C  N N 5   
ALA OXT  O  N N 6   
ALA H    H  N N 7   
ALA H2   H  N N 8   
ALA HA   H  N N 9   
ALA HB1  H  N N 10  
ALA HB2  H  N N 11  
ALA HB3  H  N N 12  
ALA HXT  H  N N 13  
ARG N    N  N N 14  
ARG CA   C  N S 15  
ARG C    C  N N 16  
ARG O    O  N N 17  
ARG CB   C  N N 18  
ARG CG   C  N N 19  
ARG CD   C  N N 20  
ARG NE   N  N N 21  
ARG CZ   C  N N 22  
ARG NH1  N  N N 23  
ARG NH2  N  N N 24  
ARG OXT  O  N N 25  
ARG H    H  N N 26  
ARG H2   H  N N 27  
ARG HA   H  N N 28  
ARG HB2  H  N N 29  
ARG HB3  H  N N 30  
ARG HG2  H  N N 31  
ARG HG3  H  N N 32  
ARG HD2  H  N N 33  
ARG HD3  H  N N 34  
ARG HE   H  N N 35  
ARG HH11 H  N N 36  
ARG HH12 H  N N 37  
ARG HH21 H  N N 38  
ARG HH22 H  N N 39  
ARG HXT  H  N N 40  
ASN N    N  N N 41  
ASN CA   C  N S 42  
ASN C    C  N N 43  
ASN O    O  N N 44  
ASN CB   C  N N 45  
ASN CG   C  N N 46  
ASN OD1  O  N N 47  
ASN ND2  N  N N 48  
ASN OXT  O  N N 49  
ASN H    H  N N 50  
ASN H2   H  N N 51  
ASN HA   H  N N 52  
ASN HB2  H  N N 53  
ASN HB3  H  N N 54  
ASN HD21 H  N N 55  
ASN HD22 H  N N 56  
ASN HXT  H  N N 57  
ASP N    N  N N 58  
ASP CA   C  N S 59  
ASP C    C  N N 60  
ASP O    O  N N 61  
ASP CB   C  N N 62  
ASP CG   C  N N 63  
ASP OD1  O  N N 64  
ASP OD2  O  N N 65  
ASP OXT  O  N N 66  
ASP H    H  N N 67  
ASP H2   H  N N 68  
ASP HA   H  N N 69  
ASP HB2  H  N N 70  
ASP HB3  H  N N 71  
ASP HD2  H  N N 72  
ASP HXT  H  N N 73  
CYS N    N  N N 74  
CYS CA   C  N R 75  
CYS C    C  N N 76  
CYS O    O  N N 77  
CYS CB   C  N N 78  
CYS SG   S  N N 79  
CYS OXT  O  N N 80  
CYS H    H  N N 81  
CYS H2   H  N N 82  
CYS HA   H  N N 83  
CYS HB2  H  N N 84  
CYS HB3  H  N N 85  
CYS HG   H  N N 86  
CYS HXT  H  N N 87  
GLN N    N  N N 88  
GLN CA   C  N S 89  
GLN C    C  N N 90  
GLN O    O  N N 91  
GLN CB   C  N N 92  
GLN CG   C  N N 93  
GLN CD   C  N N 94  
GLN OE1  O  N N 95  
GLN NE2  N  N N 96  
GLN OXT  O  N N 97  
GLN H    H  N N 98  
GLN H2   H  N N 99  
GLN HA   H  N N 100 
GLN HB2  H  N N 101 
GLN HB3  H  N N 102 
GLN HG2  H  N N 103 
GLN HG3  H  N N 104 
GLN HE21 H  N N 105 
GLN HE22 H  N N 106 
GLN HXT  H  N N 107 
GLU N    N  N N 108 
GLU CA   C  N S 109 
GLU C    C  N N 110 
GLU O    O  N N 111 
GLU CB   C  N N 112 
GLU CG   C  N N 113 
GLU CD   C  N N 114 
GLU OE1  O  N N 115 
GLU OE2  O  N N 116 
GLU OXT  O  N N 117 
GLU H    H  N N 118 
GLU H2   H  N N 119 
GLU HA   H  N N 120 
GLU HB2  H  N N 121 
GLU HB3  H  N N 122 
GLU HG2  H  N N 123 
GLU HG3  H  N N 124 
GLU HE2  H  N N 125 
GLU HXT  H  N N 126 
GLY N    N  N N 127 
GLY CA   C  N N 128 
GLY C    C  N N 129 
GLY O    O  N N 130 
GLY OXT  O  N N 131 
GLY H    H  N N 132 
GLY H2   H  N N 133 
GLY HA2  H  N N 134 
GLY HA3  H  N N 135 
GLY HXT  H  N N 136 
HIS N    N  N N 137 
HIS CA   C  N S 138 
HIS C    C  N N 139 
HIS O    O  N N 140 
HIS CB   C  N N 141 
HIS CG   C  Y N 142 
HIS ND1  N  Y N 143 
HIS CD2  C  Y N 144 
HIS CE1  C  Y N 145 
HIS NE2  N  Y N 146 
HIS OXT  O  N N 147 
HIS H    H  N N 148 
HIS H2   H  N N 149 
HIS HA   H  N N 150 
HIS HB2  H  N N 151 
HIS HB3  H  N N 152 
HIS HD1  H  N N 153 
HIS HD2  H  N N 154 
HIS HE1  H  N N 155 
HIS HE2  H  N N 156 
HIS HXT  H  N N 157 
HOH O    O  N N 158 
HOH H1   H  N N 159 
HOH H2   H  N N 160 
ILE N    N  N N 161 
ILE CA   C  N S 162 
ILE C    C  N N 163 
ILE O    O  N N 164 
ILE CB   C  N S 165 
ILE CG1  C  N N 166 
ILE CG2  C  N N 167 
ILE CD1  C  N N 168 
ILE OXT  O  N N 169 
ILE H    H  N N 170 
ILE H2   H  N N 171 
ILE HA   H  N N 172 
ILE HB   H  N N 173 
ILE HG12 H  N N 174 
ILE HG13 H  N N 175 
ILE HG21 H  N N 176 
ILE HG22 H  N N 177 
ILE HG23 H  N N 178 
ILE HD11 H  N N 179 
ILE HD12 H  N N 180 
ILE HD13 H  N N 181 
ILE HXT  H  N N 182 
LEU N    N  N N 183 
LEU CA   C  N S 184 
LEU C    C  N N 185 
LEU O    O  N N 186 
LEU CB   C  N N 187 
LEU CG   C  N N 188 
LEU CD1  C  N N 189 
LEU CD2  C  N N 190 
LEU OXT  O  N N 191 
LEU H    H  N N 192 
LEU H2   H  N N 193 
LEU HA   H  N N 194 
LEU HB2  H  N N 195 
LEU HB3  H  N N 196 
LEU HG   H  N N 197 
LEU HD11 H  N N 198 
LEU HD12 H  N N 199 
LEU HD13 H  N N 200 
LEU HD21 H  N N 201 
LEU HD22 H  N N 202 
LEU HD23 H  N N 203 
LEU HXT  H  N N 204 
LYS N    N  N N 205 
LYS CA   C  N S 206 
LYS C    C  N N 207 
LYS O    O  N N 208 
LYS CB   C  N N 209 
LYS CG   C  N N 210 
LYS CD   C  N N 211 
LYS CE   C  N N 212 
LYS NZ   N  N N 213 
LYS OXT  O  N N 214 
LYS H    H  N N 215 
LYS H2   H  N N 216 
LYS HA   H  N N 217 
LYS HB2  H  N N 218 
LYS HB3  H  N N 219 
LYS HG2  H  N N 220 
LYS HG3  H  N N 221 
LYS HD2  H  N N 222 
LYS HD3  H  N N 223 
LYS HE2  H  N N 224 
LYS HE3  H  N N 225 
LYS HZ1  H  N N 226 
LYS HZ2  H  N N 227 
LYS HZ3  H  N N 228 
LYS HXT  H  N N 229 
MET N    N  N N 230 
MET CA   C  N S 231 
MET C    C  N N 232 
MET O    O  N N 233 
MET CB   C  N N 234 
MET CG   C  N N 235 
MET SD   S  N N 236 
MET CE   C  N N 237 
MET OXT  O  N N 238 
MET H    H  N N 239 
MET H2   H  N N 240 
MET HA   H  N N 241 
MET HB2  H  N N 242 
MET HB3  H  N N 243 
MET HG2  H  N N 244 
MET HG3  H  N N 245 
MET HE1  H  N N 246 
MET HE2  H  N N 247 
MET HE3  H  N N 248 
MET HXT  H  N N 249 
NA  NA   NA N N 250 
PHE N    N  N N 251 
PHE CA   C  N S 252 
PHE C    C  N N 253 
PHE O    O  N N 254 
PHE CB   C  N N 255 
PHE CG   C  Y N 256 
PHE CD1  C  Y N 257 
PHE CD2  C  Y N 258 
PHE CE1  C  Y N 259 
PHE CE2  C  Y N 260 
PHE CZ   C  Y N 261 
PHE OXT  O  N N 262 
PHE H    H  N N 263 
PHE H2   H  N N 264 
PHE HA   H  N N 265 
PHE HB2  H  N N 266 
PHE HB3  H  N N 267 
PHE HD1  H  N N 268 
PHE HD2  H  N N 269 
PHE HE1  H  N N 270 
PHE HE2  H  N N 271 
PHE HZ   H  N N 272 
PHE HXT  H  N N 273 
PRO N    N  N N 274 
PRO CA   C  N S 275 
PRO C    C  N N 276 
PRO O    O  N N 277 
PRO CB   C  N N 278 
PRO CG   C  N N 279 
PRO CD   C  N N 280 
PRO OXT  O  N N 281 
PRO H    H  N N 282 
PRO HA   H  N N 283 
PRO HB2  H  N N 284 
PRO HB3  H  N N 285 
PRO HG2  H  N N 286 
PRO HG3  H  N N 287 
PRO HD2  H  N N 288 
PRO HD3  H  N N 289 
PRO HXT  H  N N 290 
SER N    N  N N 291 
SER CA   C  N S 292 
SER C    C  N N 293 
SER O    O  N N 294 
SER CB   C  N N 295 
SER OG   O  N N 296 
SER OXT  O  N N 297 
SER H    H  N N 298 
SER H2   H  N N 299 
SER HA   H  N N 300 
SER HB2  H  N N 301 
SER HB3  H  N N 302 
SER HG   H  N N 303 
SER HXT  H  N N 304 
THR N    N  N N 305 
THR CA   C  N S 306 
THR C    C  N N 307 
THR O    O  N N 308 
THR CB   C  N R 309 
THR OG1  O  N N 310 
THR CG2  C  N N 311 
THR OXT  O  N N 312 
THR H    H  N N 313 
THR H2   H  N N 314 
THR HA   H  N N 315 
THR HB   H  N N 316 
THR HG1  H  N N 317 
THR HG21 H  N N 318 
THR HG22 H  N N 319 
THR HG23 H  N N 320 
THR HXT  H  N N 321 
TRP N    N  N N 322 
TRP CA   C  N S 323 
TRP C    C  N N 324 
TRP O    O  N N 325 
TRP CB   C  N N 326 
TRP CG   C  Y N 327 
TRP CD1  C  Y N 328 
TRP CD2  C  Y N 329 
TRP NE1  N  Y N 330 
TRP CE2  C  Y N 331 
TRP CE3  C  Y N 332 
TRP CZ2  C  Y N 333 
TRP CZ3  C  Y N 334 
TRP CH2  C  Y N 335 
TRP OXT  O  N N 336 
TRP H    H  N N 337 
TRP H2   H  N N 338 
TRP HA   H  N N 339 
TRP HB2  H  N N 340 
TRP HB3  H  N N 341 
TRP HD1  H  N N 342 
TRP HE1  H  N N 343 
TRP HE3  H  N N 344 
TRP HZ2  H  N N 345 
TRP HZ3  H  N N 346 
TRP HH2  H  N N 347 
TRP HXT  H  N N 348 
TYR N    N  N N 349 
TYR CA   C  N S 350 
TYR C    C  N N 351 
TYR O    O  N N 352 
TYR CB   C  N N 353 
TYR CG   C  Y N 354 
TYR CD1  C  Y N 355 
TYR CD2  C  Y N 356 
TYR CE1  C  Y N 357 
TYR CE2  C  Y N 358 
TYR CZ   C  Y N 359 
TYR OH   O  N N 360 
TYR OXT  O  N N 361 
TYR H    H  N N 362 
TYR H2   H  N N 363 
TYR HA   H  N N 364 
TYR HB2  H  N N 365 
TYR HB3  H  N N 366 
TYR HD1  H  N N 367 
TYR HD2  H  N N 368 
TYR HE1  H  N N 369 
TYR HE2  H  N N 370 
TYR HH   H  N N 371 
TYR HXT  H  N N 372 
VAL N    N  N N 373 
VAL CA   C  N S 374 
VAL C    C  N N 375 
VAL O    O  N N 376 
VAL CB   C  N N 377 
VAL CG1  C  N N 378 
VAL CG2  C  N N 379 
VAL OXT  O  N N 380 
VAL H    H  N N 381 
VAL H2   H  N N 382 
VAL HA   H  N N 383 
VAL HB   H  N N 384 
VAL HG11 H  N N 385 
VAL HG12 H  N N 386 
VAL HG13 H  N N 387 
VAL HG21 H  N N 388 
VAL HG22 H  N N 389 
VAL HG23 H  N N 390 
VAL HXT  H  N N 391 
YF6 C1   C  Y N 392 
YF6 C2   C  Y N 393 
YF6 C3   C  Y N 394 
YF6 C4   C  Y N 395 
YF6 C5   C  Y N 396 
YF6 C6   C  Y N 397 
YF6 C7   C  N N 398 
YF6 C8   C  N N 399 
YF6 C9   C  N N 400 
YF6 C10  C  N N 401 
YF6 N1   N  N N 402 
YF6 C11  C  N N 403 
YF6 N2   N  N N 404 
YF6 C12  C  N N 405 
YF6 C13  C  N N 406 
YF6 C14  C  N N 407 
YF6 N3   N  N N 408 
YF6 C15  C  N N 409 
YF6 C16  C  N N 410 
YF6 C17  C  N N 411 
YF6 O1   O  N N 412 
YF6 C18  C  Y N 413 
YF6 C19  C  Y N 414 
YF6 N4   N  Y N 415 
YF6 N5   N  N N 416 
YF6 S1   S  N N 417 
YF6 C20  C  N N 418 
YF6 C21  C  N N 419 
YF6 O2   O  N N 420 
YF6 O3   O  N N 421 
YF6 C22  C  N N 422 
YF6 C23  C  N N 423 
YF6 C24  C  Y N 424 
YF6 C25  C  Y N 425 
YF6 N6   N  Y N 426 
YF6 C26  C  Y N 427 
YF6 C27  C  Y N 428 
YF6 C28  C  Y N 429 
YF6 C29  C  Y N 430 
YF6 C30  C  Y N 431 
YF6 C31  C  Y N 432 
YF6 C32  C  Y N 433 
YF6 C33  C  Y N 434 
YF6 N7   N  Y N 435 
YF6 H1   H  N N 436 
YF6 H2   H  N N 437 
YF6 H3   H  N N 438 
YF6 H4   H  N N 439 
YF6 H5   H  N N 440 
YF6 H6   H  N N 441 
YF6 H7   H  N N 442 
YF6 H8   H  N N 443 
YF6 H9   H  N N 444 
YF6 H10  H  N N 445 
YF6 H11  H  N N 446 
YF6 H13  H  N N 447 
YF6 H14  H  N N 448 
YF6 H15  H  N N 449 
YF6 H16  H  N N 450 
YF6 H17  H  N N 451 
YF6 H18  H  N N 452 
YF6 H19  H  N N 453 
YF6 H20  H  N N 454 
YF6 H21  H  N N 455 
YF6 H22  H  N N 456 
YF6 H23  H  N N 457 
YF6 H24  H  N N 458 
YF6 H25  H  N N 459 
YF6 H26  H  N N 460 
YF6 H27  H  N N 461 
YF6 H28  H  N N 462 
YF6 H29  H  N N 463 
YF6 H30  H  N N 464 
YF6 H31  H  N N 465 
YF6 H32  H  N N 466 
YF6 H33  H  N N 467 
YF6 H34  H  N N 468 
YF6 H35  H  N N 469 
YF6 H36  H  N N 470 
YF6 H37  H  N N 471 
YF6 H38  H  N N 472 
# 
loop_
_chem_comp_bond.comp_id 
_chem_comp_bond.atom_id_1 
_chem_comp_bond.atom_id_2 
_chem_comp_bond.value_order 
_chem_comp_bond.pdbx_aromatic_flag 
_chem_comp_bond.pdbx_stereo_config 
_chem_comp_bond.pdbx_ordinal 
ALA N   CA   sing N N 1   
ALA N   H    sing N N 2   
ALA N   H2   sing N N 3   
ALA CA  C    sing N N 4   
ALA CA  CB   sing N N 5   
ALA CA  HA   sing N N 6   
ALA C   O    doub N N 7   
ALA C   OXT  sing N N 8   
ALA CB  HB1  sing N N 9   
ALA CB  HB2  sing N N 10  
ALA CB  HB3  sing N N 11  
ALA OXT HXT  sing N N 12  
ARG N   CA   sing N N 13  
ARG N   H    sing N N 14  
ARG N   H2   sing N N 15  
ARG CA  C    sing N N 16  
ARG CA  CB   sing N N 17  
ARG CA  HA   sing N N 18  
ARG C   O    doub N N 19  
ARG C   OXT  sing N N 20  
ARG CB  CG   sing N N 21  
ARG CB  HB2  sing N N 22  
ARG CB  HB3  sing N N 23  
ARG CG  CD   sing N N 24  
ARG CG  HG2  sing N N 25  
ARG CG  HG3  sing N N 26  
ARG CD  NE   sing N N 27  
ARG CD  HD2  sing N N 28  
ARG CD  HD3  sing N N 29  
ARG NE  CZ   sing N N 30  
ARG NE  HE   sing N N 31  
ARG CZ  NH1  sing N N 32  
ARG CZ  NH2  doub N N 33  
ARG NH1 HH11 sing N N 34  
ARG NH1 HH12 sing N N 35  
ARG NH2 HH21 sing N N 36  
ARG NH2 HH22 sing N N 37  
ARG OXT HXT  sing N N 38  
ASN N   CA   sing N N 39  
ASN N   H    sing N N 40  
ASN N   H2   sing N N 41  
ASN CA  C    sing N N 42  
ASN CA  CB   sing N N 43  
ASN CA  HA   sing N N 44  
ASN C   O    doub N N 45  
ASN C   OXT  sing N N 46  
ASN CB  CG   sing N N 47  
ASN CB  HB2  sing N N 48  
ASN CB  HB3  sing N N 49  
ASN CG  OD1  doub N N 50  
ASN CG  ND2  sing N N 51  
ASN ND2 HD21 sing N N 52  
ASN ND2 HD22 sing N N 53  
ASN OXT HXT  sing N N 54  
ASP N   CA   sing N N 55  
ASP N   H    sing N N 56  
ASP N   H2   sing N N 57  
ASP CA  C    sing N N 58  
ASP CA  CB   sing N N 59  
ASP CA  HA   sing N N 60  
ASP C   O    doub N N 61  
ASP C   OXT  sing N N 62  
ASP CB  CG   sing N N 63  
ASP CB  HB2  sing N N 64  
ASP CB  HB3  sing N N 65  
ASP CG  OD1  doub N N 66  
ASP CG  OD2  sing N N 67  
ASP OD2 HD2  sing N N 68  
ASP OXT HXT  sing N N 69  
CYS N   CA   sing N N 70  
CYS N   H    sing N N 71  
CYS N   H2   sing N N 72  
CYS CA  C    sing N N 73  
CYS CA  CB   sing N N 74  
CYS CA  HA   sing N N 75  
CYS C   O    doub N N 76  
CYS C   OXT  sing N N 77  
CYS CB  SG   sing N N 78  
CYS CB  HB2  sing N N 79  
CYS CB  HB3  sing N N 80  
CYS SG  HG   sing N N 81  
CYS OXT HXT  sing N N 82  
GLN N   CA   sing N N 83  
GLN N   H    sing N N 84  
GLN N   H2   sing N N 85  
GLN CA  C    sing N N 86  
GLN CA  CB   sing N N 87  
GLN CA  HA   sing N N 88  
GLN C   O    doub N N 89  
GLN C   OXT  sing N N 90  
GLN CB  CG   sing N N 91  
GLN CB  HB2  sing N N 92  
GLN CB  HB3  sing N N 93  
GLN CG  CD   sing N N 94  
GLN CG  HG2  sing N N 95  
GLN CG  HG3  sing N N 96  
GLN CD  OE1  doub N N 97  
GLN CD  NE2  sing N N 98  
GLN NE2 HE21 sing N N 99  
GLN NE2 HE22 sing N N 100 
GLN OXT HXT  sing N N 101 
GLU N   CA   sing N N 102 
GLU N   H    sing N N 103 
GLU N   H2   sing N N 104 
GLU CA  C    sing N N 105 
GLU CA  CB   sing N N 106 
GLU CA  HA   sing N N 107 
GLU C   O    doub N N 108 
GLU C   OXT  sing N N 109 
GLU CB  CG   sing N N 110 
GLU CB  HB2  sing N N 111 
GLU CB  HB3  sing N N 112 
GLU CG  CD   sing N N 113 
GLU CG  HG2  sing N N 114 
GLU CG  HG3  sing N N 115 
GLU CD  OE1  doub N N 116 
GLU CD  OE2  sing N N 117 
GLU OE2 HE2  sing N N 118 
GLU OXT HXT  sing N N 119 
GLY N   CA   sing N N 120 
GLY N   H    sing N N 121 
GLY N   H2   sing N N 122 
GLY CA  C    sing N N 123 
GLY CA  HA2  sing N N 124 
GLY CA  HA3  sing N N 125 
GLY C   O    doub N N 126 
GLY C   OXT  sing N N 127 
GLY OXT HXT  sing N N 128 
HIS N   CA   sing N N 129 
HIS N   H    sing N N 130 
HIS N   H2   sing N N 131 
HIS CA  C    sing N N 132 
HIS CA  CB   sing N N 133 
HIS CA  HA   sing N N 134 
HIS C   O    doub N N 135 
HIS C   OXT  sing N N 136 
HIS CB  CG   sing N N 137 
HIS CB  HB2  sing N N 138 
HIS CB  HB3  sing N N 139 
HIS CG  ND1  sing Y N 140 
HIS CG  CD2  doub Y N 141 
HIS ND1 CE1  doub Y N 142 
HIS ND1 HD1  sing N N 143 
HIS CD2 NE2  sing Y N 144 
HIS CD2 HD2  sing N N 145 
HIS CE1 NE2  sing Y N 146 
HIS CE1 HE1  sing N N 147 
HIS NE2 HE2  sing N N 148 
HIS OXT HXT  sing N N 149 
HOH O   H1   sing N N 150 
HOH O   H2   sing N N 151 
ILE N   CA   sing N N 152 
ILE N   H    sing N N 153 
ILE N   H2   sing N N 154 
ILE CA  C    sing N N 155 
ILE CA  CB   sing N N 156 
ILE CA  HA   sing N N 157 
ILE C   O    doub N N 158 
ILE C   OXT  sing N N 159 
ILE CB  CG1  sing N N 160 
ILE CB  CG2  sing N N 161 
ILE CB  HB   sing N N 162 
ILE CG1 CD1  sing N N 163 
ILE CG1 HG12 sing N N 164 
ILE CG1 HG13 sing N N 165 
ILE CG2 HG21 sing N N 166 
ILE CG2 HG22 sing N N 167 
ILE CG2 HG23 sing N N 168 
ILE CD1 HD11 sing N N 169 
ILE CD1 HD12 sing N N 170 
ILE CD1 HD13 sing N N 171 
ILE OXT HXT  sing N N 172 
LEU N   CA   sing N N 173 
LEU N   H    sing N N 174 
LEU N   H2   sing N N 175 
LEU CA  C    sing N N 176 
LEU CA  CB   sing N N 177 
LEU CA  HA   sing N N 178 
LEU C   O    doub N N 179 
LEU C   OXT  sing N N 180 
LEU CB  CG   sing N N 181 
LEU CB  HB2  sing N N 182 
LEU CB  HB3  sing N N 183 
LEU CG  CD1  sing N N 184 
LEU CG  CD2  sing N N 185 
LEU CG  HG   sing N N 186 
LEU CD1 HD11 sing N N 187 
LEU CD1 HD12 sing N N 188 
LEU CD1 HD13 sing N N 189 
LEU CD2 HD21 sing N N 190 
LEU CD2 HD22 sing N N 191 
LEU CD2 HD23 sing N N 192 
LEU OXT HXT  sing N N 193 
LYS N   CA   sing N N 194 
LYS N   H    sing N N 195 
LYS N   H2   sing N N 196 
LYS CA  C    sing N N 197 
LYS CA  CB   sing N N 198 
LYS CA  HA   sing N N 199 
LYS C   O    doub N N 200 
LYS C   OXT  sing N N 201 
LYS CB  CG   sing N N 202 
LYS CB  HB2  sing N N 203 
LYS CB  HB3  sing N N 204 
LYS CG  CD   sing N N 205 
LYS CG  HG2  sing N N 206 
LYS CG  HG3  sing N N 207 
LYS CD  CE   sing N N 208 
LYS CD  HD2  sing N N 209 
LYS CD  HD3  sing N N 210 
LYS CE  NZ   sing N N 211 
LYS CE  HE2  sing N N 212 
LYS CE  HE3  sing N N 213 
LYS NZ  HZ1  sing N N 214 
LYS NZ  HZ2  sing N N 215 
LYS NZ  HZ3  sing N N 216 
LYS OXT HXT  sing N N 217 
MET N   CA   sing N N 218 
MET N   H    sing N N 219 
MET N   H2   sing N N 220 
MET CA  C    sing N N 221 
MET CA  CB   sing N N 222 
MET CA  HA   sing N N 223 
MET C   O    doub N N 224 
MET C   OXT  sing N N 225 
MET CB  CG   sing N N 226 
MET CB  HB2  sing N N 227 
MET CB  HB3  sing N N 228 
MET CG  SD   sing N N 229 
MET CG  HG2  sing N N 230 
MET CG  HG3  sing N N 231 
MET SD  CE   sing N N 232 
MET CE  HE1  sing N N 233 
MET CE  HE2  sing N N 234 
MET CE  HE3  sing N N 235 
MET OXT HXT  sing N N 236 
PHE N   CA   sing N N 237 
PHE N   H    sing N N 238 
PHE N   H2   sing N N 239 
PHE CA  C    sing N N 240 
PHE CA  CB   sing N N 241 
PHE CA  HA   sing N N 242 
PHE C   O    doub N N 243 
PHE C   OXT  sing N N 244 
PHE CB  CG   sing N N 245 
PHE CB  HB2  sing N N 246 
PHE CB  HB3  sing N N 247 
PHE CG  CD1  doub Y N 248 
PHE CG  CD2  sing Y N 249 
PHE CD1 CE1  sing Y N 250 
PHE CD1 HD1  sing N N 251 
PHE CD2 CE2  doub Y N 252 
PHE CD2 HD2  sing N N 253 
PHE CE1 CZ   doub Y N 254 
PHE CE1 HE1  sing N N 255 
PHE CE2 CZ   sing Y N 256 
PHE CE2 HE2  sing N N 257 
PHE CZ  HZ   sing N N 258 
PHE OXT HXT  sing N N 259 
PRO N   CA   sing N N 260 
PRO N   CD   sing N N 261 
PRO N   H    sing N N 262 
PRO CA  C    sing N N 263 
PRO CA  CB   sing N N 264 
PRO CA  HA   sing N N 265 
PRO C   O    doub N N 266 
PRO C   OXT  sing N N 267 
PRO CB  CG   sing N N 268 
PRO CB  HB2  sing N N 269 
PRO CB  HB3  sing N N 270 
PRO CG  CD   sing N N 271 
PRO CG  HG2  sing N N 272 
PRO CG  HG3  sing N N 273 
PRO CD  HD2  sing N N 274 
PRO CD  HD3  sing N N 275 
PRO OXT HXT  sing N N 276 
SER N   CA   sing N N 277 
SER N   H    sing N N 278 
SER N   H2   sing N N 279 
SER CA  C    sing N N 280 
SER CA  CB   sing N N 281 
SER CA  HA   sing N N 282 
SER C   O    doub N N 283 
SER C   OXT  sing N N 284 
SER CB  OG   sing N N 285 
SER CB  HB2  sing N N 286 
SER CB  HB3  sing N N 287 
SER OG  HG   sing N N 288 
SER OXT HXT  sing N N 289 
THR N   CA   sing N N 290 
THR N   H    sing N N 291 
THR N   H2   sing N N 292 
THR CA  C    sing N N 293 
THR CA  CB   sing N N 294 
THR CA  HA   sing N N 295 
THR C   O    doub N N 296 
THR C   OXT  sing N N 297 
THR CB  OG1  sing N N 298 
THR CB  CG2  sing N N 299 
THR CB  HB   sing N N 300 
THR OG1 HG1  sing N N 301 
THR CG2 HG21 sing N N 302 
THR CG2 HG22 sing N N 303 
THR CG2 HG23 sing N N 304 
THR OXT HXT  sing N N 305 
TRP N   CA   sing N N 306 
TRP N   H    sing N N 307 
TRP N   H2   sing N N 308 
TRP CA  C    sing N N 309 
TRP CA  CB   sing N N 310 
TRP CA  HA   sing N N 311 
TRP C   O    doub N N 312 
TRP C   OXT  sing N N 313 
TRP CB  CG   sing N N 314 
TRP CB  HB2  sing N N 315 
TRP CB  HB3  sing N N 316 
TRP CG  CD1  doub Y N 317 
TRP CG  CD2  sing Y N 318 
TRP CD1 NE1  sing Y N 319 
TRP CD1 HD1  sing N N 320 
TRP CD2 CE2  doub Y N 321 
TRP CD2 CE3  sing Y N 322 
TRP NE1 CE2  sing Y N 323 
TRP NE1 HE1  sing N N 324 
TRP CE2 CZ2  sing Y N 325 
TRP CE3 CZ3  doub Y N 326 
TRP CE3 HE3  sing N N 327 
TRP CZ2 CH2  doub Y N 328 
TRP CZ2 HZ2  sing N N 329 
TRP CZ3 CH2  sing Y N 330 
TRP CZ3 HZ3  sing N N 331 
TRP CH2 HH2  sing N N 332 
TRP OXT HXT  sing N N 333 
TYR N   CA   sing N N 334 
TYR N   H    sing N N 335 
TYR N   H2   sing N N 336 
TYR CA  C    sing N N 337 
TYR CA  CB   sing N N 338 
TYR CA  HA   sing N N 339 
TYR C   O    doub N N 340 
TYR C   OXT  sing N N 341 
TYR CB  CG   sing N N 342 
TYR CB  HB2  sing N N 343 
TYR CB  HB3  sing N N 344 
TYR CG  CD1  doub Y N 345 
TYR CG  CD2  sing Y N 346 
TYR CD1 CE1  sing Y N 347 
TYR CD1 HD1  sing N N 348 
TYR CD2 CE2  doub Y N 349 
TYR CD2 HD2  sing N N 350 
TYR CE1 CZ   doub Y N 351 
TYR CE1 HE1  sing N N 352 
TYR CE2 CZ   sing Y N 353 
TYR CE2 HE2  sing N N 354 
TYR CZ  OH   sing N N 355 
TYR OH  HH   sing N N 356 
TYR OXT HXT  sing N N 357 
VAL N   CA   sing N N 358 
VAL N   H    sing N N 359 
VAL N   H2   sing N N 360 
VAL CA  C    sing N N 361 
VAL CA  CB   sing N N 362 
VAL CA  HA   sing N N 363 
VAL C   O    doub N N 364 
VAL C   OXT  sing N N 365 
VAL CB  CG1  sing N N 366 
VAL CB  CG2  sing N N 367 
VAL CB  HB   sing N N 368 
VAL CG1 HG11 sing N N 369 
VAL CG1 HG12 sing N N 370 
VAL CG1 HG13 sing N N 371 
VAL CG2 HG21 sing N N 372 
VAL CG2 HG22 sing N N 373 
VAL CG2 HG23 sing N N 374 
VAL OXT HXT  sing N N 375 
YF6 N3  C15  sing N N 376 
YF6 N3  C14  sing N N 377 
YF6 C31 C30  doub Y N 378 
YF6 C31 C32  sing Y N 379 
YF6 C15 C16  sing N N 380 
YF6 C14 C13  sing N N 381 
YF6 C30 C25  sing Y N 382 
YF6 C28 C29  doub Y N 383 
YF6 C28 C27  sing Y N 384 
YF6 C32 C33  doub Y N 385 
YF6 C29 C24  sing Y N 386 
YF6 C27 C26  doub Y N 387 
YF6 C16 C12  sing N N 388 
YF6 C13 C12  sing N N 389 
YF6 C23 C22  sing N N 390 
YF6 C25 C22  sing N N 391 
YF6 C25 N7   doub Y N 392 
YF6 C24 C22  sing N N 393 
YF6 C24 N6   doub Y N 394 
YF6 C33 N7   sing Y N 395 
YF6 C12 N2   sing N N 396 
YF6 C26 N6   sing Y N 397 
YF6 C22 N4   sing N N 398 
YF6 N2  C9   sing N N 399 
YF6 N4  C19  sing Y N 400 
YF6 N4  C4   sing Y N 401 
YF6 C9  C8   doub N N 402 
YF6 C9  C10  sing N N 403 
YF6 C8  C7   sing N N 404 
YF6 C19 C18  doub Y N 405 
YF6 C5  C4   doub Y N 406 
YF6 C5  C6   sing Y N 407 
YF6 C4  C3   sing Y N 408 
YF6 O1  C10  doub N N 409 
YF6 C10 N1   sing N N 410 
YF6 C7  C6   sing N N 411 
YF6 C7  C11  doub N N 412 
YF6 C6  C1   doub Y N 413 
YF6 C18 C3   sing Y N 414 
YF6 C3  C2   doub Y N 415 
YF6 N1  C11  sing N N 416 
YF6 N1  C17  sing N N 417 
YF6 C1  C2   sing Y N 418 
YF6 C2  N5   sing N N 419 
YF6 N5  S1   sing N N 420 
YF6 O2  S1   doub N N 421 
YF6 S1  C20  sing N N 422 
YF6 S1  O3   doub N N 423 
YF6 C20 C21  sing N N 424 
YF6 C1  H1   sing N N 425 
YF6 C5  H2   sing N N 426 
YF6 C8  H3   sing N N 427 
YF6 C11 H4   sing N N 428 
YF6 N2  H5   sing N N 429 
YF6 C12 H6   sing N N 430 
YF6 C13 H7   sing N N 431 
YF6 C13 H8   sing N N 432 
YF6 C14 H9   sing N N 433 
YF6 C14 H10  sing N N 434 
YF6 N3  H11  sing N N 435 
YF6 C15 H13  sing N N 436 
YF6 C15 H14  sing N N 437 
YF6 C16 H15  sing N N 438 
YF6 C16 H16  sing N N 439 
YF6 C17 H17  sing N N 440 
YF6 C17 H18  sing N N 441 
YF6 C17 H19  sing N N 442 
YF6 C18 H20  sing N N 443 
YF6 C19 H21  sing N N 444 
YF6 N5  H22  sing N N 445 
YF6 C20 H23  sing N N 446 
YF6 C20 H24  sing N N 447 
YF6 C21 H25  sing N N 448 
YF6 C21 H26  sing N N 449 
YF6 C21 H27  sing N N 450 
YF6 C23 H28  sing N N 451 
YF6 C23 H29  sing N N 452 
YF6 C23 H30  sing N N 453 
YF6 C26 H31  sing N N 454 
YF6 C27 H32  sing N N 455 
YF6 C28 H33  sing N N 456 
YF6 C29 H34  sing N N 457 
YF6 C30 H35  sing N N 458 
YF6 C31 H36  sing N N 459 
YF6 C32 H37  sing N N 460 
YF6 C33 H38  sing N N 461 
# 
_pdbx_audit_support.funding_organization   'National Institutes of Health/National Center for Research Resources (NIH/NCRR)' 
_pdbx_audit_support.country                'United States' 
_pdbx_audit_support.grant_number           UL1RR029879 
_pdbx_audit_support.ordinal                1 
# 
_pdbx_entity_instance_feature.ordinal        1 
_pdbx_entity_instance_feature.comp_id        YF6 
_pdbx_entity_instance_feature.asym_id        ? 
_pdbx_entity_instance_feature.seq_num        ? 
_pdbx_entity_instance_feature.auth_comp_id   YF6 
_pdbx_entity_instance_feature.auth_asym_id   ? 
_pdbx_entity_instance_feature.auth_seq_num   ? 
_pdbx_entity_instance_feature.feature_type   'SUBJECT OF INVESTIGATION' 
_pdbx_entity_instance_feature.details        ? 
# 
loop_
_pdbx_entity_nonpoly.entity_id 
_pdbx_entity_nonpoly.name 
_pdbx_entity_nonpoly.comp_id 
2 
;N-(1-[1,1-di(pyridin-2-yl)ethyl]-6-{1-methyl-6-oxo-5-[(piperidin-4-yl)amino]-1,6-dihydropyridin-3-yl}-1H-indol-4-yl)ethanesulfonamide
;
YF6 
3 'SODIUM ION' NA  
4 water HOH 
# 
_pdbx_initial_refinement_model.id               1 
_pdbx_initial_refinement_model.entity_id_list   ? 
_pdbx_initial_refinement_model.type             'experimental model' 
_pdbx_initial_refinement_model.source_name      PDB 
_pdbx_initial_refinement_model.accession_code   3MXF 
_pdbx_initial_refinement_model.details          ? 
# 
_pdbx_struct_assembly_auth_evidence.id                     1 
_pdbx_struct_assembly_auth_evidence.assembly_id            1 
_pdbx_struct_assembly_auth_evidence.experimental_support   homology 
_pdbx_struct_assembly_auth_evidence.details                ? 
# 
